data_8B2G
# 
_entry.id   8B2G 
# 
_audit_conform.dict_name       mmcif_pdbx.dic 
_audit_conform.dict_version    5.398 
_audit_conform.dict_location   http://mmcif.pdb.org/dictionaries/ascii/mmcif_pdbx.dic 
# 
loop_
_database_2.database_id 
_database_2.database_code 
_database_2.pdbx_database_accession 
_database_2.pdbx_DOI 
PDB   8B2G         pdb_00008b2g 10.2210/pdb8b2g/pdb 
WWPDB D_1292125457 ?            ?                   
# 
loop_
_pdbx_audit_revision_history.ordinal 
_pdbx_audit_revision_history.data_content_type 
_pdbx_audit_revision_history.major_revision 
_pdbx_audit_revision_history.minor_revision 
_pdbx_audit_revision_history.revision_date 
1 'Structure model' 1 0 2023-07-19 
2 'Structure model' 1 1 2023-08-09 
3 'Structure model' 1 2 2024-02-07 
4 'Structure model' 1 3 2024-11-13 
# 
_pdbx_audit_revision_details.ordinal             1 
_pdbx_audit_revision_details.revision_ordinal    1 
_pdbx_audit_revision_details.data_content_type   'Structure model' 
_pdbx_audit_revision_details.provider            repository 
_pdbx_audit_revision_details.type                'Initial release' 
_pdbx_audit_revision_details.description         ? 
_pdbx_audit_revision_details.details             ? 
# 
loop_
_pdbx_audit_revision_group.ordinal 
_pdbx_audit_revision_group.revision_ordinal 
_pdbx_audit_revision_group.data_content_type 
_pdbx_audit_revision_group.group 
1 2 'Structure model' 'Data collection'        
2 2 'Structure model' 'Database references'    
3 3 'Structure model' 'Data collection'        
4 3 'Structure model' 'Refinement description' 
5 4 'Structure model' 'Structure summary'      
# 
loop_
_pdbx_audit_revision_category.ordinal 
_pdbx_audit_revision_category.revision_ordinal 
_pdbx_audit_revision_category.data_content_type 
_pdbx_audit_revision_category.category 
1 2 'Structure model' citation                      
2 2 'Structure model' diffrn_source                 
3 3 'Structure model' chem_comp_atom                
4 3 'Structure model' chem_comp_bond                
5 3 'Structure model' pdbx_initial_refinement_model 
6 4 'Structure model' pdbx_entry_details            
7 4 'Structure model' pdbx_modification_feature     
# 
loop_
_pdbx_audit_revision_item.ordinal 
_pdbx_audit_revision_item.revision_ordinal 
_pdbx_audit_revision_item.data_content_type 
_pdbx_audit_revision_item.item 
1 2 'Structure model' '_citation.journal_volume'                     
2 2 'Structure model' '_citation.page_first'                         
3 2 'Structure model' '_citation.page_last'                          
4 2 'Structure model' '_diffrn_source.pdbx_synchrotron_site'         
5 4 'Structure model' '_pdbx_entry_details.has_protein_modification' 
# 
_pdbx_database_status.status_code                     REL 
_pdbx_database_status.status_code_sf                  REL 
_pdbx_database_status.status_code_mr                  ? 
_pdbx_database_status.entry_id                        8B2G 
_pdbx_database_status.recvd_initial_deposition_date   2022-09-13 
_pdbx_database_status.SG_entry                        N 
_pdbx_database_status.deposit_site                    PDBE 
_pdbx_database_status.process_site                    PDBE 
_pdbx_database_status.status_code_cs                  ? 
_pdbx_database_status.status_code_nmr_data            ? 
_pdbx_database_status.methods_development_category    ? 
_pdbx_database_status.pdb_format_compatible           Y 
# 
_pdbx_contact_author.id                 3 
_pdbx_contact_author.email              keith.wilson@york.ac.uk 
_pdbx_contact_author.name_first         Keith 
_pdbx_contact_author.name_last          Wilson 
_pdbx_contact_author.name_mi            S 
_pdbx_contact_author.role               'principal investigator/group leader' 
_pdbx_contact_author.identifier_ORCID   0000-0002-3581-2194 
# 
loop_
_audit_author.name 
_audit_author.pdbx_ordinal 
_audit_author.identifier_ORCID 
'Moroz, O.V.'       1  ? 
'Blagova, E.'       2  ? 
'Lebedev, A.A.'     3  ? 
'Skov, L.K.'        4  ? 
'Pache, R.A.'       5  ? 
'Schnorr, K.M.'     6  ? 
'Kiemer, L.'        7  ? 
'Nymand-Grarup, S.' 8  ? 
'Ming, L.'          9  ? 
'Ye, L.'            10 ? 
'Klausen, M.'       11 ? 
'Cohn, M.T.'        12 ? 
'Schmidt, E.G.W.'   13 ? 
'Davies, G.J.'      14 ? 
'Wilson, K.S.'      15 ? 
# 
_citation.abstract                  ? 
_citation.abstract_id_CAS           ? 
_citation.book_id_ISBN              ? 
_citation.book_publisher            ? 
_citation.book_publisher_city       ? 
_citation.book_title                ? 
_citation.coordinate_linkage        ? 
_citation.country                   ? 
_citation.database_id_Medline       ? 
_citation.details                   ? 
_citation.id                        primary 
_citation.journal_abbrev            'Acta Crystallogr D Struct Biol' 
_citation.journal_id_ASTM           ? 
_citation.journal_id_CSD            ? 
_citation.journal_id_ISSN           2059-7983 
_citation.journal_full              ? 
_citation.journal_issue             ? 
_citation.journal_volume            79 
_citation.language                  ? 
_citation.page_first                706 
_citation.page_last                 720 
_citation.title                     
'Module walking using an SH3-like cell-wall-binding domain leads to a new GH184 family of muramidases.' 
_citation.year                      2023 
_citation.database_id_CSD           ? 
_citation.pdbx_database_id_DOI      10.1107/S2059798323005004 
_citation.pdbx_database_id_PubMed   37428847 
_citation.pdbx_database_id_patent   ? 
_citation.unpublished_flag          ? 
# 
loop_
_citation_author.citation_id 
_citation_author.name 
_citation_author.ordinal 
_citation_author.identifier_ORCID 
primary 'Moroz, O.V.'       1  0000-0002-0354-6119 
primary 'Blagova, E.'       2  0000-0002-2041-3043 
primary 'Lebedev, A.A.'     3  0000-0003-2261-0945 
primary 'Skov, L.K.'        4  ?                   
primary 'Pache, R.A.'       5  0000-0002-4723-6729 
primary 'Schnorr, K.M.'     6  0000-0002-2694-6772 
primary 'Kiemer, L.'        7  ?                   
primary 'Friis, E.P.'       8  ?                   
primary 'Nymand-Grarup, S.' 9  ?                   
primary 'Ming, L.'          10 ?                   
primary 'Ye, L.'            11 ?                   
primary 'Klausen, M.'       12 ?                   
primary 'Cohn, M.T.'        13 ?                   
primary 'Schmidt, E.G.W.'   14 ?                   
primary 'Davies, G.J.'      15 0000-0002-7343-776X 
primary 'Wilson, K.S.'      16 0000-0002-3581-2194 
# 
loop_
_entity.id 
_entity.type 
_entity.src_method 
_entity.pdbx_description 
_entity.formula_weight 
_entity.pdbx_number_of_molecules 
_entity.pdbx_ec 
_entity.pdbx_mutation 
_entity.pdbx_fragment 
_entity.details 
1 polymer     man 'SH3b domain-containing protein' 7791.546 2  ? ? ? ? 
2 non-polymer syn 1,2-ETHANEDIOL                   62.068   4  ? ? ? ? 
3 non-polymer syn 'ZINC ION'                       65.409   1  ? ? ? ? 
4 water       nat water                            18.015   98 ? ? ? ? 
# 
_entity_poly.entity_id                      1 
_entity_poly.type                           'polypeptide(L)' 
_entity_poly.nstd_linkage                   no 
_entity_poly.nstd_monomer                   no 
_entity_poly.pdbx_seq_one_letter_code       YPITGDGVNCRSGPGTSYSVVKSYQKGADVAITCQAPGTDVKGDNIWDKTADGCYVADYYIKTGSSSYVTAKCD 
_entity_poly.pdbx_seq_one_letter_code_can   YPITGDGVNCRSGPGTSYSVVKSYQKGADVAITCQAPGTDVKGDNIWDKTADGCYVADYYIKTGSSSYVTAKCD 
_entity_poly.pdbx_strand_id                 A,B 
_entity_poly.pdbx_target_identifier         ? 
# 
loop_
_pdbx_entity_nonpoly.entity_id 
_pdbx_entity_nonpoly.name 
_pdbx_entity_nonpoly.comp_id 
2 1,2-ETHANEDIOL EDO 
3 'ZINC ION'     ZN  
4 water          HOH 
# 
loop_
_entity_poly_seq.entity_id 
_entity_poly_seq.num 
_entity_poly_seq.mon_id 
_entity_poly_seq.hetero 
1 1  TYR n 
1 2  PRO n 
1 3  ILE n 
1 4  THR n 
1 5  GLY n 
1 6  ASP n 
1 7  GLY n 
1 8  VAL n 
1 9  ASN n 
1 10 CYS n 
1 11 ARG n 
1 12 SER n 
1 13 GLY n 
1 14 PRO n 
1 15 GLY n 
1 16 THR n 
1 17 SER n 
1 18 TYR n 
1 19 SER n 
1 20 VAL n 
1 21 VAL n 
1 22 LYS n 
1 23 SER n 
1 24 TYR n 
1 25 GLN n 
1 26 LYS n 
1 27 GLY n 
1 28 ALA n 
1 29 ASP n 
1 30 VAL n 
1 31 ALA n 
1 32 ILE n 
1 33 THR n 
1 34 CYS n 
1 35 GLN n 
1 36 ALA n 
1 37 PRO n 
1 38 GLY n 
1 39 THR n 
1 40 ASP n 
1 41 VAL n 
1 42 LYS n 
1 43 GLY n 
1 44 ASP n 
1 45 ASN n 
1 46 ILE n 
1 47 TRP n 
1 48 ASP n 
1 49 LYS n 
1 50 THR n 
1 51 ALA n 
1 52 ASP n 
1 53 GLY n 
1 54 CYS n 
1 55 TYR n 
1 56 VAL n 
1 57 ALA n 
1 58 ASP n 
1 59 TYR n 
1 60 TYR n 
1 61 ILE n 
1 62 LYS n 
1 63 THR n 
1 64 GLY n 
1 65 SER n 
1 66 SER n 
1 67 SER n 
1 68 TYR n 
1 69 VAL n 
1 70 THR n 
1 71 ALA n 
1 72 LYS n 
1 73 CYS n 
1 74 ASP n 
# 
_entity_src_gen.entity_id                          1 
_entity_src_gen.pdbx_src_id                        1 
_entity_src_gen.pdbx_alt_source_flag               sample 
_entity_src_gen.pdbx_seq_type                      'Biological sequence' 
_entity_src_gen.pdbx_beg_seq_num                   1 
_entity_src_gen.pdbx_end_seq_num                   74 
_entity_src_gen.gene_src_common_name               ? 
_entity_src_gen.gene_src_genus                     ? 
_entity_src_gen.pdbx_gene_src_gene                 ? 
_entity_src_gen.gene_src_species                   ? 
_entity_src_gen.gene_src_strain                    ? 
_entity_src_gen.gene_src_tissue                    ? 
_entity_src_gen.gene_src_tissue_fraction           ? 
_entity_src_gen.gene_src_details                   ? 
_entity_src_gen.pdbx_gene_src_fragment             ? 
_entity_src_gen.pdbx_gene_src_scientific_name      'Penicillium virgatum' 
_entity_src_gen.pdbx_gene_src_ncbi_taxonomy_id     282147 
_entity_src_gen.pdbx_gene_src_variant              ? 
_entity_src_gen.pdbx_gene_src_cell_line            ? 
_entity_src_gen.pdbx_gene_src_atcc                 ? 
_entity_src_gen.pdbx_gene_src_organ                ? 
_entity_src_gen.pdbx_gene_src_organelle            ? 
_entity_src_gen.pdbx_gene_src_cell                 ? 
_entity_src_gen.pdbx_gene_src_cellular_location    ? 
_entity_src_gen.host_org_common_name               ? 
_entity_src_gen.pdbx_host_org_scientific_name      'Aspergillus oryzae' 
_entity_src_gen.pdbx_host_org_ncbi_taxonomy_id     5062 
_entity_src_gen.host_org_genus                     ? 
_entity_src_gen.pdbx_host_org_gene                 ? 
_entity_src_gen.pdbx_host_org_organ                ? 
_entity_src_gen.host_org_species                   ? 
_entity_src_gen.pdbx_host_org_tissue               ? 
_entity_src_gen.pdbx_host_org_tissue_fraction      ? 
_entity_src_gen.pdbx_host_org_strain               ? 
_entity_src_gen.pdbx_host_org_variant              ? 
_entity_src_gen.pdbx_host_org_cell_line            ? 
_entity_src_gen.pdbx_host_org_atcc                 ? 
_entity_src_gen.pdbx_host_org_culture_collection   ? 
_entity_src_gen.pdbx_host_org_cell                 ? 
_entity_src_gen.pdbx_host_org_organelle            ? 
_entity_src_gen.pdbx_host_org_cellular_location    ? 
_entity_src_gen.pdbx_host_org_vector_type          ? 
_entity_src_gen.pdbx_host_org_vector               ? 
_entity_src_gen.host_org_details                   ? 
_entity_src_gen.expression_system_id               ? 
_entity_src_gen.plasmid_name                       ? 
_entity_src_gen.plasmid_details                    ? 
_entity_src_gen.pdbx_description                   ? 
# 
loop_
_chem_comp.id 
_chem_comp.type 
_chem_comp.mon_nstd_flag 
_chem_comp.name 
_chem_comp.pdbx_synonyms 
_chem_comp.formula 
_chem_comp.formula_weight 
ALA 'L-peptide linking' y ALANINE         ?                 'C3 H7 N O2'     89.093  
ARG 'L-peptide linking' y ARGININE        ?                 'C6 H15 N4 O2 1' 175.209 
ASN 'L-peptide linking' y ASPARAGINE      ?                 'C4 H8 N2 O3'    132.118 
ASP 'L-peptide linking' y 'ASPARTIC ACID' ?                 'C4 H7 N O4'     133.103 
CYS 'L-peptide linking' y CYSTEINE        ?                 'C3 H7 N O2 S'   121.158 
EDO non-polymer         . 1,2-ETHANEDIOL  'ETHYLENE GLYCOL' 'C2 H6 O2'       62.068  
GLN 'L-peptide linking' y GLUTAMINE       ?                 'C5 H10 N2 O3'   146.144 
GLY 'peptide linking'   y GLYCINE         ?                 'C2 H5 N O2'     75.067  
HOH non-polymer         . WATER           ?                 'H2 O'           18.015  
ILE 'L-peptide linking' y ISOLEUCINE      ?                 'C6 H13 N O2'    131.173 
LYS 'L-peptide linking' y LYSINE          ?                 'C6 H15 N2 O2 1' 147.195 
PRO 'L-peptide linking' y PROLINE         ?                 'C5 H9 N O2'     115.130 
SER 'L-peptide linking' y SERINE          ?                 'C3 H7 N O3'     105.093 
THR 'L-peptide linking' y THREONINE       ?                 'C4 H9 N O3'     119.119 
TRP 'L-peptide linking' y TRYPTOPHAN      ?                 'C11 H12 N2 O2'  204.225 
TYR 'L-peptide linking' y TYROSINE        ?                 'C9 H11 N O3'    181.189 
VAL 'L-peptide linking' y VALINE          ?                 'C5 H11 N O2'    117.146 
ZN  non-polymer         . 'ZINC ION'      ?                 'Zn 2'           65.409  
# 
loop_
_pdbx_poly_seq_scheme.asym_id 
_pdbx_poly_seq_scheme.entity_id 
_pdbx_poly_seq_scheme.seq_id 
_pdbx_poly_seq_scheme.mon_id 
_pdbx_poly_seq_scheme.ndb_seq_num 
_pdbx_poly_seq_scheme.pdb_seq_num 
_pdbx_poly_seq_scheme.auth_seq_num 
_pdbx_poly_seq_scheme.pdb_mon_id 
_pdbx_poly_seq_scheme.auth_mon_id 
_pdbx_poly_seq_scheme.pdb_strand_id 
_pdbx_poly_seq_scheme.pdb_ins_code 
_pdbx_poly_seq_scheme.hetero 
A 1 1  TYR 1  1  1  TYR TYR A . n 
A 1 2  PRO 2  2  2  PRO PRO A . n 
A 1 3  ILE 3  3  3  ILE ILE A . n 
A 1 4  THR 4  4  4  THR THR A . n 
A 1 5  GLY 5  5  5  GLY GLY A . n 
A 1 6  ASP 6  6  6  ASP ASP A . n 
A 1 7  GLY 7  7  7  GLY GLY A . n 
A 1 8  VAL 8  8  8  VAL VAL A . n 
A 1 9  ASN 9  9  9  ASN ASN A . n 
A 1 10 CYS 10 10 10 CYS CYS A . n 
A 1 11 ARG 11 11 11 ARG ARG A . n 
A 1 12 SER 12 12 12 SER SER A . n 
A 1 13 GLY 13 13 13 GLY GLY A . n 
A 1 14 PRO 14 14 14 PRO PRO A . n 
A 1 15 GLY 15 15 15 GLY GLY A . n 
A 1 16 THR 16 16 16 THR THR A . n 
A 1 17 SER 17 17 17 SER SER A . n 
A 1 18 TYR 18 18 18 TYR TYR A . n 
A 1 19 SER 19 19 19 SER SER A . n 
A 1 20 VAL 20 20 20 VAL VAL A . n 
A 1 21 VAL 21 21 21 VAL VAL A . n 
A 1 22 LYS 22 22 22 LYS LYS A . n 
A 1 23 SER 23 23 23 SER SER A . n 
A 1 24 TYR 24 24 24 TYR TYR A . n 
A 1 25 GLN 25 25 25 GLN GLN A . n 
A 1 26 LYS 26 26 26 LYS LYS A . n 
A 1 27 GLY 27 27 27 GLY GLY A . n 
A 1 28 ALA 28 28 28 ALA ALA A . n 
A 1 29 ASP 29 29 29 ASP ASP A . n 
A 1 30 VAL 30 30 30 VAL VAL A . n 
A 1 31 ALA 31 31 31 ALA ALA A . n 
A 1 32 ILE 32 32 32 ILE ILE A . n 
A 1 33 THR 33 33 33 THR THR A . n 
A 1 34 CYS 34 34 34 CYS CYS A . n 
A 1 35 GLN 35 35 35 GLN GLN A . n 
A 1 36 ALA 36 36 36 ALA ALA A . n 
A 1 37 PRO 37 37 37 PRO PRO A . n 
A 1 38 GLY 38 38 38 GLY GLY A . n 
A 1 39 THR 39 39 39 THR THR A . n 
A 1 40 ASP 40 40 40 ASP ASP A . n 
A 1 41 VAL 41 41 41 VAL VAL A . n 
A 1 42 LYS 42 42 42 LYS LYS A . n 
A 1 43 GLY 43 43 43 GLY GLY A . n 
A 1 44 ASP 44 44 44 ASP ASP A . n 
A 1 45 ASN 45 45 45 ASN ASN A . n 
A 1 46 ILE 46 46 46 ILE ILE A . n 
A 1 47 TRP 47 47 47 TRP TRP A . n 
A 1 48 ASP 48 48 48 ASP ASP A . n 
A 1 49 LYS 49 49 49 LYS LYS A . n 
A 1 50 THR 50 50 50 THR THR A . n 
A 1 51 ALA 51 51 51 ALA ALA A . n 
A 1 52 ASP 52 52 52 ASP ASP A . n 
A 1 53 GLY 53 53 53 GLY GLY A . n 
A 1 54 CYS 54 54 54 CYS CYS A . n 
A 1 55 TYR 55 55 55 TYR TYR A . n 
A 1 56 VAL 56 56 56 VAL VAL A . n 
A 1 57 ALA 57 57 57 ALA ALA A . n 
A 1 58 ASP 58 58 58 ASP ASP A . n 
A 1 59 TYR 59 59 59 TYR TYR A . n 
A 1 60 TYR 60 60 60 TYR TYR A . n 
A 1 61 ILE 61 61 61 ILE ILE A . n 
A 1 62 LYS 62 62 62 LYS LYS A . n 
A 1 63 THR 63 63 63 THR THR A . n 
A 1 64 GLY 64 64 64 GLY GLY A . n 
A 1 65 SER 65 65 65 SER SER A . n 
A 1 66 SER 66 66 66 SER SER A . n 
A 1 67 SER 67 67 67 SER SER A . n 
A 1 68 TYR 68 68 68 TYR TYR A . n 
A 1 69 VAL 69 69 69 VAL VAL A . n 
A 1 70 THR 70 70 70 THR THR A . n 
A 1 71 ALA 71 71 71 ALA ALA A . n 
A 1 72 LYS 72 72 72 LYS LYS A . n 
A 1 73 CYS 73 73 73 CYS CYS A . n 
A 1 74 ASP 74 74 74 ASP ASP A . n 
B 1 1  TYR 1  1  1  TYR TYR B . n 
B 1 2  PRO 2  2  2  PRO PRO B . n 
B 1 3  ILE 3  3  3  ILE ILE B . n 
B 1 4  THR 4  4  4  THR THR B . n 
B 1 5  GLY 5  5  5  GLY GLY B . n 
B 1 6  ASP 6  6  6  ASP ASP B . n 
B 1 7  GLY 7  7  7  GLY GLY B . n 
B 1 8  VAL 8  8  8  VAL VAL B . n 
B 1 9  ASN 9  9  9  ASN ASN B . n 
B 1 10 CYS 10 10 10 CYS CYS B . n 
B 1 11 ARG 11 11 11 ARG ARG B . n 
B 1 12 SER 12 12 12 SER SER B . n 
B 1 13 GLY 13 13 13 GLY GLY B . n 
B 1 14 PRO 14 14 14 PRO PRO B . n 
B 1 15 GLY 15 15 15 GLY GLY B . n 
B 1 16 THR 16 16 16 THR THR B . n 
B 1 17 SER 17 17 17 SER SER B . n 
B 1 18 TYR 18 18 18 TYR TYR B . n 
B 1 19 SER 19 19 19 SER SER B . n 
B 1 20 VAL 20 20 20 VAL VAL B . n 
B 1 21 VAL 21 21 21 VAL VAL B . n 
B 1 22 LYS 22 22 22 LYS LYS B . n 
B 1 23 SER 23 23 23 SER SER B . n 
B 1 24 TYR 24 24 24 TYR TYR B . n 
B 1 25 GLN 25 25 25 GLN GLN B . n 
B 1 26 LYS 26 26 26 LYS LYS B . n 
B 1 27 GLY 27 27 27 GLY GLY B . n 
B 1 28 ALA 28 28 28 ALA ALA B . n 
B 1 29 ASP 29 29 29 ASP ASP B . n 
B 1 30 VAL 30 30 30 VAL VAL B . n 
B 1 31 ALA 31 31 31 ALA ALA B . n 
B 1 32 ILE 32 32 32 ILE ILE B . n 
B 1 33 THR 33 33 33 THR THR B . n 
B 1 34 CYS 34 34 34 CYS CYS B . n 
B 1 35 GLN 35 35 35 GLN GLN B . n 
B 1 36 ALA 36 36 36 ALA ALA B . n 
B 1 37 PRO 37 37 37 PRO PRO B . n 
B 1 38 GLY 38 38 38 GLY GLY B . n 
B 1 39 THR 39 39 39 THR THR B . n 
B 1 40 ASP 40 40 40 ASP ASP B . n 
B 1 41 VAL 41 41 41 VAL VAL B . n 
B 1 42 LYS 42 42 42 LYS LYS B . n 
B 1 43 GLY 43 43 43 GLY GLY B . n 
B 1 44 ASP 44 44 44 ASP ASP B . n 
B 1 45 ASN 45 45 45 ASN ASN B . n 
B 1 46 ILE 46 46 46 ILE ILE B . n 
B 1 47 TRP 47 47 47 TRP TRP B . n 
B 1 48 ASP 48 48 48 ASP ASP B . n 
B 1 49 LYS 49 49 49 LYS LYS B . n 
B 1 50 THR 50 50 50 THR THR B . n 
B 1 51 ALA 51 51 51 ALA ALA B . n 
B 1 52 ASP 52 52 52 ASP ASP B . n 
B 1 53 GLY 53 53 53 GLY GLY B . n 
B 1 54 CYS 54 54 54 CYS CYS B . n 
B 1 55 TYR 55 55 55 TYR TYR B . n 
B 1 56 VAL 56 56 56 VAL VAL B . n 
B 1 57 ALA 57 57 57 ALA ALA B . n 
B 1 58 ASP 58 58 58 ASP ASP B . n 
B 1 59 TYR 59 59 59 TYR TYR B . n 
B 1 60 TYR 60 60 60 TYR TYR B . n 
B 1 61 ILE 61 61 61 ILE ILE B . n 
B 1 62 LYS 62 62 62 LYS LYS B . n 
B 1 63 THR 63 63 63 THR THR B . n 
B 1 64 GLY 64 64 64 GLY GLY B . n 
B 1 65 SER 65 65 65 SER SER B . n 
B 1 66 SER 66 66 66 SER SER B . n 
B 1 67 SER 67 67 67 SER SER B . n 
B 1 68 TYR 68 68 68 TYR TYR B . n 
B 1 69 VAL 69 69 69 VAL VAL B . n 
B 1 70 THR 70 70 70 THR THR B . n 
B 1 71 ALA 71 71 71 ALA ALA B . n 
B 1 72 LYS 72 72 72 LYS LYS B . n 
B 1 73 CYS 73 73 73 CYS CYS B . n 
B 1 74 ASP 74 74 74 ASP ASP B . n 
# 
loop_
_pdbx_nonpoly_scheme.asym_id 
_pdbx_nonpoly_scheme.entity_id 
_pdbx_nonpoly_scheme.mon_id 
_pdbx_nonpoly_scheme.ndb_seq_num 
_pdbx_nonpoly_scheme.pdb_seq_num 
_pdbx_nonpoly_scheme.auth_seq_num 
_pdbx_nonpoly_scheme.pdb_mon_id 
_pdbx_nonpoly_scheme.auth_mon_id 
_pdbx_nonpoly_scheme.pdb_strand_id 
_pdbx_nonpoly_scheme.pdb_ins_code 
C 2 EDO 1  101 102 EDO EDO A . 
D 2 EDO 1  102 101 EDO EDO A . 
E 3 ZN  1  103 1   ZN  ZN  A . 
F 2 EDO 1  101 101 EDO EDO B . 
G 2 EDO 1  102 102 EDO EDO B . 
H 4 HOH 1  201 35  HOH HOH A . 
H 4 HOH 2  202 23  HOH HOH A . 
H 4 HOH 3  203 88  HOH HOH A . 
H 4 HOH 4  204 62  HOH HOH A . 
H 4 HOH 5  205 106 HOH HOH A . 
H 4 HOH 6  206 18  HOH HOH A . 
H 4 HOH 7  207 95  HOH HOH A . 
H 4 HOH 8  208 68  HOH HOH A . 
H 4 HOH 9  209 103 HOH HOH A . 
H 4 HOH 10 210 98  HOH HOH A . 
H 4 HOH 11 211 5   HOH HOH A . 
H 4 HOH 12 212 60  HOH HOH A . 
H 4 HOH 13 213 8   HOH HOH A . 
H 4 HOH 14 214 13  HOH HOH A . 
H 4 HOH 15 215 29  HOH HOH A . 
H 4 HOH 16 216 34  HOH HOH A . 
H 4 HOH 17 217 9   HOH HOH A . 
H 4 HOH 18 218 65  HOH HOH A . 
H 4 HOH 19 219 15  HOH HOH A . 
H 4 HOH 20 220 55  HOH HOH A . 
H 4 HOH 21 221 107 HOH HOH A . 
H 4 HOH 22 222 39  HOH HOH A . 
H 4 HOH 23 223 54  HOH HOH A . 
H 4 HOH 24 224 40  HOH HOH A . 
H 4 HOH 25 225 14  HOH HOH A . 
H 4 HOH 26 226 37  HOH HOH A . 
H 4 HOH 27 227 93  HOH HOH A . 
H 4 HOH 28 228 74  HOH HOH A . 
H 4 HOH 29 229 85  HOH HOH A . 
H 4 HOH 30 230 53  HOH HOH A . 
H 4 HOH 31 231 97  HOH HOH A . 
H 4 HOH 32 232 96  HOH HOH A . 
H 4 HOH 33 233 63  HOH HOH A . 
H 4 HOH 34 234 112 HOH HOH A . 
H 4 HOH 35 235 111 HOH HOH A . 
H 4 HOH 36 236 56  HOH HOH A . 
H 4 HOH 37 237 1   HOH HOH A . 
H 4 HOH 38 238 50  HOH HOH A . 
H 4 HOH 39 239 108 HOH HOH A . 
H 4 HOH 40 240 51  HOH HOH A . 
H 4 HOH 41 241 100 HOH HOH A . 
H 4 HOH 42 242 66  HOH HOH A . 
H 4 HOH 43 243 78  HOH HOH A . 
H 4 HOH 44 244 101 HOH HOH A . 
I 4 HOH 1  201 10  HOH HOH B . 
I 4 HOH 2  202 36  HOH HOH B . 
I 4 HOH 3  203 11  HOH HOH B . 
I 4 HOH 4  204 27  HOH HOH B . 
I 4 HOH 5  205 102 HOH HOH B . 
I 4 HOH 6  206 77  HOH HOH B . 
I 4 HOH 7  207 70  HOH HOH B . 
I 4 HOH 8  208 42  HOH HOH B . 
I 4 HOH 9  209 16  HOH HOH B . 
I 4 HOH 10 210 61  HOH HOH B . 
I 4 HOH 11 211 92  HOH HOH B . 
I 4 HOH 12 212 22  HOH HOH B . 
I 4 HOH 13 213 7   HOH HOH B . 
I 4 HOH 14 214 12  HOH HOH B . 
I 4 HOH 15 215 28  HOH HOH B . 
I 4 HOH 16 216 6   HOH HOH B . 
I 4 HOH 17 217 81  HOH HOH B . 
I 4 HOH 18 218 33  HOH HOH B . 
I 4 HOH 19 219 82  HOH HOH B . 
I 4 HOH 20 220 4   HOH HOH B . 
I 4 HOH 21 221 79  HOH HOH B . 
I 4 HOH 22 222 84  HOH HOH B . 
I 4 HOH 23 223 110 HOH HOH B . 
I 4 HOH 24 224 19  HOH HOH B . 
I 4 HOH 25 225 30  HOH HOH B . 
I 4 HOH 26 226 58  HOH HOH B . 
I 4 HOH 27 227 26  HOH HOH B . 
I 4 HOH 28 228 109 HOH HOH B . 
I 4 HOH 29 229 67  HOH HOH B . 
I 4 HOH 30 230 44  HOH HOH B . 
I 4 HOH 31 231 59  HOH HOH B . 
I 4 HOH 32 232 25  HOH HOH B . 
I 4 HOH 33 233 72  HOH HOH B . 
I 4 HOH 34 234 87  HOH HOH B . 
I 4 HOH 35 235 71  HOH HOH B . 
I 4 HOH 36 236 90  HOH HOH B . 
I 4 HOH 37 237 32  HOH HOH B . 
I 4 HOH 38 238 57  HOH HOH B . 
I 4 HOH 39 239 73  HOH HOH B . 
I 4 HOH 40 240 17  HOH HOH B . 
I 4 HOH 41 241 43  HOH HOH B . 
I 4 HOH 42 242 99  HOH HOH B . 
I 4 HOH 43 243 3   HOH HOH B . 
I 4 HOH 44 244 21  HOH HOH B . 
I 4 HOH 45 245 45  HOH HOH B . 
I 4 HOH 46 246 75  HOH HOH B . 
I 4 HOH 47 247 52  HOH HOH B . 
I 4 HOH 48 248 49  HOH HOH B . 
I 4 HOH 49 249 48  HOH HOH B . 
I 4 HOH 50 250 47  HOH HOH B . 
I 4 HOH 51 251 105 HOH HOH B . 
I 4 HOH 52 252 104 HOH HOH B . 
I 4 HOH 53 253 76  HOH HOH B . 
I 4 HOH 54 254 69  HOH HOH B . 
# 
loop_
_pdbx_unobs_or_zero_occ_atoms.id 
_pdbx_unobs_or_zero_occ_atoms.PDB_model_num 
_pdbx_unobs_or_zero_occ_atoms.polymer_flag 
_pdbx_unobs_or_zero_occ_atoms.occupancy_flag 
_pdbx_unobs_or_zero_occ_atoms.auth_asym_id 
_pdbx_unobs_or_zero_occ_atoms.auth_comp_id 
_pdbx_unobs_or_zero_occ_atoms.auth_seq_id 
_pdbx_unobs_or_zero_occ_atoms.PDB_ins_code 
_pdbx_unobs_or_zero_occ_atoms.auth_atom_id 
_pdbx_unobs_or_zero_occ_atoms.label_alt_id 
_pdbx_unobs_or_zero_occ_atoms.label_asym_id 
_pdbx_unobs_or_zero_occ_atoms.label_comp_id 
_pdbx_unobs_or_zero_occ_atoms.label_seq_id 
_pdbx_unobs_or_zero_occ_atoms.label_atom_id 
1 1 Y 1 A LYS 62 ? CE ? A LYS 62 CE 
2 1 Y 1 A LYS 62 ? NZ ? A LYS 62 NZ 
3 1 Y 1 B LYS 42 ? CD ? B LYS 42 CD 
4 1 Y 1 B LYS 42 ? CE ? B LYS 42 CE 
5 1 Y 1 B LYS 42 ? NZ ? B LYS 42 NZ 
# 
loop_
_software.citation_id 
_software.classification 
_software.compiler_name 
_software.compiler_version 
_software.contact_author 
_software.contact_author_email 
_software.date 
_software.description 
_software.dependencies 
_software.hardware 
_software.language 
_software.location 
_software.mods 
_software.name 
_software.os 
_software.os_version 
_software.type 
_software.version 
_software.pdbx_ordinal 
? 'data reduction' ? ? ? ? ? ? ? ? ? ? ? XDS     ? ? ? .        1 
? 'data reduction' ? ? ? ? ? ? ? ? ? ? ? xia2    ? ? ? .        2 
? 'data scaling'   ? ? ? ? ? ? ? ? ? ? ? Aimless ? ? ? .        3 
? phasing          ? ? ? ? ? ? ? ? ? ? ? MOLREP  ? ? ? .        4 
? refinement       ? ? ? ? ? ? ? ? ? ? ? REFMAC  ? ? ? 5.8.0352 5 
# 
_cell.angle_alpha                  90.000 
_cell.angle_alpha_esd              ? 
_cell.angle_beta                   112.131 
_cell.angle_beta_esd               ? 
_cell.angle_gamma                  90.000 
_cell.angle_gamma_esd              ? 
_cell.entry_id                     8B2G 
_cell.details                      ? 
_cell.formula_units_Z              ? 
_cell.length_a                     36.142 
_cell.length_a_esd                 ? 
_cell.length_b                     59.824 
_cell.length_b_esd                 ? 
_cell.length_c                     36.109 
_cell.length_c_esd                 ? 
_cell.volume                       ? 
_cell.volume_esd                   ? 
_cell.Z_PDB                        4 
_cell.reciprocal_angle_alpha       ? 
_cell.reciprocal_angle_beta        ? 
_cell.reciprocal_angle_gamma       ? 
_cell.reciprocal_angle_alpha_esd   ? 
_cell.reciprocal_angle_beta_esd    ? 
_cell.reciprocal_angle_gamma_esd   ? 
_cell.reciprocal_length_a          ? 
_cell.reciprocal_length_b          ? 
_cell.reciprocal_length_c          ? 
_cell.reciprocal_length_a_esd      ? 
_cell.reciprocal_length_b_esd      ? 
_cell.reciprocal_length_c_esd      ? 
_cell.pdbx_unique_axis             ? 
_cell.pdbx_esd_method              ? 
# 
_symmetry.entry_id                         8B2G 
_symmetry.cell_setting                     ? 
_symmetry.Int_Tables_number                4 
_symmetry.space_group_name_Hall            ? 
_symmetry.space_group_name_H-M             'P 1 21 1' 
_symmetry.pdbx_full_space_group_name_H-M   ? 
# 
_exptl.absorpt_coefficient_mu     ? 
_exptl.absorpt_correction_T_max   ? 
_exptl.absorpt_correction_T_min   ? 
_exptl.absorpt_correction_type    ? 
_exptl.absorpt_process_details    ? 
_exptl.entry_id                   8B2G 
_exptl.crystals_number            1 
_exptl.details                    ? 
_exptl.method                     'X-RAY DIFFRACTION' 
_exptl.method_details             ? 
# 
_exptl_crystal.colour                       ? 
_exptl_crystal.density_diffrn               ? 
_exptl_crystal.density_Matthews             2.32 
_exptl_crystal.density_method               ? 
_exptl_crystal.density_percent_sol          46.99 
_exptl_crystal.description                  ? 
_exptl_crystal.F_000                        ? 
_exptl_crystal.id                           1 
_exptl_crystal.preparation                  ? 
_exptl_crystal.size_max                     ? 
_exptl_crystal.size_mid                     ? 
_exptl_crystal.size_min                     ? 
_exptl_crystal.size_rad                     ? 
_exptl_crystal.colour_lustre                ? 
_exptl_crystal.colour_modifier              ? 
_exptl_crystal.colour_primary               ? 
_exptl_crystal.density_meas                 ? 
_exptl_crystal.density_meas_esd             ? 
_exptl_crystal.density_meas_gt              ? 
_exptl_crystal.density_meas_lt              ? 
_exptl_crystal.density_meas_temp            ? 
_exptl_crystal.density_meas_temp_esd        ? 
_exptl_crystal.density_meas_temp_gt         ? 
_exptl_crystal.density_meas_temp_lt         ? 
_exptl_crystal.pdbx_crystal_image_url       ? 
_exptl_crystal.pdbx_crystal_image_format    ? 
_exptl_crystal.pdbx_mosaicity               ? 
_exptl_crystal.pdbx_mosaicity_esd           ? 
_exptl_crystal.pdbx_mosaic_method           ? 
_exptl_crystal.pdbx_mosaic_block_size       ? 
_exptl_crystal.pdbx_mosaic_block_size_esd   ? 
# 
_exptl_crystal_grow.apparatus       ? 
_exptl_crystal_grow.atmosphere      ? 
_exptl_crystal_grow.crystal_id      1 
_exptl_crystal_grow.details         ? 
_exptl_crystal_grow.method          'VAPOR DIFFUSION, SITTING DROP' 
_exptl_crystal_grow.method_ref      ? 
_exptl_crystal_grow.pH              ? 
_exptl_crystal_grow.pressure        ? 
_exptl_crystal_grow.pressure_esd    ? 
_exptl_crystal_grow.seeding         ? 
_exptl_crystal_grow.seeding_ref     ? 
_exptl_crystal_grow.temp            293 
_exptl_crystal_grow.temp_details    ? 
_exptl_crystal_grow.temp_esd        ? 
_exptl_crystal_grow.time            ? 
_exptl_crystal_grow.pdbx_details    
;PACT C9=0.2 M LiCl, 0.1 M Hepes pH 7.0, 20% PEG 6K, MMS (microseed matrix screening) from JCSG, C7=0.2 M zinc acetate dehydrate, 0.1 M sodium acetate, 10%w/v PEG 3000
;
_exptl_crystal_grow.pdbx_pH_range   ? 
# 
_diffrn.ambient_environment              ? 
_diffrn.ambient_temp                     100 
_diffrn.ambient_temp_details             ? 
_diffrn.ambient_temp_esd                 ? 
_diffrn.crystal_id                       1 
_diffrn.crystal_support                  ? 
_diffrn.crystal_treatment                ? 
_diffrn.details                          ? 
_diffrn.id                               1 
_diffrn.ambient_pressure                 ? 
_diffrn.ambient_pressure_esd             ? 
_diffrn.ambient_pressure_gt              ? 
_diffrn.ambient_pressure_lt              ? 
_diffrn.ambient_temp_gt                  ? 
_diffrn.ambient_temp_lt                  ? 
_diffrn.pdbx_serial_crystal_experiment   N 
# 
_diffrn_detector.details                      ? 
_diffrn_detector.detector                     CCD 
_diffrn_detector.diffrn_id                    1 
_diffrn_detector.type                         'ADSC QUANTUM 315' 
_diffrn_detector.area_resol_mean              ? 
_diffrn_detector.dtime                        ? 
_diffrn_detector.pdbx_frames_total            ? 
_diffrn_detector.pdbx_collection_time_total   ? 
_diffrn_detector.pdbx_collection_date         2017-06-27 
_diffrn_detector.pdbx_frequency               ? 
# 
_diffrn_radiation.collimation                      ? 
_diffrn_radiation.diffrn_id                        1 
_diffrn_radiation.filter_edge                      ? 
_diffrn_radiation.inhomogeneity                    ? 
_diffrn_radiation.monochromator                    ? 
_diffrn_radiation.polarisn_norm                    ? 
_diffrn_radiation.polarisn_ratio                   ? 
_diffrn_radiation.probe                            ? 
_diffrn_radiation.type                             ? 
_diffrn_radiation.xray_symbol                      ? 
_diffrn_radiation.wavelength_id                    1 
_diffrn_radiation.pdbx_monochromatic_or_laue_m_l   M 
_diffrn_radiation.pdbx_wavelength_list             ? 
_diffrn_radiation.pdbx_wavelength                  ? 
_diffrn_radiation.pdbx_diffrn_protocol             'SINGLE WAVELENGTH' 
_diffrn_radiation.pdbx_analyzer                    ? 
_diffrn_radiation.pdbx_scattering_type             x-ray 
# 
_diffrn_radiation_wavelength.id           1 
_diffrn_radiation_wavelength.wavelength   1.28249 
_diffrn_radiation_wavelength.wt           1.0 
# 
_diffrn_source.current                     ? 
_diffrn_source.details                     ? 
_diffrn_source.diffrn_id                   1 
_diffrn_source.power                       ? 
_diffrn_source.size                        ? 
_diffrn_source.source                      SYNCHROTRON 
_diffrn_source.target                      ? 
_diffrn_source.type                        'DIAMOND BEAMLINE I04' 
_diffrn_source.voltage                     ? 
_diffrn_source.take-off_angle              ? 
_diffrn_source.pdbx_wavelength_list        1.28249 
_diffrn_source.pdbx_wavelength             ? 
_diffrn_source.pdbx_synchrotron_beamline   I04 
_diffrn_source.pdbx_synchrotron_site       Diamond 
# 
_reflns.B_iso_Wilson_estimate                          ? 
_reflns.entry_id                                       8B2G 
_reflns.data_reduction_details                         ? 
_reflns.data_reduction_method                          ? 
_reflns.d_resolution_high                              1.500 
_reflns.d_resolution_low                               59.82 
_reflns.details                                        ? 
_reflns.limit_h_max                                    ? 
_reflns.limit_h_min                                    ? 
_reflns.limit_k_max                                    ? 
_reflns.limit_k_min                                    ? 
_reflns.limit_l_max                                    ? 
_reflns.limit_l_min                                    ? 
_reflns.number_all                                     ? 
_reflns.number_obs                                     21381 
_reflns.observed_criterion                             ? 
_reflns.observed_criterion_F_max                       ? 
_reflns.observed_criterion_F_min                       ? 
_reflns.observed_criterion_I_max                       ? 
_reflns.observed_criterion_I_min                       ? 
_reflns.observed_criterion_sigma_F                     ? 
_reflns.observed_criterion_sigma_I                     ? 
_reflns.percent_possible_obs                           93.8 
_reflns.R_free_details                                 ? 
_reflns.Rmerge_F_all                                   ? 
_reflns.Rmerge_F_obs                                   ? 
_reflns.Friedel_coverage                               ? 
_reflns.number_gt                                      ? 
_reflns.threshold_expression                           ? 
_reflns.pdbx_redundancy                                4.0 
_reflns.pdbx_Rmerge_I_obs                              0.082 
_reflns.pdbx_Rmerge_I_all                              ? 
_reflns.pdbx_Rsym_value                                ? 
_reflns.pdbx_netI_over_av_sigmaI                       ? 
_reflns.pdbx_netI_over_sigmaI                          7.4 
_reflns.pdbx_res_netI_over_av_sigmaI_2                 ? 
_reflns.pdbx_res_netI_over_sigmaI_2                    ? 
_reflns.pdbx_chi_squared                               0.96 
_reflns.pdbx_scaling_rejects                           ? 
_reflns.pdbx_d_res_high_opt                            ? 
_reflns.pdbx_d_res_low_opt                             ? 
_reflns.pdbx_d_res_opt_method                          ? 
_reflns.phase_calculation_details                      ? 
_reflns.pdbx_Rrim_I_all                                0.108 
_reflns.pdbx_Rpim_I_all                                0.069 
_reflns.pdbx_d_opt                                     ? 
_reflns.pdbx_number_measured_all                       ? 
_reflns.pdbx_diffrn_id                                 1 
_reflns.pdbx_ordinal                                   1 
_reflns.pdbx_CC_half                                   0.995 
_reflns.pdbx_CC_star                                   ? 
_reflns.pdbx_R_split                                   ? 
_reflns.pdbx_aniso_diffraction_limit_axis_1_ortho[1]   ? 
_reflns.pdbx_aniso_diffraction_limit_axis_1_ortho[2]   ? 
_reflns.pdbx_aniso_diffraction_limit_axis_1_ortho[3]   ? 
_reflns.pdbx_aniso_diffraction_limit_axis_2_ortho[1]   ? 
_reflns.pdbx_aniso_diffraction_limit_axis_2_ortho[2]   ? 
_reflns.pdbx_aniso_diffraction_limit_axis_2_ortho[3]   ? 
_reflns.pdbx_aniso_diffraction_limit_axis_3_ortho[1]   ? 
_reflns.pdbx_aniso_diffraction_limit_axis_3_ortho[2]   ? 
_reflns.pdbx_aniso_diffraction_limit_axis_3_ortho[3]   ? 
_reflns.pdbx_aniso_diffraction_limit_1                 ? 
_reflns.pdbx_aniso_diffraction_limit_2                 ? 
_reflns.pdbx_aniso_diffraction_limit_3                 ? 
_reflns.pdbx_aniso_B_tensor_eigenvector_1_ortho[1]     ? 
_reflns.pdbx_aniso_B_tensor_eigenvector_1_ortho[2]     ? 
_reflns.pdbx_aniso_B_tensor_eigenvector_1_ortho[3]     ? 
_reflns.pdbx_aniso_B_tensor_eigenvector_2_ortho[1]     ? 
_reflns.pdbx_aniso_B_tensor_eigenvector_2_ortho[2]     ? 
_reflns.pdbx_aniso_B_tensor_eigenvector_2_ortho[3]     ? 
_reflns.pdbx_aniso_B_tensor_eigenvector_3_ortho[1]     ? 
_reflns.pdbx_aniso_B_tensor_eigenvector_3_ortho[2]     ? 
_reflns.pdbx_aniso_B_tensor_eigenvector_3_ortho[3]     ? 
_reflns.pdbx_aniso_B_tensor_eigenvalue_1               ? 
_reflns.pdbx_aniso_B_tensor_eigenvalue_2               ? 
_reflns.pdbx_aniso_B_tensor_eigenvalue_3               ? 
_reflns.pdbx_orthogonalization_convention              ? 
_reflns.pdbx_percent_possible_ellipsoidal              ? 
_reflns.pdbx_percent_possible_spherical                ? 
_reflns.pdbx_percent_possible_ellipsoidal_anomalous    ? 
_reflns.pdbx_percent_possible_spherical_anomalous      ? 
_reflns.pdbx_redundancy_anomalous                      ? 
_reflns.pdbx_CC_half_anomalous                         ? 
_reflns.pdbx_absDiff_over_sigma_anomalous              ? 
_reflns.pdbx_percent_possible_anomalous                ? 
_reflns.pdbx_observed_signal_threshold                 ? 
_reflns.pdbx_signal_type                               ? 
_reflns.pdbx_signal_details                            ? 
_reflns.pdbx_signal_software_id                        ? 
_reflns.pdbx_CC_split_method                           ? 
# 
loop_
_reflns_shell.d_res_high 
_reflns_shell.d_res_low 
_reflns_shell.meanI_over_sigI_all 
_reflns_shell.meanI_over_sigI_obs 
_reflns_shell.number_measured_all 
_reflns_shell.number_measured_obs 
_reflns_shell.number_possible 
_reflns_shell.number_unique_all 
_reflns_shell.number_unique_obs 
_reflns_shell.percent_possible_all 
_reflns_shell.percent_possible_obs 
_reflns_shell.Rmerge_F_all 
_reflns_shell.Rmerge_F_obs 
_reflns_shell.Rmerge_I_all 
_reflns_shell.Rmerge_I_obs 
_reflns_shell.meanI_over_sigI_gt 
_reflns_shell.meanI_over_uI_all 
_reflns_shell.meanI_over_uI_gt 
_reflns_shell.number_measured_gt 
_reflns_shell.number_unique_gt 
_reflns_shell.percent_possible_gt 
_reflns_shell.Rmerge_F_gt 
_reflns_shell.Rmerge_I_gt 
_reflns_shell.pdbx_redundancy 
_reflns_shell.pdbx_Rsym_value 
_reflns_shell.pdbx_chi_squared 
_reflns_shell.pdbx_netI_over_sigmaI_all 
_reflns_shell.pdbx_netI_over_sigmaI_obs 
_reflns_shell.pdbx_Rrim_I_all 
_reflns_shell.pdbx_Rpim_I_all 
_reflns_shell.pdbx_rejects 
_reflns_shell.pdbx_ordinal 
_reflns_shell.pdbx_diffrn_id 
_reflns_shell.pdbx_CC_half 
_reflns_shell.pdbx_CC_star 
_reflns_shell.pdbx_R_split 
_reflns_shell.pdbx_percent_possible_ellipsoidal 
_reflns_shell.pdbx_percent_possible_spherical 
_reflns_shell.pdbx_percent_possible_ellipsoidal_anomalous 
_reflns_shell.pdbx_percent_possible_spherical_anomalous 
_reflns_shell.pdbx_redundancy_anomalous 
_reflns_shell.pdbx_CC_half_anomalous 
_reflns_shell.pdbx_absDiff_over_sigma_anomalous 
_reflns_shell.pdbx_percent_possible_anomalous 
8.22 59.82 ? 18.3 ? ? ? ? 155 98.9 ? ? ? ? 0.046 ? ? ? ? ? ? ? ? 3.8 ? 0.71 ? ? 0.061 0.040 ? 1 1 0.995 ? ? ? ? ? ? ? ? ? ? 
1.50 1.53  ? 1.0  ? ? ? ? 731 66.8 ? ? ? ? 0.967 ? ? ? ? ? ? ? ? 3.2 ? 1.12 ? ? 1.282 0.835 ? 2 1 0.261 ? ? ? ? ? ? ? ? ? ? 
# 
_refine.aniso_B[1][1]                            -3.759 
_refine.aniso_B[1][2]                            -0.000 
_refine.aniso_B[1][3]                            2.023 
_refine.aniso_B[2][2]                            3.359 
_refine.aniso_B[2][3]                            0.000 
_refine.aniso_B[3][3]                            0.400 
_refine.B_iso_max                                ? 
_refine.B_iso_mean                               16.849 
_refine.B_iso_min                                ? 
_refine.correlation_coeff_Fo_to_Fc               0.966 
_refine.correlation_coeff_Fo_to_Fc_free          0.963 
_refine.details                                  
;Hydrogens have been added in their riding positions
twin refinement using structure amplitudes
;
_refine.diff_density_max                         ? 
_refine.diff_density_max_esd                     ? 
_refine.diff_density_min                         ? 
_refine.diff_density_min_esd                     ? 
_refine.diff_density_rms                         ? 
_refine.diff_density_rms_esd                     ? 
_refine.entry_id                                 8B2G 
_refine.pdbx_refine_id                           'X-RAY DIFFRACTION' 
_refine.ls_abs_structure_details                 ? 
_refine.ls_abs_structure_Flack                   ? 
_refine.ls_abs_structure_Flack_esd               ? 
_refine.ls_abs_structure_Rogers                  ? 
_refine.ls_abs_structure_Rogers_esd              ? 
_refine.ls_d_res_high                            1.500 
_refine.ls_d_res_low                             33.479 
_refine.ls_extinction_coef                       ? 
_refine.ls_extinction_coef_esd                   ? 
_refine.ls_extinction_expression                 ? 
_refine.ls_extinction_method                     ? 
_refine.ls_goodness_of_fit_all                   ? 
_refine.ls_goodness_of_fit_all_esd               ? 
_refine.ls_goodness_of_fit_obs                   ? 
_refine.ls_goodness_of_fit_obs_esd               ? 
_refine.ls_hydrogen_treatment                    ? 
_refine.ls_matrix_type                           ? 
_refine.ls_number_constraints                    ? 
_refine.ls_number_parameters                     ? 
_refine.ls_number_reflns_all                     ? 
_refine.ls_number_reflns_obs                     21359 
_refine.ls_number_reflns_R_free                  1052 
_refine.ls_number_reflns_R_work                  20307 
_refine.ls_number_restraints                     ? 
_refine.ls_percent_reflns_obs                    93.218 
_refine.ls_percent_reflns_R_free                 4.925 
_refine.ls_R_factor_all                          0.164 
_refine.ls_R_factor_obs                          ? 
_refine.ls_R_factor_R_free                       0.1725 
_refine.ls_R_factor_R_free_error                 ? 
_refine.ls_R_factor_R_free_error_details         ? 
_refine.ls_R_factor_R_work                       0.1631 
_refine.ls_R_Fsqd_factor_obs                     ? 
_refine.ls_R_I_factor_obs                        ? 
_refine.ls_redundancy_reflns_all                 ? 
_refine.ls_redundancy_reflns_obs                 ? 
_refine.ls_restrained_S_all                      ? 
_refine.ls_restrained_S_obs                      ? 
_refine.ls_shift_over_esd_max                    ? 
_refine.ls_shift_over_esd_mean                   ? 
_refine.ls_structure_factor_coef                 ? 
_refine.ls_weighting_details                     ? 
_refine.ls_weighting_scheme                      ? 
_refine.ls_wR_factor_all                         ? 
_refine.ls_wR_factor_obs                         ? 
_refine.ls_wR_factor_R_free                      ? 
_refine.ls_wR_factor_R_work                      ? 
_refine.occupancy_max                            ? 
_refine.occupancy_min                            ? 
_refine.solvent_model_details                    'MASK BULK SOLVENT' 
_refine.solvent_model_param_bsol                 ? 
_refine.solvent_model_param_ksol                 ? 
_refine.pdbx_R_complete                          ? 
_refine.ls_R_factor_gt                           ? 
_refine.ls_goodness_of_fit_gt                    ? 
_refine.ls_goodness_of_fit_ref                   ? 
_refine.ls_shift_over_su_max                     ? 
_refine.ls_shift_over_su_max_lt                  ? 
_refine.ls_shift_over_su_mean                    ? 
_refine.ls_shift_over_su_mean_lt                 ? 
_refine.pdbx_ls_sigma_I                          ? 
_refine.pdbx_ls_sigma_F                          ? 
_refine.pdbx_ls_sigma_Fsqd                       ? 
_refine.pdbx_data_cutoff_high_absF               ? 
_refine.pdbx_data_cutoff_high_rms_absF           ? 
_refine.pdbx_data_cutoff_low_absF                ? 
_refine.pdbx_isotropic_thermal_model             ? 
_refine.pdbx_ls_cross_valid_method               'FREE R-VALUE' 
_refine.pdbx_method_to_determine_struct          'MOLECULAR REPLACEMENT' 
_refine.pdbx_starting_model                      8B2S 
_refine.pdbx_stereochemistry_target_values       ? 
_refine.pdbx_R_Free_selection_details            ? 
_refine.pdbx_stereochem_target_val_spec_case     ? 
_refine.pdbx_overall_ESU_R                       0.015 
_refine.pdbx_overall_ESU_R_Free                  0.014 
_refine.pdbx_solvent_vdw_probe_radii             1.200 
_refine.pdbx_solvent_ion_probe_radii             0.800 
_refine.pdbx_solvent_shrinkage_radii             0.800 
_refine.pdbx_real_space_R                        ? 
_refine.pdbx_density_correlation                 ? 
_refine.pdbx_pd_number_of_powder_patterns        ? 
_refine.pdbx_pd_number_of_points                 ? 
_refine.pdbx_pd_meas_number_of_points            ? 
_refine.pdbx_pd_proc_ls_prof_R_factor            ? 
_refine.pdbx_pd_proc_ls_prof_wR_factor           ? 
_refine.pdbx_pd_Marquardt_correlation_coeff      ? 
_refine.pdbx_pd_Fsqrd_R_factor                   ? 
_refine.pdbx_pd_ls_matrix_band_width             ? 
_refine.pdbx_overall_phase_error                 ? 
_refine.pdbx_overall_SU_R_free_Cruickshank_DPI   ? 
_refine.pdbx_overall_SU_R_free_Blow_DPI          ? 
_refine.pdbx_overall_SU_R_Blow_DPI               ? 
_refine.pdbx_TLS_residual_ADP_flag               ? 
_refine.pdbx_diffrn_id                           1 
_refine.overall_SU_B                             0.697 
_refine.overall_SU_ML                            0.028 
_refine.overall_SU_R_Cruickshank_DPI             ? 
_refine.overall_SU_R_free                        ? 
_refine.overall_FOM_free_R_set                   ? 
_refine.overall_FOM_work_R_set                   ? 
_refine.pdbx_average_fsc_overall                 ? 
_refine.pdbx_average_fsc_work                    ? 
_refine.pdbx_average_fsc_free                    ? 
# 
_refine_hist.pdbx_refine_id                   'X-RAY DIFFRACTION' 
_refine_hist.cycle_id                         LAST 
_refine_hist.details                          ? 
_refine_hist.d_res_high                       1.500 
_refine_hist.d_res_low                        33.479 
_refine_hist.number_atoms_solvent             98 
_refine_hist.number_atoms_total               1200 
_refine_hist.number_reflns_all                ? 
_refine_hist.number_reflns_obs                ? 
_refine_hist.number_reflns_R_free             ? 
_refine_hist.number_reflns_R_work             ? 
_refine_hist.R_factor_all                     ? 
_refine_hist.R_factor_obs                     ? 
_refine_hist.R_factor_R_free                  ? 
_refine_hist.R_factor_R_work                  ? 
_refine_hist.pdbx_number_residues_total       ? 
_refine_hist.pdbx_B_iso_mean_ligand           ? 
_refine_hist.pdbx_B_iso_mean_solvent          ? 
_refine_hist.pdbx_number_atoms_protein        1085 
_refine_hist.pdbx_number_atoms_nucleic_acid   0 
_refine_hist.pdbx_number_atoms_ligand         17 
_refine_hist.pdbx_number_atoms_lipid          ? 
_refine_hist.pdbx_number_atoms_carb           ? 
_refine_hist.pdbx_pseudo_atom_details         ? 
# 
loop_
_refine_ls_restr.pdbx_refine_id 
_refine_ls_restr.criterion 
_refine_ls_restr.dev_ideal 
_refine_ls_restr.dev_ideal_target 
_refine_ls_restr.number 
_refine_ls_restr.rejects 
_refine_ls_restr.type 
_refine_ls_restr.weight 
_refine_ls_restr.pdbx_restraint_function 
'X-RAY DIFFRACTION' ? 0.013  0.012  1139 ? r_bond_refined_d               ? ? 
'X-RAY DIFFRACTION' ? 0.001  0.016  978  ? r_bond_other_d                 ? ? 
'X-RAY DIFFRACTION' ? 1.795  1.663  1551 ? r_angle_refined_deg            ? ? 
'X-RAY DIFFRACTION' ? 0.565  1.571  2287 ? r_angle_other_deg              ? ? 
'X-RAY DIFFRACTION' ? 6.603  5.000  150  ? r_dihedral_angle_1_deg         ? ? 
'X-RAY DIFFRACTION' ? 1.717  5.000  2    ? r_dihedral_angle_2_deg         ? ? 
'X-RAY DIFFRACTION' ? 9.558  10.000 158  ? r_dihedral_angle_3_deg         ? ? 
'X-RAY DIFFRACTION' ? 16.335 10.000 42   ? r_dihedral_angle_6_deg         ? ? 
'X-RAY DIFFRACTION' ? 0.082  0.200  170  ? r_chiral_restr                 ? ? 
'X-RAY DIFFRACTION' ? 0.012  0.020  1310 ? r_gen_planes_refined           ? ? 
'X-RAY DIFFRACTION' ? 0.001  0.020  218  ? r_gen_planes_other             ? ? 
'X-RAY DIFFRACTION' ? 0.212  0.200  181  ? r_nbd_refined                  ? ? 
'X-RAY DIFFRACTION' ? 0.196  0.200  897  ? r_symmetry_nbd_other           ? ? 
'X-RAY DIFFRACTION' ? 0.183  0.200  579  ? r_nbtor_refined                ? ? 
'X-RAY DIFFRACTION' ? 0.083  0.200  611  ? r_symmetry_nbtor_other         ? ? 
'X-RAY DIFFRACTION' ? 0.103  0.200  62   ? r_xyhbond_nbd_refined          ? ? 
'X-RAY DIFFRACTION' ? 0.085  0.200  3    ? r_metal_ion_refined            ? ? 
'X-RAY DIFFRACTION' ? 0.031  0.200  2    ? r_symmetry_nbd_refined         ? ? 
'X-RAY DIFFRACTION' ? 0.118  0.200  36   ? r_nbd_other                    ? ? 
'X-RAY DIFFRACTION' ? 0.176  0.200  11   ? r_symmetry_xyhbond_nbd_refined ? ? 
'X-RAY DIFFRACTION' ? 1.997  1.703  600  ? r_mcbond_it                    ? ? 
'X-RAY DIFFRACTION' ? 1.998  1.701  600  ? r_mcbond_other                 ? ? 
'X-RAY DIFFRACTION' ? 2.867  2.550  750  ? r_mcangle_it                   ? ? 
'X-RAY DIFFRACTION' ? 2.885  2.553  751  ? r_mcangle_other                ? ? 
'X-RAY DIFFRACTION' ? 2.735  1.922  539  ? r_scbond_it                    ? ? 
'X-RAY DIFFRACTION' ? 2.733  1.924  540  ? r_scbond_other                 ? ? 
'X-RAY DIFFRACTION' ? 3.895  2.778  801  ? r_scangle_it                   ? ? 
'X-RAY DIFFRACTION' ? 3.893  2.780  802  ? r_scangle_other                ? ? 
'X-RAY DIFFRACTION' ? 4.768  34.707 4882 ? r_lrange_it                    ? ? 
'X-RAY DIFFRACTION' ? 4.707  34.263 4836 ? r_lrange_other                 ? ? 
'X-RAY DIFFRACTION' ? 0.093  0.050  2243 ? r_ncsr_local_group_1           ? ? 
# 
loop_
_refine_ls_restr_ncs.pdbx_refine_id 
_refine_ls_restr_ncs.dom_id 
_refine_ls_restr_ncs.ncs_model_details 
_refine_ls_restr_ncs.rms_dev_B_iso 
_refine_ls_restr_ncs.rms_dev_position 
_refine_ls_restr_ncs.weight_B_iso 
_refine_ls_restr_ncs.weight_position 
_refine_ls_restr_ncs.pdbx_ordinal 
_refine_ls_restr_ncs.pdbx_type 
_refine_ls_restr_ncs.pdbx_asym_id 
_refine_ls_restr_ncs.pdbx_auth_asym_id 
_refine_ls_restr_ncs.pdbx_number 
_refine_ls_restr_ncs.pdbx_rms 
_refine_ls_restr_ncs.pdbx_weight 
_refine_ls_restr_ncs.pdbx_ens_id 
'X-RAY DIFFRACTION' 1 ? ? 0.09307 ? 0.05010 1 'Local ncs' ? A ? ? ? 1 
'X-RAY DIFFRACTION' 2 ? ? 0.09307 ? 0.05010 2 'Local ncs' ? A ? ? ? 1 
# 
loop_
_refine_ls_shell.pdbx_refine_id 
_refine_ls_shell.d_res_high 
_refine_ls_shell.d_res_low 
_refine_ls_shell.number_reflns_all 
_refine_ls_shell.number_reflns_obs 
_refine_ls_shell.number_reflns_R_free 
_refine_ls_shell.number_reflns_R_work 
_refine_ls_shell.percent_reflns_obs 
_refine_ls_shell.percent_reflns_R_free 
_refine_ls_shell.R_factor_all 
_refine_ls_shell.R_factor_obs 
_refine_ls_shell.R_factor_R_free 
_refine_ls_shell.R_factor_R_free_error 
_refine_ls_shell.R_factor_R_work 
_refine_ls_shell.redundancy_reflns_all 
_refine_ls_shell.redundancy_reflns_obs 
_refine_ls_shell.wR_factor_all 
_refine_ls_shell.wR_factor_obs 
_refine_ls_shell.wR_factor_R_free 
_refine_ls_shell.wR_factor_R_work 
_refine_ls_shell.pdbx_R_complete 
_refine_ls_shell.pdbx_total_number_of_bins_used 
_refine_ls_shell.pdbx_phase_error 
_refine_ls_shell.pdbx_fsc_work 
_refine_ls_shell.pdbx_fsc_free 
'X-RAY DIFFRACTION' 1.500 1.537  . . 51 1058 66.0119 . . . 0.344 . 0.273 . . . . . . . . . . . 
'X-RAY DIFFRACTION' 1.537 1.579  . . 74 1378 88.8073 . . . 0.254 . 0.227 . . . . . . . . . . . 
'X-RAY DIFFRACTION' 1.579 1.625  . . 57 1459 93.4649 . . . 0.216 . 0.200 . . . . . . . . . . . 
'X-RAY DIFFRACTION' 1.625 1.675  . . 69 1355 93.0719 . . . 0.255 . 0.198 . . . . . . . . . . . 
'X-RAY DIFFRACTION' 1.675 1.730  . . 66 1347 93.8247 . . . 0.217 . 0.186 . . . . . . . . . . . 
'X-RAY DIFFRACTION' 1.730 1.790  . . 69 1297 94.7953 . . . 0.215 . 0.180 . . . . . . . . . . . 
'X-RAY DIFFRACTION' 1.790 1.858  . . 74 1248 94.2939 . . . 0.181 . 0.158 . . . . . . . . . . . 
'X-RAY DIFFRACTION' 1.858 1.933  . . 60 1250 95.7602 . . . 0.160 . 0.137 . . . . . . . . . . . 
'X-RAY DIFFRACTION' 1.933 2.019  . . 55 1188 95.3221 . . . 0.148 . 0.146 . . . . . . . . . . . 
'X-RAY DIFFRACTION' 2.019 2.117  . . 72 1137 96.4884 . . . 0.200 . 0.157 . . . . . . . . . . . 
'X-RAY DIFFRACTION' 2.117 2.231  . . 55 1079 96.8403 . . . 0.160 . 0.161 . . . . . . . . . . . 
'X-RAY DIFFRACTION' 2.231 2.366  . . 44 1030 97.0190 . . . 0.143 . 0.145 . . . . . . . . . . . 
'X-RAY DIFFRACTION' 2.366 2.528  . . 61 959  97.3282 . . . 0.206 . 0.161 . . . . . . . . . . . 
'X-RAY DIFFRACTION' 2.528 2.730  . . 57 909  97.5758 . . . 0.150 . 0.156 . . . . . . . . . . . 
'X-RAY DIFFRACTION' 2.730 2.988  . . 43 841  97.6796 . . . 0.123 . 0.145 . . . . . . . . . . . 
'X-RAY DIFFRACTION' 2.988 3.338  . . 50 779  98.4561 . . . 0.164 . 0.156 . . . . . . . . . . . 
'X-RAY DIFFRACTION' 3.338 3.848  . . 44 652  98.8636 . . . 0.124 . 0.154 . . . . . . . . . . . 
'X-RAY DIFFRACTION' 3.848 4.697  . . 22 600  99.0446 . . . 0.188 . 0.134 . . . . . . . . . . . 
'X-RAY DIFFRACTION' 4.697 6.578  . . 17 470  99.1853 . . . 0.214 . 0.193 . . . . . . . . . . . 
'X-RAY DIFFRACTION' 6.578 33.479 . . 12 271  98.9510 . . . 0.145 . 0.222 . . . . . . . . . . . 
# 
loop_
_struct_ncs_dom.id 
_struct_ncs_dom.pdbx_ens_id 
_struct_ncs_dom.details 
1 1 A 
2 1 A 
# 
loop_
_struct_ncs_dom_lim.pdbx_ens_id 
_struct_ncs_dom_lim.dom_id 
_struct_ncs_dom_lim.pdbx_component_id 
_struct_ncs_dom_lim.beg_label_asym_id 
_struct_ncs_dom_lim.beg_label_comp_id 
_struct_ncs_dom_lim.beg_label_seq_id 
_struct_ncs_dom_lim.beg_label_alt_id 
_struct_ncs_dom_lim.end_label_asym_id 
_struct_ncs_dom_lim.end_label_comp_id 
_struct_ncs_dom_lim.end_label_seq_id 
_struct_ncs_dom_lim.end_label_alt_id 
_struct_ncs_dom_lim.beg_auth_asym_id 
_struct_ncs_dom_lim.beg_auth_comp_id 
_struct_ncs_dom_lim.beg_auth_seq_id 
_struct_ncs_dom_lim.end_auth_asym_id 
_struct_ncs_dom_lim.end_auth_comp_id 
_struct_ncs_dom_lim.end_auth_seq_id 
_struct_ncs_dom_lim.pdbx_refine_code 
_struct_ncs_dom_lim.selection_details 
1 1 1 A TYR 1 . A ASP 74 . A TYR 1 A ASP 74 1 ? 
1 2 1 A TYR 1 . A ASP 74 . A TYR 1 A ASP 74 1 ? 
# 
_struct_ncs_ens.id        1 
_struct_ncs_ens.details   'Local NCS retraints between domains:       1       2' 
# 
_struct.entry_id                     8B2G 
_struct.title                        'SH3-like domain from Penicillium virgatum muramidase' 
_struct.pdbx_model_details           ? 
_struct.pdbx_formula_weight          ? 
_struct.pdbx_formula_weight_method   ? 
_struct.pdbx_model_type_details      ? 
_struct.pdbx_CASP_flag               N 
# 
_struct_keywords.entry_id        8B2G 
_struct_keywords.text            'SH3-like, muramidase, peptidoglycan, cell wall binding domain, HYDROLASE' 
_struct_keywords.pdbx_keywords   HYDROLASE 
# 
loop_
_struct_asym.id 
_struct_asym.pdbx_blank_PDB_chainid_flag 
_struct_asym.pdbx_modified 
_struct_asym.entity_id 
_struct_asym.details 
A N N 1 ? 
B N N 1 ? 
C N N 2 ? 
D N N 2 ? 
E N N 3 ? 
F N N 2 ? 
G N N 2 ? 
H N N 4 ? 
I N N 4 ? 
# 
_struct_ref.id                         1 
_struct_ref.db_name                    PDB 
_struct_ref.db_code                    8B2G 
_struct_ref.pdbx_db_accession          8B2G 
_struct_ref.pdbx_db_isoform            ? 
_struct_ref.entity_id                  1 
_struct_ref.pdbx_seq_one_letter_code   ? 
_struct_ref.pdbx_align_begin           1 
# 
loop_
_struct_ref_seq.align_id 
_struct_ref_seq.ref_id 
_struct_ref_seq.pdbx_PDB_id_code 
_struct_ref_seq.pdbx_strand_id 
_struct_ref_seq.seq_align_beg 
_struct_ref_seq.pdbx_seq_align_beg_ins_code 
_struct_ref_seq.seq_align_end 
_struct_ref_seq.pdbx_seq_align_end_ins_code 
_struct_ref_seq.pdbx_db_accession 
_struct_ref_seq.db_align_beg 
_struct_ref_seq.pdbx_db_align_beg_ins_code 
_struct_ref_seq.db_align_end 
_struct_ref_seq.pdbx_db_align_end_ins_code 
_struct_ref_seq.pdbx_auth_seq_align_beg 
_struct_ref_seq.pdbx_auth_seq_align_end 
1 1 8B2G A 1 ? 74 ? 8B2G 1 ? 74 ? 1 74 
2 1 8B2G B 1 ? 74 ? 8B2G 1 ? 74 ? 1 74 
# 
loop_
_pdbx_struct_assembly.id 
_pdbx_struct_assembly.details 
_pdbx_struct_assembly.method_details 
_pdbx_struct_assembly.oligomeric_details 
_pdbx_struct_assembly.oligomeric_count 
1 author_defined_assembly ? monomeric 1 
2 author_defined_assembly ? monomeric 1 
# 
loop_
_pdbx_struct_assembly_gen.assembly_id 
_pdbx_struct_assembly_gen.oper_expression 
_pdbx_struct_assembly_gen.asym_id_list 
1 1 A,C,D,E,H 
2 1 B,F,G,I   
# 
_pdbx_struct_assembly_auth_evidence.id                     1 
_pdbx_struct_assembly_auth_evidence.assembly_id            1 
_pdbx_struct_assembly_auth_evidence.experimental_support   none 
_pdbx_struct_assembly_auth_evidence.details                ? 
# 
_pdbx_struct_oper_list.id                   1 
_pdbx_struct_oper_list.type                 'identity operation' 
_pdbx_struct_oper_list.name                 1_555 
_pdbx_struct_oper_list.symmetry_operation   x,y,z 
_pdbx_struct_oper_list.matrix[1][1]         1.0000000000 
_pdbx_struct_oper_list.matrix[1][2]         0.0000000000 
_pdbx_struct_oper_list.matrix[1][3]         0.0000000000 
_pdbx_struct_oper_list.vector[1]            0.0000000000 
_pdbx_struct_oper_list.matrix[2][1]         0.0000000000 
_pdbx_struct_oper_list.matrix[2][2]         1.0000000000 
_pdbx_struct_oper_list.matrix[2][3]         0.0000000000 
_pdbx_struct_oper_list.vector[2]            0.0000000000 
_pdbx_struct_oper_list.matrix[3][1]         0.0000000000 
_pdbx_struct_oper_list.matrix[3][2]         0.0000000000 
_pdbx_struct_oper_list.matrix[3][3]         1.0000000000 
_pdbx_struct_oper_list.vector[3]            0.0000000000 
# 
loop_
_struct_conf.conf_type_id 
_struct_conf.id 
_struct_conf.pdbx_PDB_helix_id 
_struct_conf.beg_label_comp_id 
_struct_conf.beg_label_asym_id 
_struct_conf.beg_label_seq_id 
_struct_conf.pdbx_beg_PDB_ins_code 
_struct_conf.end_label_comp_id 
_struct_conf.end_label_asym_id 
_struct_conf.end_label_seq_id 
_struct_conf.pdbx_end_PDB_ins_code 
_struct_conf.beg_auth_comp_id 
_struct_conf.beg_auth_asym_id 
_struct_conf.beg_auth_seq_id 
_struct_conf.end_auth_comp_id 
_struct_conf.end_auth_asym_id 
_struct_conf.end_auth_seq_id 
_struct_conf.pdbx_PDB_helix_class 
_struct_conf.details 
_struct_conf.pdbx_PDB_helix_length 
HELX_P HELX_P1 AA1 TYR A 59 ? ILE A 61 ? TYR A 59 ILE A 61 5 ? 3 
HELX_P HELX_P2 AA2 TYR B 59 ? ILE B 61 ? TYR B 59 ILE B 61 5 ? 3 
# 
_struct_conf_type.id          HELX_P 
_struct_conf_type.criteria    ? 
_struct_conf_type.reference   ? 
# 
loop_
_struct_conn.id 
_struct_conn.conn_type_id 
_struct_conn.pdbx_leaving_atom_flag 
_struct_conn.pdbx_PDB_id 
_struct_conn.ptnr1_label_asym_id 
_struct_conn.ptnr1_label_comp_id 
_struct_conn.ptnr1_label_seq_id 
_struct_conn.ptnr1_label_atom_id 
_struct_conn.pdbx_ptnr1_label_alt_id 
_struct_conn.pdbx_ptnr1_PDB_ins_code 
_struct_conn.pdbx_ptnr1_standard_comp_id 
_struct_conn.ptnr1_symmetry 
_struct_conn.ptnr2_label_asym_id 
_struct_conn.ptnr2_label_comp_id 
_struct_conn.ptnr2_label_seq_id 
_struct_conn.ptnr2_label_atom_id 
_struct_conn.pdbx_ptnr2_label_alt_id 
_struct_conn.pdbx_ptnr2_PDB_ins_code 
_struct_conn.ptnr1_auth_asym_id 
_struct_conn.ptnr1_auth_comp_id 
_struct_conn.ptnr1_auth_seq_id 
_struct_conn.ptnr2_auth_asym_id 
_struct_conn.ptnr2_auth_comp_id 
_struct_conn.ptnr2_auth_seq_id 
_struct_conn.ptnr2_symmetry 
_struct_conn.pdbx_ptnr3_label_atom_id 
_struct_conn.pdbx_ptnr3_label_seq_id 
_struct_conn.pdbx_ptnr3_label_comp_id 
_struct_conn.pdbx_ptnr3_label_asym_id 
_struct_conn.pdbx_ptnr3_label_alt_id 
_struct_conn.pdbx_ptnr3_PDB_ins_code 
_struct_conn.details 
_struct_conn.pdbx_dist_value 
_struct_conn.pdbx_value_order 
_struct_conn.pdbx_role 
disulf1 disulf ? ? A CYS 10 SG  ? ? ? 1_555 A CYS 54 SG  ? ? A CYS 10  A CYS 54  1_555 ? ? ? ? ? ? ? 2.122 ? ? 
disulf2 disulf ? ? A CYS 34 SG  ? ? ? 1_555 A CYS 73 SG  ? ? A CYS 34  A CYS 73  1_555 ? ? ? ? ? ? ? 2.148 ? ? 
disulf3 disulf ? ? B CYS 10 SG  ? ? ? 1_555 B CYS 54 SG  ? ? B CYS 10  B CYS 54  1_555 ? ? ? ? ? ? ? 2.156 ? ? 
disulf4 disulf ? ? B CYS 34 SG  ? ? ? 1_555 B CYS 73 SG  ? ? B CYS 34  B CYS 73  1_555 ? ? ? ? ? ? ? 2.161 ? ? 
metalc1 metalc ? ? A TYR 1  N   ? ? ? 1_555 E ZN  .  ZN  ? ? A TYR 1   A ZN  103 1_555 ? ? ? ? ? ? ? 2.177 ? ? 
metalc2 metalc ? ? A ASP 29 OD1 ? ? ? 1_555 E ZN  .  ZN  ? ? A ASP 29  A ZN  103 1_555 ? ? ? ? ? ? ? 1.911 ? ? 
metalc3 metalc ? ? E ZN  .  ZN  ? ? ? 1_555 B TYR 1  N   ? ? A ZN  103 B TYR 1   1_555 ? ? ? ? ? ? ? 2.030 ? ? 
metalc4 metalc ? ? E ZN  .  ZN  ? ? ? 1_555 B ASP 29 OD1 ? ? A ZN  103 B ASP 29  1_555 ? ? ? ? ? ? ? 1.925 ? ? 
# 
loop_
_struct_conn_type.id 
_struct_conn_type.criteria 
_struct_conn_type.reference 
disulf ? ? 
metalc ? ? 
# 
loop_
_pdbx_struct_conn_angle.id 
_pdbx_struct_conn_angle.ptnr1_label_atom_id 
_pdbx_struct_conn_angle.ptnr1_label_alt_id 
_pdbx_struct_conn_angle.ptnr1_label_asym_id 
_pdbx_struct_conn_angle.ptnr1_label_comp_id 
_pdbx_struct_conn_angle.ptnr1_label_seq_id 
_pdbx_struct_conn_angle.ptnr1_auth_atom_id 
_pdbx_struct_conn_angle.ptnr1_auth_asym_id 
_pdbx_struct_conn_angle.ptnr1_auth_comp_id 
_pdbx_struct_conn_angle.ptnr1_auth_seq_id 
_pdbx_struct_conn_angle.ptnr1_PDB_ins_code 
_pdbx_struct_conn_angle.ptnr1_symmetry 
_pdbx_struct_conn_angle.ptnr2_label_atom_id 
_pdbx_struct_conn_angle.ptnr2_label_alt_id 
_pdbx_struct_conn_angle.ptnr2_label_asym_id 
_pdbx_struct_conn_angle.ptnr2_label_comp_id 
_pdbx_struct_conn_angle.ptnr2_label_seq_id 
_pdbx_struct_conn_angle.ptnr2_auth_atom_id 
_pdbx_struct_conn_angle.ptnr2_auth_asym_id 
_pdbx_struct_conn_angle.ptnr2_auth_comp_id 
_pdbx_struct_conn_angle.ptnr2_auth_seq_id 
_pdbx_struct_conn_angle.ptnr2_PDB_ins_code 
_pdbx_struct_conn_angle.ptnr2_symmetry 
_pdbx_struct_conn_angle.ptnr3_label_atom_id 
_pdbx_struct_conn_angle.ptnr3_label_alt_id 
_pdbx_struct_conn_angle.ptnr3_label_asym_id 
_pdbx_struct_conn_angle.ptnr3_label_comp_id 
_pdbx_struct_conn_angle.ptnr3_label_seq_id 
_pdbx_struct_conn_angle.ptnr3_auth_atom_id 
_pdbx_struct_conn_angle.ptnr3_auth_asym_id 
_pdbx_struct_conn_angle.ptnr3_auth_comp_id 
_pdbx_struct_conn_angle.ptnr3_auth_seq_id 
_pdbx_struct_conn_angle.ptnr3_PDB_ins_code 
_pdbx_struct_conn_angle.ptnr3_symmetry 
_pdbx_struct_conn_angle.value 
_pdbx_struct_conn_angle.value_esd 
1 N   ? A TYR 1  ? A TYR 1  ? 1_555 ZN ? E ZN . ? A ZN 103 ? 1_555 OD1 ? A ASP 29 ? A ASP 29 ? 1_555 108.0 ? 
2 N   ? A TYR 1  ? A TYR 1  ? 1_555 ZN ? E ZN . ? A ZN 103 ? 1_555 N   ? B TYR 1  ? B TYR 1  ? 1_555 108.7 ? 
3 OD1 ? A ASP 29 ? A ASP 29 ? 1_555 ZN ? E ZN . ? A ZN 103 ? 1_555 N   ? B TYR 1  ? B TYR 1  ? 1_555 116.5 ? 
4 N   ? A TYR 1  ? A TYR 1  ? 1_555 ZN ? E ZN . ? A ZN 103 ? 1_555 OD1 ? B ASP 29 ? B ASP 29 ? 1_555 116.0 ? 
5 OD1 ? A ASP 29 ? A ASP 29 ? 1_555 ZN ? E ZN . ? A ZN 103 ? 1_555 OD1 ? B ASP 29 ? B ASP 29 ? 1_555 94.5  ? 
6 N   ? B TYR 1  ? B TYR 1  ? 1_555 ZN ? E ZN . ? A ZN 103 ? 1_555 OD1 ? B ASP 29 ? B ASP 29 ? 1_555 112.6 ? 
# 
loop_
_pdbx_modification_feature.ordinal 
_pdbx_modification_feature.label_comp_id 
_pdbx_modification_feature.label_asym_id 
_pdbx_modification_feature.label_seq_id 
_pdbx_modification_feature.label_alt_id 
_pdbx_modification_feature.modified_residue_label_comp_id 
_pdbx_modification_feature.modified_residue_label_asym_id 
_pdbx_modification_feature.modified_residue_label_seq_id 
_pdbx_modification_feature.modified_residue_label_alt_id 
_pdbx_modification_feature.auth_comp_id 
_pdbx_modification_feature.auth_asym_id 
_pdbx_modification_feature.auth_seq_id 
_pdbx_modification_feature.PDB_ins_code 
_pdbx_modification_feature.symmetry 
_pdbx_modification_feature.modified_residue_auth_comp_id 
_pdbx_modification_feature.modified_residue_auth_asym_id 
_pdbx_modification_feature.modified_residue_auth_seq_id 
_pdbx_modification_feature.modified_residue_PDB_ins_code 
_pdbx_modification_feature.modified_residue_symmetry 
_pdbx_modification_feature.comp_id_linking_atom 
_pdbx_modification_feature.modified_residue_id_linking_atom 
_pdbx_modification_feature.modified_residue_id 
_pdbx_modification_feature.ref_pcm_id 
_pdbx_modification_feature.ref_comp_id 
_pdbx_modification_feature.type 
_pdbx_modification_feature.category 
1 CYS A 10 ? CYS A 54 ? CYS A 10 ? 1_555 CYS A 54 ? 1_555 SG SG . . . None 'Disulfide bridge' 
2 CYS A 34 ? CYS A 73 ? CYS A 34 ? 1_555 CYS A 73 ? 1_555 SG SG . . . None 'Disulfide bridge' 
3 CYS B 10 ? CYS B 54 ? CYS B 10 ? 1_555 CYS B 54 ? 1_555 SG SG . . . None 'Disulfide bridge' 
4 CYS B 34 ? CYS B 73 ? CYS B 34 ? 1_555 CYS B 73 ? 1_555 SG SG . . . None 'Disulfide bridge' 
# 
loop_
_struct_sheet.id 
_struct_sheet.type 
_struct_sheet.number_strands 
_struct_sheet.details 
AA1 ? 2 ? 
AA2 ? 3 ? 
AA3 ? 2 ? 
AA4 ? 3 ? 
# 
loop_
_struct_sheet_order.sheet_id 
_struct_sheet_order.range_id_1 
_struct_sheet_order.range_id_2 
_struct_sheet_order.offset 
_struct_sheet_order.sense 
AA1 1 2 ? anti-parallel 
AA2 1 2 ? anti-parallel 
AA2 2 3 ? anti-parallel 
AA3 1 2 ? anti-parallel 
AA4 1 2 ? anti-parallel 
AA4 2 3 ? anti-parallel 
# 
loop_
_struct_sheet_range.sheet_id 
_struct_sheet_range.id 
_struct_sheet_range.beg_label_comp_id 
_struct_sheet_range.beg_label_asym_id 
_struct_sheet_range.beg_label_seq_id 
_struct_sheet_range.pdbx_beg_PDB_ins_code 
_struct_sheet_range.end_label_comp_id 
_struct_sheet_range.end_label_asym_id 
_struct_sheet_range.end_label_seq_id 
_struct_sheet_range.pdbx_end_PDB_ins_code 
_struct_sheet_range.beg_auth_comp_id 
_struct_sheet_range.beg_auth_asym_id 
_struct_sheet_range.beg_auth_seq_id 
_struct_sheet_range.end_auth_comp_id 
_struct_sheet_range.end_auth_asym_id 
_struct_sheet_range.end_auth_seq_id 
AA1 1 VAL A 8  ? ARG A 11 ? VAL A 8  ARG A 11 
AA1 2 VAL A 20 ? TYR A 24 ? VAL A 20 TYR A 24 
AA2 1 ILE A 32 ? VAL A 41 ? ILE A 32 VAL A 41 
AA2 2 ASP A 44 ? THR A 50 ? ASP A 44 THR A 50 
AA2 3 TYR A 55 ? ALA A 57 ? TYR A 55 ALA A 57 
AA3 1 VAL B 8  ? ARG B 11 ? VAL B 8  ARG B 11 
AA3 2 VAL B 20 ? TYR B 24 ? VAL B 20 TYR B 24 
AA4 1 ILE B 32 ? VAL B 41 ? ILE B 32 VAL B 41 
AA4 2 ASP B 44 ? THR B 50 ? ASP B 44 THR B 50 
AA4 3 TYR B 55 ? ALA B 57 ? TYR B 55 ALA B 57 
# 
loop_
_pdbx_struct_sheet_hbond.sheet_id 
_pdbx_struct_sheet_hbond.range_id_1 
_pdbx_struct_sheet_hbond.range_id_2 
_pdbx_struct_sheet_hbond.range_1_label_atom_id 
_pdbx_struct_sheet_hbond.range_1_label_comp_id 
_pdbx_struct_sheet_hbond.range_1_label_asym_id 
_pdbx_struct_sheet_hbond.range_1_label_seq_id 
_pdbx_struct_sheet_hbond.range_1_PDB_ins_code 
_pdbx_struct_sheet_hbond.range_1_auth_atom_id 
_pdbx_struct_sheet_hbond.range_1_auth_comp_id 
_pdbx_struct_sheet_hbond.range_1_auth_asym_id 
_pdbx_struct_sheet_hbond.range_1_auth_seq_id 
_pdbx_struct_sheet_hbond.range_2_label_atom_id 
_pdbx_struct_sheet_hbond.range_2_label_comp_id 
_pdbx_struct_sheet_hbond.range_2_label_asym_id 
_pdbx_struct_sheet_hbond.range_2_label_seq_id 
_pdbx_struct_sheet_hbond.range_2_PDB_ins_code 
_pdbx_struct_sheet_hbond.range_2_auth_atom_id 
_pdbx_struct_sheet_hbond.range_2_auth_comp_id 
_pdbx_struct_sheet_hbond.range_2_auth_asym_id 
_pdbx_struct_sheet_hbond.range_2_auth_seq_id 
AA1 1 2 N CYS A 10 ? N CYS A 10 O VAL A 21 ? O VAL A 21 
AA2 1 2 N GLY A 38 ? N GLY A 38 O ASN A 45 ? O ASN A 45 
AA2 2 3 N ASP A 48 ? N ASP A 48 O VAL A 56 ? O VAL A 56 
AA3 1 2 N CYS B 10 ? N CYS B 10 O VAL B 21 ? O VAL B 21 
AA4 1 2 N ALA B 36 ? N ALA B 36 O TRP B 47 ? O TRP B 47 
AA4 2 3 N ASP B 48 ? N ASP B 48 O VAL B 56 ? O VAL B 56 
# 
_pdbx_entry_details.entry_id                   8B2G 
_pdbx_entry_details.has_ligand_of_interest     N 
_pdbx_entry_details.compound_details           ? 
_pdbx_entry_details.source_details             ? 
_pdbx_entry_details.nonpolymer_details         ? 
_pdbx_entry_details.sequence_details           ? 
_pdbx_entry_details.has_protein_modification   Y 
# 
_pdbx_validate_rmsd_angle.id                         1 
_pdbx_validate_rmsd_angle.PDB_model_num              1 
_pdbx_validate_rmsd_angle.auth_atom_id_1             NE 
_pdbx_validate_rmsd_angle.auth_asym_id_1             A 
_pdbx_validate_rmsd_angle.auth_comp_id_1             ARG 
_pdbx_validate_rmsd_angle.auth_seq_id_1              11 
_pdbx_validate_rmsd_angle.PDB_ins_code_1             ? 
_pdbx_validate_rmsd_angle.label_alt_id_1             ? 
_pdbx_validate_rmsd_angle.auth_atom_id_2             CZ 
_pdbx_validate_rmsd_angle.auth_asym_id_2             A 
_pdbx_validate_rmsd_angle.auth_comp_id_2             ARG 
_pdbx_validate_rmsd_angle.auth_seq_id_2              11 
_pdbx_validate_rmsd_angle.PDB_ins_code_2             ? 
_pdbx_validate_rmsd_angle.label_alt_id_2             ? 
_pdbx_validate_rmsd_angle.auth_atom_id_3             NH2 
_pdbx_validate_rmsd_angle.auth_asym_id_3             A 
_pdbx_validate_rmsd_angle.auth_comp_id_3             ARG 
_pdbx_validate_rmsd_angle.auth_seq_id_3              11 
_pdbx_validate_rmsd_angle.PDB_ins_code_3             ? 
_pdbx_validate_rmsd_angle.label_alt_id_3             ? 
_pdbx_validate_rmsd_angle.angle_value                116.99 
_pdbx_validate_rmsd_angle.angle_target_value         120.30 
_pdbx_validate_rmsd_angle.angle_deviation            -3.31 
_pdbx_validate_rmsd_angle.angle_standard_deviation   0.50 
_pdbx_validate_rmsd_angle.linker_flag                N 
# 
loop_
_pdbx_validate_torsion.id 
_pdbx_validate_torsion.PDB_model_num 
_pdbx_validate_torsion.auth_comp_id 
_pdbx_validate_torsion.auth_asym_id 
_pdbx_validate_torsion.auth_seq_id 
_pdbx_validate_torsion.PDB_ins_code 
_pdbx_validate_torsion.label_alt_id 
_pdbx_validate_torsion.phi 
_pdbx_validate_torsion.psi 
1 1 SER A 67 ? ? -124.98 -158.31 
2 1 SER B 67 ? ? -129.67 -156.57 
# 
loop_
_chem_comp_atom.comp_id 
_chem_comp_atom.atom_id 
_chem_comp_atom.type_symbol 
_chem_comp_atom.pdbx_aromatic_flag 
_chem_comp_atom.pdbx_stereo_config 
_chem_comp_atom.pdbx_ordinal 
ALA N    N  N N 1   
ALA CA   C  N S 2   
ALA C    C  N N 3   
ALA O    O  N N 4   
ALA CB   C  N N 5   
ALA OXT  O  N N 6   
ALA H    H  N N 7   
ALA H2   H  N N 8   
ALA HA   H  N N 9   
ALA HB1  H  N N 10  
ALA HB2  H  N N 11  
ALA HB3  H  N N 12  
ALA HXT  H  N N 13  
ARG N    N  N N 14  
ARG CA   C  N S 15  
ARG C    C  N N 16  
ARG O    O  N N 17  
ARG CB   C  N N 18  
ARG CG   C  N N 19  
ARG CD   C  N N 20  
ARG NE   N  N N 21  
ARG CZ   C  N N 22  
ARG NH1  N  N N 23  
ARG NH2  N  N N 24  
ARG OXT  O  N N 25  
ARG H    H  N N 26  
ARG H2   H  N N 27  
ARG HA   H  N N 28  
ARG HB2  H  N N 29  
ARG HB3  H  N N 30  
ARG HG2  H  N N 31  
ARG HG3  H  N N 32  
ARG HD2  H  N N 33  
ARG HD3  H  N N 34  
ARG HE   H  N N 35  
ARG HH11 H  N N 36  
ARG HH12 H  N N 37  
ARG HH21 H  N N 38  
ARG HH22 H  N N 39  
ARG HXT  H  N N 40  
ASN N    N  N N 41  
ASN CA   C  N S 42  
ASN C    C  N N 43  
ASN O    O  N N 44  
ASN CB   C  N N 45  
ASN CG   C  N N 46  
ASN OD1  O  N N 47  
ASN ND2  N  N N 48  
ASN OXT  O  N N 49  
ASN H    H  N N 50  
ASN H2   H  N N 51  
ASN HA   H  N N 52  
ASN HB2  H  N N 53  
ASN HB3  H  N N 54  
ASN HD21 H  N N 55  
ASN HD22 H  N N 56  
ASN HXT  H  N N 57  
ASP N    N  N N 58  
ASP CA   C  N S 59  
ASP C    C  N N 60  
ASP O    O  N N 61  
ASP CB   C  N N 62  
ASP CG   C  N N 63  
ASP OD1  O  N N 64  
ASP OD2  O  N N 65  
ASP OXT  O  N N 66  
ASP H    H  N N 67  
ASP H2   H  N N 68  
ASP HA   H  N N 69  
ASP HB2  H  N N 70  
ASP HB3  H  N N 71  
ASP HD2  H  N N 72  
ASP HXT  H  N N 73  
CYS N    N  N N 74  
CYS CA   C  N R 75  
CYS C    C  N N 76  
CYS O    O  N N 77  
CYS CB   C  N N 78  
CYS SG   S  N N 79  
CYS OXT  O  N N 80  
CYS H    H  N N 81  
CYS H2   H  N N 82  
CYS HA   H  N N 83  
CYS HB2  H  N N 84  
CYS HB3  H  N N 85  
CYS HG   H  N N 86  
CYS HXT  H  N N 87  
EDO C1   C  N N 88  
EDO O1   O  N N 89  
EDO C2   C  N N 90  
EDO O2   O  N N 91  
EDO H11  H  N N 92  
EDO H12  H  N N 93  
EDO HO1  H  N N 94  
EDO H21  H  N N 95  
EDO H22  H  N N 96  
EDO HO2  H  N N 97  
GLN N    N  N N 98  
GLN CA   C  N S 99  
GLN C    C  N N 100 
GLN O    O  N N 101 
GLN CB   C  N N 102 
GLN CG   C  N N 103 
GLN CD   C  N N 104 
GLN OE1  O  N N 105 
GLN NE2  N  N N 106 
GLN OXT  O  N N 107 
GLN H    H  N N 108 
GLN H2   H  N N 109 
GLN HA   H  N N 110 
GLN HB2  H  N N 111 
GLN HB3  H  N N 112 
GLN HG2  H  N N 113 
GLN HG3  H  N N 114 
GLN HE21 H  N N 115 
GLN HE22 H  N N 116 
GLN HXT  H  N N 117 
GLY N    N  N N 118 
GLY CA   C  N N 119 
GLY C    C  N N 120 
GLY O    O  N N 121 
GLY OXT  O  N N 122 
GLY H    H  N N 123 
GLY H2   H  N N 124 
GLY HA2  H  N N 125 
GLY HA3  H  N N 126 
GLY HXT  H  N N 127 
HOH O    O  N N 128 
HOH H1   H  N N 129 
HOH H2   H  N N 130 
ILE N    N  N N 131 
ILE CA   C  N S 132 
ILE C    C  N N 133 
ILE O    O  N N 134 
ILE CB   C  N S 135 
ILE CG1  C  N N 136 
ILE CG2  C  N N 137 
ILE CD1  C  N N 138 
ILE OXT  O  N N 139 
ILE H    H  N N 140 
ILE H2   H  N N 141 
ILE HA   H  N N 142 
ILE HB   H  N N 143 
ILE HG12 H  N N 144 
ILE HG13 H  N N 145 
ILE HG21 H  N N 146 
ILE HG22 H  N N 147 
ILE HG23 H  N N 148 
ILE HD11 H  N N 149 
ILE HD12 H  N N 150 
ILE HD13 H  N N 151 
ILE HXT  H  N N 152 
LYS N    N  N N 153 
LYS CA   C  N S 154 
LYS C    C  N N 155 
LYS O    O  N N 156 
LYS CB   C  N N 157 
LYS CG   C  N N 158 
LYS CD   C  N N 159 
LYS CE   C  N N 160 
LYS NZ   N  N N 161 
LYS OXT  O  N N 162 
LYS H    H  N N 163 
LYS H2   H  N N 164 
LYS HA   H  N N 165 
LYS HB2  H  N N 166 
LYS HB3  H  N N 167 
LYS HG2  H  N N 168 
LYS HG3  H  N N 169 
LYS HD2  H  N N 170 
LYS HD3  H  N N 171 
LYS HE2  H  N N 172 
LYS HE3  H  N N 173 
LYS HZ1  H  N N 174 
LYS HZ2  H  N N 175 
LYS HZ3  H  N N 176 
LYS HXT  H  N N 177 
PRO N    N  N N 178 
PRO CA   C  N S 179 
PRO C    C  N N 180 
PRO O    O  N N 181 
PRO CB   C  N N 182 
PRO CG   C  N N 183 
PRO CD   C  N N 184 
PRO OXT  O  N N 185 
PRO H    H  N N 186 
PRO HA   H  N N 187 
PRO HB2  H  N N 188 
PRO HB3  H  N N 189 
PRO HG2  H  N N 190 
PRO HG3  H  N N 191 
PRO HD2  H  N N 192 
PRO HD3  H  N N 193 
PRO HXT  H  N N 194 
SER N    N  N N 195 
SER CA   C  N S 196 
SER C    C  N N 197 
SER O    O  N N 198 
SER CB   C  N N 199 
SER OG   O  N N 200 
SER OXT  O  N N 201 
SER H    H  N N 202 
SER H2   H  N N 203 
SER HA   H  N N 204 
SER HB2  H  N N 205 
SER HB3  H  N N 206 
SER HG   H  N N 207 
SER HXT  H  N N 208 
THR N    N  N N 209 
THR CA   C  N S 210 
THR C    C  N N 211 
THR O    O  N N 212 
THR CB   C  N R 213 
THR OG1  O  N N 214 
THR CG2  C  N N 215 
THR OXT  O  N N 216 
THR H    H  N N 217 
THR H2   H  N N 218 
THR HA   H  N N 219 
THR HB   H  N N 220 
THR HG1  H  N N 221 
THR HG21 H  N N 222 
THR HG22 H  N N 223 
THR HG23 H  N N 224 
THR HXT  H  N N 225 
TRP N    N  N N 226 
TRP CA   C  N S 227 
TRP C    C  N N 228 
TRP O    O  N N 229 
TRP CB   C  N N 230 
TRP CG   C  Y N 231 
TRP CD1  C  Y N 232 
TRP CD2  C  Y N 233 
TRP NE1  N  Y N 234 
TRP CE2  C  Y N 235 
TRP CE3  C  Y N 236 
TRP CZ2  C  Y N 237 
TRP CZ3  C  Y N 238 
TRP CH2  C  Y N 239 
TRP OXT  O  N N 240 
TRP H    H  N N 241 
TRP H2   H  N N 242 
TRP HA   H  N N 243 
TRP HB2  H  N N 244 
TRP HB3  H  N N 245 
TRP HD1  H  N N 246 
TRP HE1  H  N N 247 
TRP HE3  H  N N 248 
TRP HZ2  H  N N 249 
TRP HZ3  H  N N 250 
TRP HH2  H  N N 251 
TRP HXT  H  N N 252 
TYR N    N  N N 253 
TYR CA   C  N S 254 
TYR C    C  N N 255 
TYR O    O  N N 256 
TYR CB   C  N N 257 
TYR CG   C  Y N 258 
TYR CD1  C  Y N 259 
TYR CD2  C  Y N 260 
TYR CE1  C  Y N 261 
TYR CE2  C  Y N 262 
TYR CZ   C  Y N 263 
TYR OH   O  N N 264 
TYR OXT  O  N N 265 
TYR H    H  N N 266 
TYR H2   H  N N 267 
TYR HA   H  N N 268 
TYR HB2  H  N N 269 
TYR HB3  H  N N 270 
TYR HD1  H  N N 271 
TYR HD2  H  N N 272 
TYR HE1  H  N N 273 
TYR HE2  H  N N 274 
TYR HH   H  N N 275 
TYR HXT  H  N N 276 
VAL N    N  N N 277 
VAL CA   C  N S 278 
VAL C    C  N N 279 
VAL O    O  N N 280 
VAL CB   C  N N 281 
VAL CG1  C  N N 282 
VAL CG2  C  N N 283 
VAL OXT  O  N N 284 
VAL H    H  N N 285 
VAL H2   H  N N 286 
VAL HA   H  N N 287 
VAL HB   H  N N 288 
VAL HG11 H  N N 289 
VAL HG12 H  N N 290 
VAL HG13 H  N N 291 
VAL HG21 H  N N 292 
VAL HG22 H  N N 293 
VAL HG23 H  N N 294 
VAL HXT  H  N N 295 
ZN  ZN   ZN N N 296 
# 
loop_
_chem_comp_bond.comp_id 
_chem_comp_bond.atom_id_1 
_chem_comp_bond.atom_id_2 
_chem_comp_bond.value_order 
_chem_comp_bond.pdbx_aromatic_flag 
_chem_comp_bond.pdbx_stereo_config 
_chem_comp_bond.pdbx_ordinal 
ALA N   CA   sing N N 1   
ALA N   H    sing N N 2   
ALA N   H2   sing N N 3   
ALA CA  C    sing N N 4   
ALA CA  CB   sing N N 5   
ALA CA  HA   sing N N 6   
ALA C   O    doub N N 7   
ALA C   OXT  sing N N 8   
ALA CB  HB1  sing N N 9   
ALA CB  HB2  sing N N 10  
ALA CB  HB3  sing N N 11  
ALA OXT HXT  sing N N 12  
ARG N   CA   sing N N 13  
ARG N   H    sing N N 14  
ARG N   H2   sing N N 15  
ARG CA  C    sing N N 16  
ARG CA  CB   sing N N 17  
ARG CA  HA   sing N N 18  
ARG C   O    doub N N 19  
ARG C   OXT  sing N N 20  
ARG CB  CG   sing N N 21  
ARG CB  HB2  sing N N 22  
ARG CB  HB3  sing N N 23  
ARG CG  CD   sing N N 24  
ARG CG  HG2  sing N N 25  
ARG CG  HG3  sing N N 26  
ARG CD  NE   sing N N 27  
ARG CD  HD2  sing N N 28  
ARG CD  HD3  sing N N 29  
ARG NE  CZ   sing N N 30  
ARG NE  HE   sing N N 31  
ARG CZ  NH1  sing N N 32  
ARG CZ  NH2  doub N N 33  
ARG NH1 HH11 sing N N 34  
ARG NH1 HH12 sing N N 35  
ARG NH2 HH21 sing N N 36  
ARG NH2 HH22 sing N N 37  
ARG OXT HXT  sing N N 38  
ASN N   CA   sing N N 39  
ASN N   H    sing N N 40  
ASN N   H2   sing N N 41  
ASN CA  C    sing N N 42  
ASN CA  CB   sing N N 43  
ASN CA  HA   sing N N 44  
ASN C   O    doub N N 45  
ASN C   OXT  sing N N 46  
ASN CB  CG   sing N N 47  
ASN CB  HB2  sing N N 48  
ASN CB  HB3  sing N N 49  
ASN CG  OD1  doub N N 50  
ASN CG  ND2  sing N N 51  
ASN ND2 HD21 sing N N 52  
ASN ND2 HD22 sing N N 53  
ASN OXT HXT  sing N N 54  
ASP N   CA   sing N N 55  
ASP N   H    sing N N 56  
ASP N   H2   sing N N 57  
ASP CA  C    sing N N 58  
ASP CA  CB   sing N N 59  
ASP CA  HA   sing N N 60  
ASP C   O    doub N N 61  
ASP C   OXT  sing N N 62  
ASP CB  CG   sing N N 63  
ASP CB  HB2  sing N N 64  
ASP CB  HB3  sing N N 65  
ASP CG  OD1  doub N N 66  
ASP CG  OD2  sing N N 67  
ASP OD2 HD2  sing N N 68  
ASP OXT HXT  sing N N 69  
CYS N   CA   sing N N 70  
CYS N   H    sing N N 71  
CYS N   H2   sing N N 72  
CYS CA  C    sing N N 73  
CYS CA  CB   sing N N 74  
CYS CA  HA   sing N N 75  
CYS C   O    doub N N 76  
CYS C   OXT  sing N N 77  
CYS CB  SG   sing N N 78  
CYS CB  HB2  sing N N 79  
CYS CB  HB3  sing N N 80  
CYS SG  HG   sing N N 81  
CYS OXT HXT  sing N N 82  
EDO C1  O1   sing N N 83  
EDO C1  C2   sing N N 84  
EDO C1  H11  sing N N 85  
EDO C1  H12  sing N N 86  
EDO O1  HO1  sing N N 87  
EDO C2  O2   sing N N 88  
EDO C2  H21  sing N N 89  
EDO C2  H22  sing N N 90  
EDO O2  HO2  sing N N 91  
GLN N   CA   sing N N 92  
GLN N   H    sing N N 93  
GLN N   H2   sing N N 94  
GLN CA  C    sing N N 95  
GLN CA  CB   sing N N 96  
GLN CA  HA   sing N N 97  
GLN C   O    doub N N 98  
GLN C   OXT  sing N N 99  
GLN CB  CG   sing N N 100 
GLN CB  HB2  sing N N 101 
GLN CB  HB3  sing N N 102 
GLN CG  CD   sing N N 103 
GLN CG  HG2  sing N N 104 
GLN CG  HG3  sing N N 105 
GLN CD  OE1  doub N N 106 
GLN CD  NE2  sing N N 107 
GLN NE2 HE21 sing N N 108 
GLN NE2 HE22 sing N N 109 
GLN OXT HXT  sing N N 110 
GLY N   CA   sing N N 111 
GLY N   H    sing N N 112 
GLY N   H2   sing N N 113 
GLY CA  C    sing N N 114 
GLY CA  HA2  sing N N 115 
GLY CA  HA3  sing N N 116 
GLY C   O    doub N N 117 
GLY C   OXT  sing N N 118 
GLY OXT HXT  sing N N 119 
HOH O   H1   sing N N 120 
HOH O   H2   sing N N 121 
ILE N   CA   sing N N 122 
ILE N   H    sing N N 123 
ILE N   H2   sing N N 124 
ILE CA  C    sing N N 125 
ILE CA  CB   sing N N 126 
ILE CA  HA   sing N N 127 
ILE C   O    doub N N 128 
ILE C   OXT  sing N N 129 
ILE CB  CG1  sing N N 130 
ILE CB  CG2  sing N N 131 
ILE CB  HB   sing N N 132 
ILE CG1 CD1  sing N N 133 
ILE CG1 HG12 sing N N 134 
ILE CG1 HG13 sing N N 135 
ILE CG2 HG21 sing N N 136 
ILE CG2 HG22 sing N N 137 
ILE CG2 HG23 sing N N 138 
ILE CD1 HD11 sing N N 139 
ILE CD1 HD12 sing N N 140 
ILE CD1 HD13 sing N N 141 
ILE OXT HXT  sing N N 142 
LYS N   CA   sing N N 143 
LYS N   H    sing N N 144 
LYS N   H2   sing N N 145 
LYS CA  C    sing N N 146 
LYS CA  CB   sing N N 147 
LYS CA  HA   sing N N 148 
LYS C   O    doub N N 149 
LYS C   OXT  sing N N 150 
LYS CB  CG   sing N N 151 
LYS CB  HB2  sing N N 152 
LYS CB  HB3  sing N N 153 
LYS CG  CD   sing N N 154 
LYS CG  HG2  sing N N 155 
LYS CG  HG3  sing N N 156 
LYS CD  CE   sing N N 157 
LYS CD  HD2  sing N N 158 
LYS CD  HD3  sing N N 159 
LYS CE  NZ   sing N N 160 
LYS CE  HE2  sing N N 161 
LYS CE  HE3  sing N N 162 
LYS NZ  HZ1  sing N N 163 
LYS NZ  HZ2  sing N N 164 
LYS NZ  HZ3  sing N N 165 
LYS OXT HXT  sing N N 166 
PRO N   CA   sing N N 167 
PRO N   CD   sing N N 168 
PRO N   H    sing N N 169 
PRO CA  C    sing N N 170 
PRO CA  CB   sing N N 171 
PRO CA  HA   sing N N 172 
PRO C   O    doub N N 173 
PRO C   OXT  sing N N 174 
PRO CB  CG   sing N N 175 
PRO CB  HB2  sing N N 176 
PRO CB  HB3  sing N N 177 
PRO CG  CD   sing N N 178 
PRO CG  HG2  sing N N 179 
PRO CG  HG3  sing N N 180 
PRO CD  HD2  sing N N 181 
PRO CD  HD3  sing N N 182 
PRO OXT HXT  sing N N 183 
SER N   CA   sing N N 184 
SER N   H    sing N N 185 
SER N   H2   sing N N 186 
SER CA  C    sing N N 187 
SER CA  CB   sing N N 188 
SER CA  HA   sing N N 189 
SER C   O    doub N N 190 
SER C   OXT  sing N N 191 
SER CB  OG   sing N N 192 
SER CB  HB2  sing N N 193 
SER CB  HB3  sing N N 194 
SER OG  HG   sing N N 195 
SER OXT HXT  sing N N 196 
THR N   CA   sing N N 197 
THR N   H    sing N N 198 
THR N   H2   sing N N 199 
THR CA  C    sing N N 200 
THR CA  CB   sing N N 201 
THR CA  HA   sing N N 202 
THR C   O    doub N N 203 
THR C   OXT  sing N N 204 
THR CB  OG1  sing N N 205 
THR CB  CG2  sing N N 206 
THR CB  HB   sing N N 207 
THR OG1 HG1  sing N N 208 
THR CG2 HG21 sing N N 209 
THR CG2 HG22 sing N N 210 
THR CG2 HG23 sing N N 211 
THR OXT HXT  sing N N 212 
TRP N   CA   sing N N 213 
TRP N   H    sing N N 214 
TRP N   H2   sing N N 215 
TRP CA  C    sing N N 216 
TRP CA  CB   sing N N 217 
TRP CA  HA   sing N N 218 
TRP C   O    doub N N 219 
TRP C   OXT  sing N N 220 
TRP CB  CG   sing N N 221 
TRP CB  HB2  sing N N 222 
TRP CB  HB3  sing N N 223 
TRP CG  CD1  doub Y N 224 
TRP CG  CD2  sing Y N 225 
TRP CD1 NE1  sing Y N 226 
TRP CD1 HD1  sing N N 227 
TRP CD2 CE2  doub Y N 228 
TRP CD2 CE3  sing Y N 229 
TRP NE1 CE2  sing Y N 230 
TRP NE1 HE1  sing N N 231 
TRP CE2 CZ2  sing Y N 232 
TRP CE3 CZ3  doub Y N 233 
TRP CE3 HE3  sing N N 234 
TRP CZ2 CH2  doub Y N 235 
TRP CZ2 HZ2  sing N N 236 
TRP CZ3 CH2  sing Y N 237 
TRP CZ3 HZ3  sing N N 238 
TRP CH2 HH2  sing N N 239 
TRP OXT HXT  sing N N 240 
TYR N   CA   sing N N 241 
TYR N   H    sing N N 242 
TYR N   H2   sing N N 243 
TYR CA  C    sing N N 244 
TYR CA  CB   sing N N 245 
TYR CA  HA   sing N N 246 
TYR C   O    doub N N 247 
TYR C   OXT  sing N N 248 
TYR CB  CG   sing N N 249 
TYR CB  HB2  sing N N 250 
TYR CB  HB3  sing N N 251 
TYR CG  CD1  doub Y N 252 
TYR CG  CD2  sing Y N 253 
TYR CD1 CE1  sing Y N 254 
TYR CD1 HD1  sing N N 255 
TYR CD2 CE2  doub Y N 256 
TYR CD2 HD2  sing N N 257 
TYR CE1 CZ   doub Y N 258 
TYR CE1 HE1  sing N N 259 
TYR CE2 CZ   sing Y N 260 
TYR CE2 HE2  sing N N 261 
TYR CZ  OH   sing N N 262 
TYR OH  HH   sing N N 263 
TYR OXT HXT  sing N N 264 
VAL N   CA   sing N N 265 
VAL N   H    sing N N 266 
VAL N   H2   sing N N 267 
VAL CA  C    sing N N 268 
VAL CA  CB   sing N N 269 
VAL CA  HA   sing N N 270 
VAL C   O    doub N N 271 
VAL C   OXT  sing N N 272 
VAL CB  CG1  sing N N 273 
VAL CB  CG2  sing N N 274 
VAL CB  HB   sing N N 275 
VAL CG1 HG11 sing N N 276 
VAL CG1 HG12 sing N N 277 
VAL CG1 HG13 sing N N 278 
VAL CG2 HG21 sing N N 279 
VAL CG2 HG22 sing N N 280 
VAL CG2 HG23 sing N N 281 
VAL OXT HXT  sing N N 282 
# 
_pdbx_audit_support.funding_organization   'Not funded' 
_pdbx_audit_support.country                ? 
_pdbx_audit_support.grant_number           ? 
_pdbx_audit_support.ordinal                1 
# 
_pdbx_initial_refinement_model.id               1 
_pdbx_initial_refinement_model.entity_id_list   ? 
_pdbx_initial_refinement_model.type             'experimental model' 
_pdbx_initial_refinement_model.source_name      PDB 
_pdbx_initial_refinement_model.accession_code   8B2S 
_pdbx_initial_refinement_model.details          ? 
# 
loop_
_pdbx_reflns_twin.domain_id 
_pdbx_reflns_twin.operator 
_pdbx_reflns_twin.fraction 
_pdbx_reflns_twin.type 
_pdbx_reflns_twin.crystal_id 
_pdbx_reflns_twin.diffrn_id 
1 'H,  K,  L'  0.7624 pseudo-merohedral 1 1 
2 '-L, -K, -H' 0.2376 pseudo-merohedral 2 2 
# 
_atom_sites.entry_id                    8B2G 
_atom_sites.Cartn_transf_matrix[1][1]   ? 
_atom_sites.Cartn_transf_matrix[1][2]   ? 
_atom_sites.Cartn_transf_matrix[1][3]   ? 
_atom_sites.Cartn_transf_matrix[2][1]   ? 
_atom_sites.Cartn_transf_matrix[2][2]   ? 
_atom_sites.Cartn_transf_matrix[2][3]   ? 
_atom_sites.Cartn_transf_matrix[3][1]   ? 
_atom_sites.Cartn_transf_matrix[3][2]   ? 
_atom_sites.Cartn_transf_matrix[3][3]   ? 
_atom_sites.Cartn_transf_vector[1]      ? 
_atom_sites.Cartn_transf_vector[2]      ? 
_atom_sites.Cartn_transf_vector[3]      ? 
_atom_sites.fract_transf_matrix[1][1]   -0.00872653 
_atom_sites.fract_transf_matrix[1][2]   0.02764572 
_atom_sites.fract_transf_matrix[1][3]   0.00719482 
_atom_sites.fract_transf_matrix[2][1]   0.00208877 
_atom_sites.fract_transf_matrix[2][2]   0.00479153 
_atom_sites.fract_transf_matrix[2][3]   -0.01587775 
_atom_sites.fract_transf_matrix[3][1]   -0.02954951 
_atom_sites.fract_transf_matrix[3][2]   0.00357297 
_atom_sites.fract_transf_matrix[3][3]   -0.00280910 
_atom_sites.fract_transf_vector[1]      0.227949 
_atom_sites.fract_transf_vector[2]      0.083149 
_atom_sites.fract_transf_vector[3]      0.345220 
_atom_sites.solution_primary            ? 
_atom_sites.solution_secondary          ? 
_atom_sites.solution_hydrogens          ? 
_atom_sites.special_details             ? 
# 
loop_
_atom_type.symbol 
_atom_type.pdbx_scat_Z 
_atom_type.pdbx_N_electrons 
_atom_type.scat_Cromer_Mann_a1 
_atom_type.scat_Cromer_Mann_b1 
_atom_type.scat_Cromer_Mann_a2 
_atom_type.scat_Cromer_Mann_b2 
_atom_type.scat_Cromer_Mann_a3 
_atom_type.scat_Cromer_Mann_b3 
_atom_type.scat_Cromer_Mann_a4 
_atom_type.scat_Cromer_Mann_b4 
_atom_type.scat_Cromer_Mann_c 
C  6  6  2.310  20.844 1.020 10.208 1.589 0.569  0.865 51.651 0.216   
H  1  1  0.493  10.511 0.323 26.126 0.140 3.142  0.041 57.800 0.003   
N  7  7  12.222 0.006  3.135 9.893  2.014 28.997 1.167 0.583  -11.538 
O  8  8  3.049  13.277 2.287 5.701  1.546 0.324  0.867 32.909 0.251   
S  16 16 6.905  1.468  5.203 22.215 1.438 0.254  1.586 56.172 1.129   
ZN 30 30 14.081 3.266  7.035 0.233  5.168 10.316 2.411 58.710 -5.532  
# 
loop_
_atom_site.group_PDB 
_atom_site.id 
_atom_site.type_symbol 
_atom_site.label_atom_id 
_atom_site.label_alt_id 
_atom_site.label_comp_id 
_atom_site.label_asym_id 
_atom_site.label_entity_id 
_atom_site.label_seq_id 
_atom_site.pdbx_PDB_ins_code 
_atom_site.Cartn_x 
_atom_site.Cartn_y 
_atom_site.Cartn_z 
_atom_site.occupancy 
_atom_site.B_iso_or_equiv 
_atom_site.pdbx_formal_charge 
_atom_site.auth_seq_id 
_atom_site.auth_comp_id 
_atom_site.auth_asym_id 
_atom_site.auth_atom_id 
_atom_site.pdbx_PDB_model_num 
_atom_site.calc_flag 
ATOM   1    N  N   . TYR A 1 1  ? 0.334   1.644   1.075   1.000 14.516 0 1   TYR A N   1 ? 
ATOM   2    C  CA  . TYR A 1 1  ? 0.829   0.423   1.741   1.000 14.368 0 1   TYR A CA  1 ? 
ATOM   3    C  C   . TYR A 1 1  ? 0.227   0.296   3.099   1.000 13.919 0 1   TYR A C   1 ? 
ATOM   4    O  O   . TYR A 1 1  ? -0.193  1.283   3.651   1.000 14.712 0 1   TYR A O   1 ? 
ATOM   5    C  CB  . TYR A 1 1  ? 2.330   0.445   1.973   1.000 14.265 0 1   TYR A CB  1 ? 
ATOM   6    C  CG  . TYR A 1 1  ? 3.129   0.536   0.704   1.000 12.644 0 1   TYR A CG  1 ? 
ATOM   7    C  CD1 . TYR A 1 1  ? 3.539   -0.637  0.103   1.000 13.733 0 1   TYR A CD1 1 ? 
ATOM   8    C  CD2 . TYR A 1 1  ? 3.535   1.749   0.137   1.000 12.862 0 1   TYR A CD2 1 ? 
ATOM   9    C  CE1 . TYR A 1 1  ? 4.346   -0.631  -1.016  1.000 13.371 0 1   TYR A CE1 1 ? 
ATOM   10   C  CE2 . TYR A 1 1  ? 4.389   1.754   -0.968  1.000 14.677 0 1   TYR A CE2 1 ? 
ATOM   11   C  CZ  . TYR A 1 1  ? 4.740   0.565   -1.592  1.000 14.010 0 1   TYR A CZ  1 ? 
ATOM   12   O  OH  . TYR A 1 1  ? 5.550   0.577   -2.740  1.000 16.530 0 1   TYR A OH  1 ? 
ATOM   13   N  N   . PRO A 1 2  ? 0.144   -0.912  3.677   1.000 13.406 0 2   PRO A N   1 ? 
ATOM   14   C  CA  . PRO A 1 2  ? -0.544  -1.014  4.986   1.000 15.573 0 2   PRO A CA  1 ? 
ATOM   15   C  C   . PRO A 1 2  ? 0.309   -0.776  6.228   1.000 16.490 0 2   PRO A C   1 ? 
ATOM   16   O  O   . PRO A 1 2  ? 1.498   -1.089  6.228   1.000 14.848 0 2   PRO A O   1 ? 
ATOM   17   C  CB  . PRO A 1 2  ? -1.119  -2.430  5.007   1.000 18.403 0 2   PRO A CB  1 ? 
ATOM   18   C  CG  . PRO A 1 2  ? -0.286  -3.171  4.004   1.000 15.327 0 2   PRO A CG  1 ? 
ATOM   19   C  CD  . PRO A 1 2  ? 0.359   -2.216  3.028   1.000 15.821 0 2   PRO A CD  1 ? 
ATOM   20   N  N   . ILE A 1 3  ? -0.307  -0.219  7.283   1.000 15.587 0 3   ILE A N   1 ? 
ATOM   21   C  CA  . ILE A 1 3  ? 0.326   -0.025  8.589   1.000 16.950 0 3   ILE A CA  1 ? 
ATOM   22   C  C   . ILE A 1 3  ? 0.368   -1.360  9.325   1.000 16.411 0 3   ILE A C   1 ? 
ATOM   23   O  O   . ILE A 1 3  ? -0.661  -2.012  9.422   1.000 19.656 0 3   ILE A O   1 ? 
ATOM   24   C  CB  . ILE A 1 3  ? -0.429  0.998   9.450   1.000 19.542 0 3   ILE A CB  1 ? 
ATOM   25   C  CG1 . ILE A 1 3  ? -0.626  2.357   8.774   1.000 20.089 0 3   ILE A CG1 1 ? 
ATOM   26   C  CG2 . ILE A 1 3  ? 0.194   1.156   10.819  1.000 19.381 0 3   ILE A CG2 1 ? 
ATOM   27   C  CD1 . ILE A 1 3  ? 0.575   3.222   8.680   1.000 20.702 0 3   ILE A CD1 1 ? 
ATOM   28   N  N   . THR A 1 4  ? 1.537   -1.714  9.866   1.000 19.131 0 4   THR A N   1 ? 
ATOM   29   C  CA  . THR A 1 4  ? 1.693   -2.963  10.596  1.000 20.789 0 4   THR A CA  1 ? 
ATOM   30   C  C   . THR A 1 4  ? 1.822   -2.752  12.105  1.000 21.973 0 4   THR A C   1 ? 
ATOM   31   O  O   . THR A 1 4  ? 1.716   -3.720  12.875  1.000 25.376 0 4   THR A O   1 ? 
ATOM   32   C  CB  . THR A 1 4  ? 2.918   -3.729  10.095  1.000 20.557 0 4   THR A CB  1 ? 
ATOM   33   O  OG1 . THR A 1 4  ? 4.064   -2.959  10.437  1.000 25.744 0 4   THR A OG1 1 ? 
ATOM   34   C  CG2 . THR A 1 4  ? 2.903   -3.952  8.595   1.000 22.212 0 4   THR A CG2 1 ? 
ATOM   35   N  N   . GLY A 1 5  ? 2.033   -1.517  12.557  1.000 21.464 0 5   GLY A N   1 ? 
ATOM   36   C  CA  . GLY A 1 5  ? 2.111   -1.276  13.993  1.000 22.495 0 5   GLY A CA  1 ? 
ATOM   37   C  C   . GLY A 1 5  ? 0.719   -1.137  14.595  1.000 21.767 0 5   GLY A C   1 ? 
ATOM   38   O  O   . GLY A 1 5  ? -0.199  -0.798  13.885  1.000 25.149 0 5   GLY A O   1 ? 
ATOM   39   N  N   . ASP A 1 6  ? 0.610   -1.382  15.915  1.000 27.642 0 6   ASP A N   1 ? 
ATOM   40   C  CA  . ASP A 1 6  ? -0.670  -1.349  16.603  1.000 29.241 0 6   ASP A CA  1 ? 
ATOM   41   C  C   . ASP A 1 6  ? -0.928  0.069   17.114  1.000 31.277 0 6   ASP A C   1 ? 
ATOM   42   O  O   . ASP A 1 6  ? -0.837  0.341   18.317  1.000 28.525 0 6   ASP A O   1 ? 
ATOM   43   C  CB  . ASP A 1 6  ? -0.662  -2.354  17.766  1.000 34.712 0 6   ASP A CB  1 ? 
ATOM   44   C  CG  . ASP A 1 6  ? -2.021  -2.665  18.366  1.000 42.185 0 6   ASP A CG  1 ? 
ATOM   45   O  OD1 . ASP A 1 6  ? -3.053  -2.371  17.697  1.000 45.359 0 6   ASP A OD1 1 ? 
ATOM   46   O  OD2 . ASP A 1 6  ? -2.029  -3.171  19.516  1.000 49.073 0 6   ASP A OD2 1 ? 
ATOM   47   N  N   . GLY A 1 7  ? -1.313  0.959   16.197  1.000 25.823 0 7   GLY A N   1 ? 
ATOM   48   C  CA  . GLY A 1 7  ? -1.493  2.360   16.539  1.000 23.893 0 7   GLY A CA  1 ? 
ATOM   49   C  C   . GLY A 1 7  ? -0.170  3.090   16.375  1.000 23.117 0 7   GLY A C   1 ? 
ATOM   50   O  O   . GLY A 1 7  ? 0.743   2.991   17.200  1.000 21.471 0 7   GLY A O   1 ? 
ATOM   51   N  N   . VAL A 1 8  ? -0.018  3.754   15.234  1.000 20.084 0 8   VAL A N   1 ? 
ATOM   52   C  CA  . VAL A 1 8  ? 1.248   4.322   14.827  1.000 18.469 0 8   VAL A CA  1 ? 
ATOM   53   C  C   . VAL A 1 8  ? 1.096   5.836   14.671  1.000 16.520 0 8   VAL A C   1 ? 
ATOM   54   O  O   . VAL A 1 8  ? 0.132   6.288   14.047  1.000 16.948 0 8   VAL A O   1 ? 
ATOM   55   C  CB  . VAL A 1 8  ? 1.701   3.652   13.505  1.000 20.357 0 8   VAL A CB  1 ? 
ATOM   56   C  CG1 . VAL A 1 8  ? 2.887   4.330   12.840  1.000 24.510 0 8   VAL A CG1 1 ? 
ATOM   57   C  CG2 . VAL A 1 8  ? 1.953   2.168   13.757  1.000 22.682 0 8   VAL A CG2 1 ? 
ATOM   58   N  N   . ASN A 1 9  ? 2.057   6.582   15.220  1.000 17.436 0 9   ASN A N   1 ? 
ATOM   59   C  CA  . ASN A 1 9  ? 2.045   8.035   15.123  1.000 17.002 0 9   ASN A CA  1 ? 
ATOM   60   C  C   . ASN A 1 9  ? 2.448   8.509   13.736  1.000 16.791 0 9   ASN A C   1 ? 
ATOM   61   O  O   . ASN A 1 9  ? 3.303   7.962   13.063  1.000 16.842 0 9   ASN A O   1 ? 
ATOM   62   C  CB  . ASN A 1 9  ? 2.876   8.689   16.219  1.000 16.845 0 9   ASN A CB  1 ? 
ATOM   63   C  CG  . ASN A 1 9  ? 2.216   8.427   17.549  1.000 18.927 0 9   ASN A CG  1 ? 
ATOM   64   O  OD1 . ASN A 1 9  ? 0.998   8.450   17.646  1.000 20.268 0 9   ASN A OD1 1 ? 
ATOM   65   N  ND2 . ASN A 1 9  ? 3.012   8.022   18.510  1.000 23.718 0 9   ASN A ND2 1 ? 
ATOM   66   N  N   . CYS A 1 10 ? 1.802   9.610   13.342  1.000 13.284 0 10  CYS A N   1 ? 
ATOM   67   C  CA  . CYS A 1 10 ? 2.171   10.321  12.126  1.000 14.461 0 10  CYS A CA  1 ? 
ATOM   68   C  C   . CYS A 1 10 ? 2.602   11.729  12.537  1.000 14.840 0 10  CYS A C   1 ? 
ATOM   69   O  O   . CYS A 1 10 ? 1.770   12.414  13.192  1.000 15.763 0 10  CYS A O   1 ? 
ATOM   70   C  CB  . CYS A 1 10 ? 0.973   10.392  11.184  1.000 15.009 0 10  CYS A CB  1 ? 
ATOM   71   S  SG  . CYS A 1 10 ? 1.345   10.753  9.444   1.000 17.443 0 10  CYS A SG  1 ? 
ATOM   72   N  N   . ARG A 1 11 ? 3.896   12.038  12.297  1.000 12.754 0 11  ARG A N   1 ? 
ATOM   73   C  CA  . ARG A 1 11 ? 4.518   13.232  12.864  1.000 13.003 0 11  ARG A CA  1 ? 
ATOM   74   C  C   . ARG A 1 11 ? 4.744   14.329  11.837  1.000 12.719 0 11  ARG A C   1 ? 
ATOM   75   O  O   . ARG A 1 11 ? 4.640   14.142  10.640  1.000 14.471 0 11  ARG A O   1 ? 
ATOM   76   C  CB  . ARG A 1 11 ? 5.855   12.771  13.456  1.000 14.676 0 11  ARG A CB  1 ? 
ATOM   77   C  CG  . ARG A 1 11 ? 5.739   11.834  14.641  1.000 14.799 0 11  ARG A CG  1 ? 
ATOM   78   C  CD  . ARG A 1 11 ? 7.039   11.489  15.268  1.000 15.855 0 11  ARG A CD  1 ? 
ATOM   79   N  NE  . ARG A 1 11 ? 6.844   10.529  16.343  1.000 18.250 0 11  ARG A NE  1 ? 
ATOM   80   C  CZ  . ARG A 1 11 ? 6.724   10.823  17.638  1.000 19.377 0 11  ARG A CZ  1 ? 
ATOM   81   N  NH1 . ARG A 1 11 ? 6.798   12.083  18.058  1.000 20.261 0 11  ARG A NH1 1 ? 
ATOM   82   N  NH2 . ARG A 1 11 ? 6.540   9.806   18.473  1.000 21.299 0 11  ARG A NH2 1 ? 
ATOM   83   N  N   . SER A 1 12 ? 5.035   15.531  12.385  1.000 14.476 0 12  SER A N   1 ? 
ATOM   84   C  CA  . SER A 1 12 ? 5.213   16.727  11.546  1.000 16.453 0 12  SER A CA  1 ? 
ATOM   85   C  C   . SER A 1 12 ? 6.599   16.828  10.903  1.000 16.173 0 12  SER A C   1 ? 
ATOM   86   O  O   . SER A 1 12 ? 6.963   17.820  10.265  1.000 14.322 0 12  SER A O   1 ? 
ATOM   87   C  CB  . SER A 1 12 ? 4.912   17.929  12.337  1.000 15.624 0 12  SER A CB  1 ? 
ATOM   88   O  OG  . SER A 1 12 ? 5.813   18.070  13.426  1.000 16.163 0 12  SER A OG  1 ? 
ATOM   89   N  N   . GLY A 1 13 ? 7.408   15.780  11.029  1.000 14.263 0 13  GLY A N   1 ? 
ATOM   90   C  CA  . GLY A 1 13 ? 8.682   15.663  10.372  1.000 16.352 0 13  GLY A CA  1 ? 
ATOM   91   C  C   . GLY A 1 13 ? 9.185   14.224  10.544  1.000 14.713 0 13  GLY A C   1 ? 
ATOM   92   O  O   . GLY A 1 13 ? 8.612   13.405  11.275  1.000 13.482 0 13  GLY A O   1 ? 
ATOM   93   N  N   . PRO A 1 14 ? 10.331  13.905  9.874   1.000 15.133 0 14  PRO A N   1 ? 
ATOM   94   C  CA  . PRO A 1 14 ? 10.877  12.558  9.815   1.000 15.263 0 14  PRO A CA  1 ? 
ATOM   95   C  C   . PRO A 1 14 ? 11.668  12.214  11.072  1.000 16.686 0 14  PRO A C   1 ? 
ATOM   96   O  O   . PRO A 1 14 ? 12.885  12.069  11.007  1.000 18.675 0 14  PRO A O   1 ? 
ATOM   97   C  CB  . PRO A 1 14 ? 11.720  12.580  8.530   1.000 16.518 0 14  PRO A CB  1 ? 
ATOM   98   C  CG  . PRO A 1 14 ? 12.140  14.002  8.390   1.000 16.304 0 14  PRO A CG  1 ? 
ATOM   99   C  CD  . PRO A 1 14 ? 11.045  14.838  8.998   1.000 15.022 0 14  PRO A CD  1 ? 
ATOM   100  N  N   . GLY A 1 15 ? 11.000  12.071  12.216  1.000 17.395 0 15  GLY A N   1 ? 
ATOM   101  C  CA  . GLY A 1 15 ? 11.733  11.651  13.402  1.000 16.897 0 15  GLY A CA  1 ? 
ATOM   102  C  C   . GLY A 1 15 ? 10.905  11.789  14.668  1.000 17.761 0 15  GLY A C   1 ? 
ATOM   103  O  O   . GLY A 1 15 ? 9.887   12.482  14.684  1.000 18.457 0 15  GLY A O   1 ? 
ATOM   104  N  N   . THR A 1 16 ? 11.362  11.150  15.770  1.000 19.681 0 16  THR A N   1 ? 
ATOM   105  C  CA  . THR A 1 16 ? 10.552  11.090  16.976  1.000 24.033 0 16  THR A CA  1 ? 
ATOM   106  C  C   . THR A 1 16 ? 10.612  12.375  17.798  1.000 23.357 0 16  THR A C   1 ? 
ATOM   107  O  O   . THR A 1 16 ? 9.954   12.458  18.833  1.000 33.589 0 16  THR A O   1 ? 
ATOM   108  C  CB  . THR A 1 16 ? 10.924  9.868   17.815  1.000 23.837 0 16  THR A CB  1 ? 
ATOM   109  O  OG1 . THR A 1 16 ? 12.341  9.978   18.005  1.000 23.979 0 16  THR A OG1 1 ? 
ATOM   110  C  CG2 . THR A 1 16 ? 10.548  8.554   17.163  1.000 27.689 0 16  THR A CG2 1 ? 
ATOM   111  N  N   . SER A 1 17 ? 11.367  13.364  17.338  1.000 26.623 0 17  SER A N   1 ? 
ATOM   112  C  CA  . SER A 1 17 ? 11.466  14.670  17.974  1.000 28.914 0 17  SER A CA  1 ? 
ATOM   113  C  C   . SER A 1 17 ? 10.365  15.604  17.458  1.000 23.355 0 17  SER A C   1 ? 
ATOM   114  O  O   . SER A 1 17 ? 10.098  16.660  18.043  1.000 32.429 0 17  SER A O   1 ? 
ATOM   115  C  CB  . SER A 1 17 ? 12.852  15.283  17.801  1.000 32.079 0 17  SER A CB  1 ? 
ATOM   116  O  OG  . SER A 1 17 ? 13.064  15.811  16.496  1.000 37.190 0 17  SER A OG  1 ? 
ATOM   117  N  N   . TYR A 1 18 ? 9.731   15.240  16.343  1.000 19.928 0 18  TYR A N   1 ? 
ATOM   118  C  CA  . TYR A 1 18 ? 8.677   16.052  15.781  1.000 17.522 0 18  TYR A CA  1 ? 
ATOM   119  C  C   . TYR A 1 18 ? 7.322   15.751  16.419  1.000 18.080 0 18  TYR A C   1 ? 
ATOM   120  O  O   . TYR A 1 18 ? 6.954   14.628  16.786  1.000 20.287 0 18  TYR A O   1 ? 
ATOM   121  C  CB  . TYR A 1 18 ? 8.589   15.800  14.285  1.000 16.538 0 18  TYR A CB  1 ? 
ATOM   122  C  CG  . TYR A 1 18 ? 9.707   16.369  13.476  1.000 19.869 0 18  TYR A CG  1 ? 
ATOM   123  C  CD1 . TYR A 1 18 ? 9.685   17.695  13.083  1.000 21.515 0 18  TYR A CD1 1 ? 
ATOM   124  C  CD2 . TYR A 1 18 ? 10.809  15.595  13.165  1.000 23.820 0 18  TYR A CD2 1 ? 
ATOM   125  C  CE1 . TYR A 1 18 ? 10.710  18.216  12.319  1.000 22.878 0 18  TYR A CE1 1 ? 
ATOM   126  C  CE2 . TYR A 1 18 ? 11.851  16.108  12.412  1.000 23.659 0 18  TYR A CE2 1 ? 
ATOM   127  C  CZ  . TYR A 1 18 ? 11.797  17.427  11.995  1.000 25.017 0 18  TYR A CZ  1 ? 
ATOM   128  O  OH  . TYR A 1 18 ? 12.809  17.935  11.218  1.000 31.239 0 18  TYR A OH  1 ? 
ATOM   129  N  N   . SER A 1 19 ? 6.511   16.779  16.476  1.000 16.922 0 19  SER A N   1 ? 
ATOM   130  C  CA  . SER A 1 19 ? 5.175   16.674  17.017  1.000 16.699 0 19  SER A CA  1 ? 
ATOM   131  C  C   . SER A 1 19 ? 4.327   15.605  16.300  1.000 17.480 0 19  SER A C   1 ? 
ATOM   132  O  O   . SER A 1 19 ? 4.415   15.351  15.081  1.000 16.785 0 19  SER A O   1 ? 
ATOM   133  C  CB  . SER A 1 19 ? 4.525   18.033  16.980  1.000 17.097 0 19  SER A CB  1 ? 
ATOM   134  O  OG  . SER A 1 19 ? 4.234   18.398  15.650  1.000 22.919 0 19  SER A OG  1 ? 
ATOM   135  N  N   . VAL A 1 20 ? 3.464   14.952  17.090  1.000 17.462 0 20  VAL A N   1 ? 
ATOM   136  C  CA  . VAL A 1 20 ? 2.481   14.005  16.553  1.000 17.665 0 20  VAL A CA  1 ? 
ATOM   137  C  C   . VAL A 1 20 ? 1.282   14.752  15.954  1.000 17.940 0 20  VAL A C   1 ? 
ATOM   138  O  O   . VAL A 1 20 ? 0.653   15.556  16.628  1.000 18.786 0 20  VAL A O   1 ? 
ATOM   139  C  CB  . VAL A 1 20 ? 1.986   12.992  17.591  1.000 18.282 0 20  VAL A CB  1 ? 
ATOM   140  C  CG1 . VAL A 1 20 ? 0.851   12.172  17.023  1.000 17.729 0 20  VAL A CG1 1 ? 
ATOM   141  C  CG2 . VAL A 1 20 ? 3.117   12.101  18.073  1.000 17.673 0 20  VAL A CG2 1 ? 
ATOM   142  N  N   . VAL A 1 21 ? 0.947   14.522  14.669  1.000 12.941 0 21  VAL A N   1 ? 
ATOM   143  C  CA  . VAL A 1 21 ? -0.177  15.180  14.029  1.000 12.548 0 21  VAL A CA  1 ? 
ATOM   144  C  C   . VAL A 1 21 ? -1.473  14.360  14.187  1.000 14.555 0 21  VAL A C   1 ? 
ATOM   145  O  O   . VAL A 1 21 ? -2.598  14.873  14.359  1.000 14.773 0 21  VAL A O   1 ? 
ATOM   146  C  CB  . VAL A 1 21 ? 0.156   15.333  12.506  1.000 12.451 0 21  VAL A CB  1 ? 
ATOM   147  C  CG1 . VAL A 1 21 ? -1.021  15.884  11.746  1.000 13.698 0 21  VAL A CG1 1 ? 
ATOM   148  C  CG2 . VAL A 1 21 ? 1.415   16.187  12.298  1.000 12.617 0 21  VAL A CG2 1 ? 
ATOM   149  N  N   . LYS A 1 22 ? -1.349  13.033  13.982  1.000 13.093 0 22  LYS A N   1 ? 
ATOM   150  C  CA  . LYS A 1 22 ? -2.474  12.106  14.028  1.000 15.112 0 22  LYS A CA  1 ? 
ATOM   151  C  C   . LYS A 1 22 ? -1.900  10.700  14.201  1.000 12.479 0 22  LYS A C   1 ? 
ATOM   152  O  O   . LYS A 1 22 ? -0.680  10.528  14.362  1.000 15.105 0 22  LYS A O   1 ? 
ATOM   153  C  CB  . LYS A 1 22 ? -3.372  12.176  12.780  1.000 14.312 0 22  LYS A CB  1 ? 
ATOM   154  C  CG  . LYS A 1 22 ? -2.634  11.913  11.472  1.000 16.544 0 22  LYS A CG  1 ? 
ATOM   155  C  CD  . LYS A 1 22 ? -3.582  11.711  10.310  1.000 16.650 0 22  LYS A CD  1 ? 
ATOM   156  C  CE  . LYS A 1 22 ? -4.418  10.437  10.413  1.000 19.049 0 22  LYS A CE  1 ? 
ATOM   157  N  NZ  . LYS A 1 22 ? -5.442  10.439  9.351   1.000 21.123 0 22  LYS A NZ  1 ? 
ATOM   158  N  N   . SER A 1 23 ? -2.795  9.704   14.206  1.000 13.921 0 23  SER A N   1 ? 
ATOM   159  C  CA  . SER A 1 23 ? -2.381  8.325   14.251  1.000 13.684 0 23  SER A CA  1 ? 
ATOM   160  C  C   . SER A 1 23 ? -3.164  7.475   13.263  1.000 13.723 0 23  SER A C   1 ? 
ATOM   161  O  O   . SER A 1 23 ? -4.274  7.863   12.893  1.000 15.047 0 23  SER A O   1 ? 
ATOM   162  C  CB  . SER A 1 23 ? -2.394  7.835   15.690  1.000 16.977 0 23  SER A CB  1 ? 
ATOM   163  O  OG  . SER A 1 23 ? -3.674  7.807   16.196  1.000 16.617 0 23  SER A OG  1 ? 
ATOM   164  N  N   . TYR A 1 24 ? -2.645  6.273   13.004  1.000 16.850 0 24  TYR A N   1 ? 
ATOM   165  C  CA  . TYR A 1 24 ? -3.304  5.271   12.178  1.000 17.038 0 24  TYR A CA  1 ? 
ATOM   166  C  C   . TYR A 1 24 ? -3.416  3.995   13.002  1.000 16.546 0 24  TYR A C   1 ? 
ATOM   167  O  O   . TYR A 1 24 ? -2.457  3.657   13.675  1.000 19.432 0 24  TYR A O   1 ? 
ATOM   168  C  CB  . TYR A 1 24 ? -2.512  4.953   10.897  1.000 15.803 0 24  TYR A CB  1 ? 
ATOM   169  C  CG  . TYR A 1 24 ? -2.361  6.142   9.983   1.000 14.418 0 24  TYR A CG  1 ? 
ATOM   170  C  CD1 . TYR A 1 24 ? -3.413  6.626   9.239   1.000 14.233 0 24  TYR A CD1 1 ? 
ATOM   171  C  CD2 . TYR A 1 24 ? -1.141  6.757   9.852   1.000 13.196 0 24  TYR A CD2 1 ? 
ATOM   172  C  CE1 . TYR A 1 24 ? -3.231  7.680   8.362   1.000 14.870 0 24  TYR A CE1 1 ? 
ATOM   173  C  CE2 . TYR A 1 24 ? -0.919  7.832   8.973   1.000 12.694 0 24  TYR A CE2 1 ? 
ATOM   174  C  CZ  . TYR A 1 24 ? -1.992  8.287   8.227   1.000 13.099 0 24  TYR A CZ  1 ? 
ATOM   175  O  OH  . TYR A 1 24 ? -1.811  9.352   7.364   1.000 16.855 0 24  TYR A OH  1 ? 
ATOM   176  N  N   . GLN A 1 25 ? -4.509  3.246   12.777  1.000 20.865 0 25  GLN A N   1 ? 
ATOM   177  C  CA  . GLN A 1 25 ? -4.720  1.930   13.368  1.000 24.450 0 25  GLN A CA  1 ? 
ATOM   178  C  C   . GLN A 1 25 ? -3.984  0.876   12.541  1.000 23.937 0 25  GLN A C   1 ? 
ATOM   179  O  O   . GLN A 1 25 ? -3.721  1.035   11.346  1.000 21.024 0 25  GLN A O   1 ? 
ATOM   180  C  CB  . GLN A 1 25 ? -6.212  1.615   13.400  1.000 30.313 0 25  GLN A CB  1 ? 
ATOM   181  C  CG  . GLN A 1 25 ? -7.101  2.720   13.955  1.000 37.285 0 25  GLN A CG  1 ? 
ATOM   182  C  CD  . GLN A 1 25 ? -8.571  2.417   13.753  1.000 45.247 0 25  GLN A CD  1 ? 
ATOM   183  O  OE1 . GLN A 1 25 ? -8.960  1.519   12.998  1.000 47.925 0 25  GLN A OE1 1 ? 
ATOM   184  N  NE2 . GLN A 1 25 ? -9.417  3.188   14.424  1.000 44.177 0 25  GLN A NE2 1 ? 
ATOM   185  N  N   . LYS A 1 26 ? -3.626  -0.250  13.179  1.000 21.086 0 26  LYS A N   1 ? 
ATOM   186  C  CA  . LYS A 1 26 ? -3.085  -1.363  12.407  1.000 23.552 0 26  LYS A CA  1 ? 
ATOM   187  C  C   . LYS A 1 26 ? -4.051  -1.764  11.289  1.000 22.534 0 26  LYS A C   1 ? 
ATOM   188  O  O   . LYS A 1 26 ? -5.270  -1.747  11.458  1.000 22.820 0 26  LYS A O   1 ? 
ATOM   189  C  CB  . LYS A 1 26 ? -2.827  -2.578  13.308  1.000 25.353 0 26  LYS A CB  1 ? 
ATOM   190  C  CG  . LYS A 1 26 ? -1.975  -3.656  12.649  1.000 27.529 0 26  LYS A CG  1 ? 
ATOM   191  C  CD  . LYS A 1 26 ? -1.425  -4.687  13.610  1.000 30.040 0 26  LYS A CD  1 ? 
ATOM   192  C  CE  . LYS A 1 26 ? -0.675  -5.768  12.862  1.000 34.424 0 26  LYS A CE  1 ? 
ATOM   193  N  NZ  . LYS A 1 26 ? 0.257   -6.460  13.777  1.000 38.024 0 26  LYS A NZ  1 ? 
ATOM   194  N  N   . GLY A 1 27 ? -3.498  -2.019  10.096  1.000 24.320 0 27  GLY A N   1 ? 
ATOM   195  C  CA  . GLY A 1 27 ? -4.316  -2.384  8.946   1.000 25.081 0 27  GLY A CA  1 ? 
ATOM   196  C  C   . GLY A 1 27 ? -4.908  -1.197  8.183   1.000 24.697 0 27  GLY A C   1 ? 
ATOM   197  O  O   . GLY A 1 27 ? -5.450  -1.374  7.092   1.000 28.126 0 27  GLY A O   1 ? 
ATOM   198  N  N   . ALA A 1 28 ? -4.798  0.038   8.697   1.000 20.173 0 28  ALA A N   1 ? 
ATOM   199  C  CA  . ALA A 1 28 ? -4.950  1.201   7.841   1.000 15.870 0 28  ALA A CA  1 ? 
ATOM   200  C  C   . ALA A 1 28 ? -4.029  1.075   6.634   1.000 16.096 0 28  ALA A C   1 ? 
ATOM   201  O  O   . ALA A 1 28 ? -2.943  0.514   6.746   1.000 18.155 0 28  ALA A O   1 ? 
ATOM   202  C  CB  . ALA A 1 28 ? -4.644  2.492   8.577   1.000 15.985 0 28  ALA A CB  1 ? 
ATOM   203  N  N   . ASP A 1 29 ? -4.433  1.639   5.503   1.000 14.610 0 29  ASP A N   1 ? 
ATOM   204  C  CA  . ASP A 1 29 ? -3.582  1.624   4.336   1.000 13.884 0 29  ASP A CA  1 ? 
ATOM   205  C  C   . ASP A 1 29 ? -3.391  3.079   3.934   1.000 14.637 0 29  ASP A C   1 ? 
ATOM   206  O  O   . ASP A 1 29 ? -4.393  3.777   3.767   1.000 17.025 0 29  ASP A O   1 ? 
ATOM   207  C  CB  . ASP A 1 29 ? -4.163  0.683   3.290   1.000 13.695 0 29  ASP A CB  1 ? 
ATOM   208  C  CG  . ASP A 1 29 ? -3.196  0.502   2.143   1.000 14.959 0 29  ASP A CG  1 ? 
ATOM   209  O  OD1 . ASP A 1 29 ? -2.957  1.538   1.423   1.000 16.641 0 29  ASP A OD1 1 ? 
ATOM   210  O  OD2 . ASP A 1 29 ? -2.646  -0.614  1.975   1.000 16.976 0 29  ASP A OD2 1 ? 
ATOM   211  N  N   . VAL A 1 30 ? -2.140  3.479   3.718   1.000 14.652 0 30  VAL A N   1 ? 
ATOM   212  C  CA  . VAL A 1 30 ? -1.760  4.868   3.497   1.000 15.203 0 30  VAL A CA  1 ? 
ATOM   213  C  C   . VAL A 1 30 ? -1.047  4.978   2.160   1.000 15.083 0 30  VAL A C   1 ? 
ATOM   214  O  O   . VAL A 1 30 ? -0.244  4.131   1.865   1.000 16.761 0 30  VAL A O   1 ? 
ATOM   215  C  CB  . VAL A 1 30 ? -0.896  5.398   4.665   1.000 17.907 0 30  VAL A CB  1 ? 
ATOM   216  C  CG1 . VAL A 1 30 ? -1.725  5.368   5.942   1.000 19.227 0 30  VAL A CG1 1 ? 
ATOM   217  C  CG2 . VAL A 1 30 ? 0.439   4.679   4.849   1.000 17.544 0 30  VAL A CG2 1 ? 
ATOM   218  N  N   . ALA A 1 31 ? -1.286  6.069   1.431   1.000 14.327 0 31  ALA A N   1 ? 
ATOM   219  C  CA  . ALA A 1 31 ? -0.491  6.431   0.270   1.000 16.280 0 31  ALA A CA  1 ? 
ATOM   220  C  C   . ALA A 1 31 ? 0.771   7.159   0.715   1.000 15.483 0 31  ALA A C   1 ? 
ATOM   221  O  O   . ALA A 1 31 ? 0.692   8.034   1.584   1.000 14.993 0 31  ALA A O   1 ? 
ATOM   222  C  CB  . ALA A 1 31 ? -1.309  7.298   -0.630  1.000 14.209 0 31  ALA A CB  1 ? 
ATOM   223  N  N   . ILE A 1 32 ? 1.938   6.748   0.211   1.000 14.760 0 32  ILE A N   1 ? 
ATOM   224  C  CA  . ILE A 1 32 ? 3.215   7.340   0.561   1.000 14.777 0 32  ILE A CA  1 ? 
ATOM   225  C  C   . ILE A 1 32 ? 3.620   8.262   -0.577  1.000 15.352 0 32  ILE A C   1 ? 
ATOM   226  O  O   . ILE A 1 32 ? 3.818   7.764   -1.689  1.000 16.642 0 32  ILE A O   1 ? 
ATOM   227  C  CB  . ILE A 1 32 ? 4.344   6.325   0.835   1.000 17.236 0 32  ILE A CB  1 ? 
ATOM   228  C  CG1 . ILE A 1 32 ? 4.007   5.303   1.920   1.000 17.793 0 32  ILE A CG1 1 ? 
ATOM   229  C  CG2 . ILE A 1 32 ? 5.650   7.050   1.185   1.000 16.636 0 32  ILE A CG2 1 ? 
ATOM   230  C  CD1 . ILE A 1 32 ? 5.050   4.175   1.997   1.000 20.300 0 32  ILE A CD1 1 ? 
ATOM   231  N  N   . THR A 1 33 ? 3.761   9.557   -0.331  1.000 15.446 0 33  THR A N   1 ? 
ATOM   232  C  CA  . THR A 1 33 ? 4.069   10.466  -1.427  1.000 16.042 0 33  THR A CA  1 ? 
ATOM   233  C  C   . THR A 1 33 ? 5.581   10.585  -1.633  1.000 16.166 0 33  THR A C   1 ? 
ATOM   234  O  O   . THR A 1 33 ? 6.050   10.842  -2.746  1.000 17.145 0 33  THR A O   1 ? 
ATOM   235  C  CB  . THR A 1 33 ? 3.468   11.833  -1.185  1.000 18.566 0 33  THR A CB  1 ? 
ATOM   236  O  OG1 . THR A 1 33 ? 3.985   12.424  -0.014  1.000 17.217 0 33  THR A OG1 1 ? 
ATOM   237  C  CG2 . THR A 1 33 ? 1.991   11.762  -0.954  1.000 18.705 0 33  THR A CG2 1 ? 
ATOM   238  N  N   . CYS A 1 34 ? 6.341   10.492  -0.540  1.000 14.353 0 34  CYS A N   1 ? 
ATOM   239  C  CA  . CYS A 1 34 ? 7.799   10.507  -0.634  1.000 14.100 0 34  CYS A CA  1 ? 
ATOM   240  C  C   . CYS A 1 34 ? 8.361   9.944   0.674   1.000 13.804 0 34  CYS A C   1 ? 
ATOM   241  O  O   . CYS A 1 34 ? 7.632   9.848   1.645   1.000 15.293 0 34  CYS A O   1 ? 
ATOM   242  C  CB  . CYS A 1 34 ? 8.353   11.914  -0.933  1.000 13.737 0 34  CYS A CB  1 ? 
ATOM   243  S  SG  . CYS A 1 34 ? 8.019   13.184  0.312   1.000 20.109 0 34  CYS A SG  1 ? 
ATOM   244  N  N   . GLN A 1 35 ? 9.672   9.636   0.697   1.000 12.683 0 35  GLN A N   1 ? 
ATOM   245  C  CA  . GLN A 1 35 ? 10.375  9.170   1.895   1.000 14.030 0 35  GLN A CA  1 ? 
ATOM   246  C  C   . GLN A 1 35 ? 11.587  10.033  2.253   1.000 13.326 0 35  GLN A C   1 ? 
ATOM   247  O  O   . GLN A 1 35 ? 12.217  10.596  1.383   1.000 12.461 0 35  GLN A O   1 ? 
ATOM   248  C  CB  . GLN A 1 35 ? 10.826  7.736   1.625   1.000 13.953 0 35  GLN A CB  1 ? 
ATOM   249  C  CG  . GLN A 1 35 ? 9.639   6.771   1.587   1.000 13.699 0 35  GLN A CG  1 ? 
ATOM   250  C  CD  . GLN A 1 35 ? 9.944   5.361   1.156   1.000 13.209 0 35  GLN A CD  1 ? 
ATOM   251  O  OE1 . GLN A 1 35 ? 10.395  5.152   0.037   1.000 14.069 0 35  GLN A OE1 1 ? 
ATOM   252  N  NE2 . GLN A 1 35 ? 9.844   4.440   2.098   1.000 14.506 0 35  GLN A NE2 1 ? 
ATOM   253  N  N   . ALA A 1 36 ? 11.919  10.146  3.536   1.000 13.087 0 36  ALA A N   1 ? 
ATOM   254  C  CA  . ALA A 1 36 ? 12.979  10.998  4.024   1.000 16.254 0 36  ALA A CA  1 ? 
ATOM   255  C  C   . ALA A 1 36 ? 13.693  10.296  5.152   1.000 14.994 0 36  ALA A C   1 ? 
ATOM   256  O  O   . ALA A 1 36 ? 13.082  9.558   5.944   1.000 16.091 0 36  ALA A O   1 ? 
ATOM   257  C  CB  . ALA A 1 36 ? 12.411  12.274  4.590   1.000 14.897 0 36  ALA A CB  1 ? 
ATOM   258  N  N   . PRO A 1 37 ? 15.031  10.454  5.240   1.000 16.057 0 37  PRO A N   1 ? 
ATOM   259  C  CA  . PRO A 1 37 ? 15.771  9.891   6.355   1.000 15.511 0 37  PRO A CA  1 ? 
ATOM   260  C  C   . PRO A 1 37 ? 15.531  10.630  7.646   1.000 15.275 0 37  PRO A C   1 ? 
ATOM   261  O  O   . PRO A 1 37 ? 15.312  11.834  7.683   1.000 16.066 0 37  PRO A O   1 ? 
ATOM   262  C  CB  . PRO A 1 37 ? 17.221  9.973   5.900   1.000 18.473 0 37  PRO A CB  1 ? 
ATOM   263  C  CG  . PRO A 1 37 ? 17.232  11.144  4.976   1.000 17.035 0 37  PRO A CG  1 ? 
ATOM   264  C  CD  . PRO A 1 37 ? 15.864  11.238  4.342   1.000 16.292 0 37  PRO A CD  1 ? 
ATOM   265  N  N   . GLY A 1 38 ? 15.600  9.874   8.726   1.000 15.797 0 38  GLY A N   1 ? 
ATOM   266  C  CA  . GLY A 1 38 ? 15.406  10.451  10.031  1.000 18.886 0 38  GLY A CA  1 ? 
ATOM   267  C  C   . GLY A 1 38 ? 15.871  9.536   11.152  1.000 19.730 0 38  GLY A C   1 ? 
ATOM   268  O  O   . GLY A 1 38 ? 16.887  8.854   11.007  1.000 20.335 0 38  GLY A O   1 ? 
ATOM   269  N  N   . THR A 1 39 ? 15.148  9.584   12.280  1.000 18.974 0 39  THR A N   1 ? 
ATOM   270  C  CA  . THR A 1 39 ? 15.460  8.750   13.417  1.000 18.558 0 39  THR A CA  1 ? 
ATOM   271  C  C   . THR A 1 39 ? 15.458  7.277   13.037  1.000 18.872 0 39  THR A C   1 ? 
ATOM   272  O  O   . THR A 1 39 ? 14.537  6.798   12.405  1.000 17.094 0 39  THR A O   1 ? 
ATOM   273  C  CB  . THR A 1 39 ? 14.376  8.910   14.502  1.000 19.297 0 39  THR A CB  1 ? 
ATOM   274  O  OG1 . THR A 1 39 ? 14.217  10.303  14.702  1.000 19.727 0 39  THR A OG1 1 ? 
ATOM   275  C  CG2 . THR A 1 39 ? 14.776  8.221   15.792  1.000 25.623 0 39  THR A CG2 1 ? 
ATOM   276  N  N   . ASP A 1 40 ? 16.458  6.507   13.524  1.000 15.935 0 40  ASP A N   1 ? 
ATOM   277  C  CA  . ASP A 1 40 ? 16.419  5.069   13.375  1.000 20.158 0 40  ASP A CA  1 ? 
ATOM   278  C  C   . ASP A 1 40 ? 15.342  4.473   14.296  1.000 20.166 0 40  ASP A C   1 ? 
ATOM   279  O  O   . ASP A 1 40 ? 15.259  4.795   15.485  1.000 22.266 0 40  ASP A O   1 ? 
ATOM   280  C  CB  . ASP A 1 40 ? 17.762  4.419   13.715  1.000 22.633 0 40  ASP A CB  1 ? 
ATOM   281  C  CG  . ASP A 1 40 ? 17.712  2.933   13.437  1.000 25.124 0 40  ASP A CG  1 ? 
ATOM   282  O  OD1 . ASP A 1 40 ? 17.714  2.606   12.281  1.000 30.004 0 40  ASP A OD1 1 ? 
ATOM   283  O  OD2 . ASP A 1 40 ? 17.592  2.132   14.389  1.000 33.626 0 40  ASP A OD2 1 ? 
ATOM   284  N  N   . VAL A 1 41 ? 14.472  3.664   13.685  1.000 18.888 0 41  VAL A N   1 ? 
ATOM   285  C  CA  . VAL A 1 41 ? 13.483  2.837   14.354  1.000 17.658 0 41  VAL A CA  1 ? 
ATOM   286  C  C   . VAL A 1 41 ? 13.788  1.375   14.033  1.000 18.489 0 41  VAL A C   1 ? 
ATOM   287  O  O   . VAL A 1 41 ? 13.554  0.865   12.935  1.000 16.425 0 41  VAL A O   1 ? 
ATOM   288  C  CB  . VAL A 1 41 ? 12.052  3.247   13.944  1.000 18.206 0 41  VAL A CB  1 ? 
ATOM   289  C  CG1 . VAL A 1 41 ? 11.005  2.419   14.669  1.000 18.565 0 41  VAL A CG1 1 ? 
ATOM   290  C  CG2 . VAL A 1 41 ? 11.845  4.724   14.162  1.000 17.784 0 41  VAL A CG2 1 ? 
ATOM   291  N  N   . LYS A 1 42 ? 14.409  0.683   15.005  1.000 23.772 0 42  LYS A N   1 ? 
ATOM   292  C  CA  . LYS A 1 42 ? 14.667  -0.752  14.893  1.000 25.305 0 42  LYS A CA  1 ? 
ATOM   293  C  C   . LYS A 1 42 ? 15.385  -1.115  13.591  1.000 24.142 0 42  LYS A C   1 ? 
ATOM   294  O  O   . LYS A 1 42 ? 15.114  -2.149  12.993  1.000 27.295 0 42  LYS A O   1 ? 
ATOM   295  C  CB  . LYS A 1 42 ? 13.366  -1.554  15.077  1.000 29.870 0 42  LYS A CB  1 ? 
ATOM   296  C  CG  . LYS A 1 42 ? 12.781  -1.444  16.478  1.000 33.439 0 42  LYS A CG  1 ? 
ATOM   297  C  CD  . LYS A 1 42 ? 11.302  -1.748  16.603  1.000 37.550 0 42  LYS A CD  1 ? 
ATOM   298  C  CE  . LYS A 1 42 ? 10.764  -1.495  17.999  1.000 45.323 0 42  LYS A CE  1 ? 
ATOM   299  N  NZ  . LYS A 1 42 ? 9.313   -1.783  18.099  1.000 47.520 0 42  LYS A NZ  1 ? 
ATOM   300  N  N   . GLY A 1 43 ? 16.342  -0.288  13.148  1.000 24.804 0 43  GLY A N   1 ? 
ATOM   301  C  CA  . GLY A 1 43 ? 17.175  -0.610  12.008  1.000 23.061 0 43  GLY A CA  1 ? 
ATOM   302  C  C   . GLY A 1 43 ? 16.725  0.057   10.703  1.000 23.450 0 43  GLY A C   1 ? 
ATOM   303  O  O   . GLY A 1 43 ? 17.407  -0.011  9.676   1.000 26.609 0 43  GLY A O   1 ? 
ATOM   304  N  N   . ASP A 1 44 ? 15.566  0.727   10.747  1.000 21.107 0 44  ASP A N   1 ? 
ATOM   305  C  CA  . ASP A 1 44 ? 15.042  1.428   9.587   1.000 18.222 0 44  ASP A CA  1 ? 
ATOM   306  C  C   . ASP A 1 44 ? 14.930  2.913   9.921   1.000 17.658 0 44  ASP A C   1 ? 
ATOM   307  O  O   . ASP A 1 44 ? 14.190  3.281   10.821  1.000 17.985 0 44  ASP A O   1 ? 
ATOM   308  C  CB  . ASP A 1 44 ? 13.729  0.766   9.191   1.000 18.072 0 44  ASP A CB  1 ? 
ATOM   309  C  CG  . ASP A 1 44 ? 13.046  1.333   7.964   1.000 18.337 0 44  ASP A CG  1 ? 
ATOM   310  O  OD1 . ASP A 1 44 ? 13.428  2.430   7.558   1.000 15.725 0 44  ASP A OD1 1 ? 
ATOM   311  O  OD2 . ASP A 1 44 ? 12.166  0.636   7.409   1.000 17.414 0 44  ASP A OD2 1 ? 
ATOM   312  N  N   . ASN A 1 45 ? 15.714  3.771   9.254   1.000 17.379 0 45  ASN A N   1 ? 
ATOM   313  C  CA  . ASN A 1 45 ? 15.733  5.192   9.582   1.000 17.645 0 45  ASN A CA  1 ? 
ATOM   314  C  C   . ASN A 1 45 ? 14.993  6.005   8.513   1.000 17.352 0 45  ASN A C   1 ? 
ATOM   315  O  O   . ASN A 1 45 ? 15.115  7.232   8.502   1.000 18.481 0 45  ASN A O   1 ? 
ATOM   316  C  CB  . ASN A 1 45 ? 17.146  5.710   9.839   1.000 20.872 0 45  ASN A CB  1 ? 
ATOM   317  C  CG  . ASN A 1 45 ? 17.853  6.105   8.574   1.000 20.548 0 45  ASN A CG  1 ? 
ATOM   318  O  OD1 . ASN A 1 45 ? 17.851  5.348   7.588   1.000 24.335 0 45  ASN A OD1 1 ? 
ATOM   319  N  ND2 . ASN A 1 45 ? 18.410  7.292   8.607   1.000 25.469 0 45  ASN A ND2 1 ? 
ATOM   320  N  N   . ILE A 1 46 ? 14.166  5.340   7.695   1.000 15.593 0 46  ILE A N   1 ? 
ATOM   321  C  CA  . ILE A 1 46 ? 13.318  6.053   6.737   1.000 16.883 0 46  ILE A CA  1 ? 
ATOM   322  C  C   . ILE A 1 46 ? 11.954  6.388   7.351   1.000 14.635 0 46  ILE A C   1 ? 
ATOM   323  O  O   . ILE A 1 46 ? 11.352  5.574   8.081   1.000 15.450 0 46  ILE A O   1 ? 
ATOM   324  C  CB  . ILE A 1 46 ? 13.173  5.251   5.416   1.000 16.875 0 46  ILE A CB  1 ? 
ATOM   325  C  CG1 . ILE A 1 46 ? 14.534  4.936   4.792   1.000 20.250 0 46  ILE A CG1 1 ? 
ATOM   326  C  CG2 . ILE A 1 46 ? 12.233  5.907   4.425   1.000 18.362 0 46  ILE A CG2 1 ? 
ATOM   327  C  CD1 . ILE A 1 46 ? 15.316  6.159   4.596   1.000 22.839 0 46  ILE A CD1 1 ? 
ATOM   328  N  N   . TRP A 1 47 ? 11.448  7.571   6.985   1.000 13.554 0 47  TRP A N   1 ? 
ATOM   329  C  CA  . TRP A 1 47 ? 10.160  8.086   7.391   1.000 12.777 0 47  TRP A CA  1 ? 
ATOM   330  C  C   . TRP A 1 47 ? 9.333   8.346   6.152   1.000 13.923 0 47  TRP A C   1 ? 
ATOM   331  O  O   . TRP A 1 47 ? 9.866   8.870   5.201   1.000 13.762 0 47  TRP A O   1 ? 
ATOM   332  C  CB  . TRP A 1 47 ? 10.333  9.342   8.252   1.000 13.516 0 47  TRP A CB  1 ? 
ATOM   333  C  CG  . TRP A 1 47 ? 10.894  8.984   9.600   1.000 13.536 0 47  TRP A CG  1 ? 
ATOM   334  C  CD1 . TRP A 1 47 ? 12.140  8.499   9.885   1.000 13.762 0 47  TRP A CD1 1 ? 
ATOM   335  C  CD2 . TRP A 1 47 ? 10.140  8.902   10.807  1.000 12.226 0 47  TRP A CD2 1 ? 
ATOM   336  N  NE1 . TRP A 1 47 ? 12.220  8.187   11.224  1.000 14.117 0 47  TRP A NE1 1 ? 
ATOM   337  C  CE2 . TRP A 1 47 ? 11.001  8.392   11.815  1.000 13.636 0 47  TRP A CE2 1 ? 
ATOM   338  C  CE3 . TRP A 1 47 ? 8.824   9.247   11.146  1.000 14.777 0 47  TRP A CE3 1 ? 
ATOM   339  C  CZ2 . TRP A 1 47 ? 10.578  8.264   13.141  1.000 15.417 0 47  TRP A CZ2 1 ? 
ATOM   340  C  CZ3 . TRP A 1 47 ? 8.402   9.059   12.456  1.000 15.319 0 47  TRP A CZ3 1 ? 
ATOM   341  C  CH2 . TRP A 1 47 ? 9.271   8.567   13.440  1.000 16.484 0 47  TRP A CH2 1 ? 
ATOM   342  N  N   . ASP A 1 48 ? 8.048   8.005   6.207   1.000 12.097 0 48  ASP A N   1 ? 
ATOM   343  C  CA  . ASP A 1 48 ? 7.211   7.944   5.007   1.000 10.894 0 48  ASP A CA  1 ? 
ATOM   344  C  C   . ASP A 1 48 ? 6.164   9.041   5.064   1.000 12.349 0 48  ASP A C   1 ? 
ATOM   345  O  O   . ASP A 1 48 ? 5.369   9.013   5.991   1.000 13.491 0 48  ASP A O   1 ? 
ATOM   346  C  CB  . ASP A 1 48 ? 6.562   6.549   4.926   1.000 14.273 0 48  ASP A CB  1 ? 
ATOM   347  C  CG  . ASP A 1 48 ? 7.525   5.407   4.723   1.000 15.774 0 48  ASP A CG  1 ? 
ATOM   348  O  OD1 . ASP A 1 48 ? 8.704   5.620   4.455   1.000 16.408 0 48  ASP A OD1 1 ? 
ATOM   349  O  OD2 . ASP A 1 48 ? 7.027   4.228   4.873   1.000 17.725 0 48  ASP A OD2 1 ? 
ATOM   350  N  N   . LYS A 1 49 ? 6.267   10.011  4.155   1.000 13.609 0 49  LYS A N   1 ? 
ATOM   351  C  CA  . LYS A 1 49 ? 5.281   11.102  4.135   1.000 14.690 0 49  LYS A CA  1 ? 
ATOM   352  C  C   . LYS A 1 49 ? 3.998   10.620  3.478   1.000 15.405 0 49  LYS A C   1 ? 
ATOM   353  O  O   . LYS A 1 49 ? 4.006   10.097  2.372   1.000 15.129 0 49  LYS A O   1 ? 
ATOM   354  C  CB  . LYS A 1 49 ? 5.778   12.356  3.407   1.000 15.611 0 49  LYS A CB  1 ? 
ATOM   355  C  CG  . LYS A 1 49 ? 5.045   13.629  3.801   1.000 17.402 0 49  LYS A CG  1 ? 
ATOM   356  C  CD  . LYS A 1 49 ? 5.475   14.812  2.992   1.000 17.893 0 49  LYS A CD  1 ? 
ATOM   357  C  CE  . LYS A 1 49 ? 5.175   16.133  3.660   1.000 22.646 0 49  LYS A CE  1 ? 
ATOM   358  N  NZ  . LYS A 1 49 ? 5.653   17.208  2.756   1.000 26.240 0 49  LYS A NZ  1 ? 
ATOM   359  N  N   . THR A 1 50 ? 2.896   10.614  4.235   1.000 12.348 0 50  THR A N   1 ? 
ATOM   360  C  CA  . THR A 1 50 ? 1.648   10.062  3.722   1.000 12.780 0 50  THR A CA  1 ? 
ATOM   361  C  C   . THR A 1 50 ? 0.876   11.156  2.997   1.000 12.438 0 50  THR A C   1 ? 
ATOM   362  O  O   . THR A 1 50 ? 1.242   12.315  3.066   1.000 14.566 0 50  THR A O   1 ? 
ATOM   363  C  CB  . THR A 1 50 ? 0.764   9.426   4.821   1.000 13.745 0 50  THR A CB  1 ? 
ATOM   364  O  OG1 . THR A 1 50 ? 0.166   10.496  5.584   1.000 14.793 0 50  THR A OG1 1 ? 
ATOM   365  C  CG2 . THR A 1 50 ? 1.467   8.472   5.757   1.000 13.722 0 50  THR A CG2 1 ? 
ATOM   366  N  N   . ALA A 1 51 ? -0.219  10.777  2.372   1.000 13.345 0 51  ALA A N   1 ? 
ATOM   367  C  CA  . ALA A 1 51 ? -1.091  11.748  1.734   1.000 13.836 0 51  ALA A CA  1 ? 
ATOM   368  C  C   . ALA A 1 51 ? -1.746  12.705  2.727   1.000 14.261 0 51  ALA A C   1 ? 
ATOM   369  O  O   . ALA A 1 51 ? -2.339  13.673  2.289   1.000 16.308 0 51  ALA A O   1 ? 
ATOM   370  C  CB  . ALA A 1 51 ? -2.118  11.057  0.909   1.000 17.577 0 51  ALA A CB  1 ? 
ATOM   371  N  N   . ASP A 1 52 ? -1.715  12.379  4.032   1.000 13.465 0 52  ASP A N   1 ? 
ATOM   372  C  CA  . ASP A 1 52 ? -2.162  13.299  5.055   1.000 14.475 0 52  ASP A CA  1 ? 
ATOM   373  C  C   . ASP A 1 52 ? -1.123  14.398  5.287   1.000 14.480 0 52  ASP A C   1 ? 
ATOM   374  O  O   . ASP A 1 52 ? -1.379  15.381  6.000   1.000 16.907 0 52  ASP A O   1 ? 
ATOM   375  C  CB  . ASP A 1 52 ? -2.513  12.593  6.376   1.000 16.123 0 52  ASP A CB  1 ? 
ATOM   376  C  CG  . ASP A 1 52 ? -3.811  11.838  6.257   1.000 17.579 0 52  ASP A CG  1 ? 
ATOM   377  O  OD1 . ASP A 1 52 ? -4.718  12.314  5.628   1.000 16.475 0 52  ASP A OD1 1 ? 
ATOM   378  O  OD2 . ASP A 1 52 ? -3.916  10.759  6.844   1.000 17.004 0 52  ASP A OD2 1 ? 
ATOM   379  N  N   . GLY A 1 53 ? 0.103   14.194  4.785   1.000 13.147 0 53  GLY A N   1 ? 
ATOM   380  C  CA  . GLY A 1 53 ? 1.129   15.233  4.847   1.000 14.954 0 53  GLY A CA  1 ? 
ATOM   381  C  C   . GLY A 1 53 ? 2.025   15.182  6.095   1.000 13.032 0 53  GLY A C   1 ? 
ATOM   382  O  O   . GLY A 1 53 ? 2.731   16.156  6.370   1.000 15.497 0 53  GLY A O   1 ? 
ATOM   383  N  N   . CYS A 1 54 ? 1.904   14.102  6.875   1.000 14.348 0 54  CYS A N   1 ? 
ATOM   384  C  CA  . CYS A 1 54 ? 2.729   13.822  8.013   1.000 14.843 0 54  CYS A CA  1 ? 
ATOM   385  C  C   . CYS A 1 54 ? 3.517   12.533  7.770   1.000 12.770 0 54  CYS A C   1 ? 
ATOM   386  O  O   . CYS A 1 54 ? 3.285   11.840  6.773   1.000 13.338 0 54  CYS A O   1 ? 
ATOM   387  C  CB  . CYS A 1 54 ? 1.836   13.719  9.227   1.000 14.701 0 54  CYS A CB  1 ? 
ATOM   388  S  SG  . CYS A 1 54 ? 0.414   12.612  9.019   1.000 21.296 0 54  CYS A SG  1 ? 
ATOM   389  N  N   . TYR A 1 55 ? 4.493   12.239  8.652   1.000 12.887 0 55  TYR A N   1 ? 
ATOM   390  C  CA  . TYR A 1 55 ? 5.466   11.172  8.426   1.000 12.726 0 55  TYR A CA  1 ? 
ATOM   391  C  C   . TYR A 1 55 ? 5.283   10.043  9.411   1.000 12.775 0 55  TYR A C   1 ? 
ATOM   392  O  O   . TYR A 1 55 ? 5.165   10.272  10.622  1.000 14.129 0 55  TYR A O   1 ? 
ATOM   393  C  CB  . TYR A 1 55 ? 6.886   11.680  8.651   1.000 12.037 0 55  TYR A CB  1 ? 
ATOM   394  C  CG  . TYR A 1 55 ? 7.326   12.715  7.641   1.000 12.768 0 55  TYR A CG  1 ? 
ATOM   395  C  CD1 . TYR A 1 55 ? 6.981   14.059  7.828   1.000 12.789 0 55  TYR A CD1 1 ? 
ATOM   396  C  CD2 . TYR A 1 55 ? 8.014   12.377  6.485   1.000 11.058 0 55  TYR A CD2 1 ? 
ATOM   397  C  CE1 . TYR A 1 55 ? 7.393   15.042  6.926   1.000 14.508 0 55  TYR A CE1 1 ? 
ATOM   398  C  CE2 . TYR A 1 55 ? 8.456   13.353  5.609   1.000 15.827 0 55  TYR A CE2 1 ? 
ATOM   399  C  CZ  . TYR A 1 55 ? 8.176   14.677  5.846   1.000 15.660 0 55  TYR A CZ  1 ? 
ATOM   400  O  OH  . TYR A 1 55 ? 8.613   15.608  4.905   1.000 18.207 0 55  TYR A OH  1 ? 
ATOM   401  N  N   . VAL A 1 56 ? 5.251   8.818   8.858   1.000 13.098 0 56  VAL A N   1 ? 
ATOM   402  C  CA  . VAL A 1 56 ? 5.168   7.584   9.653   1.000 12.928 0 56  VAL A CA  1 ? 
ATOM   403  C  C   . VAL A 1 56 ? 6.501   6.848   9.530   1.000 11.097 0 56  VAL A C   1 ? 
ATOM   404  O  O   . VAL A 1 56 ? 7.043   6.772   8.433   1.000 13.592 0 56  VAL A O   1 ? 
ATOM   405  C  CB  . VAL A 1 56 ? 4.018   6.690   9.216   1.000 15.924 0 56  VAL A CB  1 ? 
ATOM   406  C  CG1 . VAL A 1 56 ? 4.046   5.350   9.904   1.000 15.581 0 56  VAL A CG1 1 ? 
ATOM   407  C  CG2 . VAL A 1 56 ? 2.691   7.374   9.405   1.000 16.351 0 56  VAL A CG2 1 ? 
ATOM   408  N  N   . ALA A 1 57 ? 7.019   6.293   10.615  1.000 11.483 0 57  ALA A N   1 ? 
ATOM   409  C  CA  . ALA A 1 57 ? 8.261   5.547   10.502  1.000 11.589 0 57  ALA A CA  1 ? 
ATOM   410  C  C   . ALA A 1 57 ? 8.036   4.337   9.574   1.000 12.730 0 57  ALA A C   1 ? 
ATOM   411  O  O   . ALA A 1 57 ? 7.090   3.594   9.722   1.000 14.235 0 57  ALA A O   1 ? 
ATOM   412  C  CB  . ALA A 1 57 ? 8.749   5.116   11.906  1.000 13.732 0 57  ALA A CB  1 ? 
ATOM   413  N  N   . ASP A 1 58 ? 8.932   4.196   8.569   1.000 12.964 0 58  ASP A N   1 ? 
ATOM   414  C  CA  . ASP A 1 58 ? 8.831   3.133   7.607   1.000 14.510 0 58  ASP A CA  1 ? 
ATOM   415  C  C   . ASP A 1 58 ? 8.874   1.761   8.266   1.000 16.179 0 58  ASP A C   1 ? 
ATOM   416  O  O   . ASP A 1 58 ? 8.351   0.803   7.687   1.000 14.180 0 58  ASP A O   1 ? 
ATOM   417  C  CB  . ASP A 1 58 ? 9.932   3.247   6.558   1.000 15.095 0 58  ASP A CB  1 ? 
ATOM   418  C  CG  . ASP A 1 58 ? 9.818   2.244   5.427   1.000 18.115 0 58  ASP A CG  1 ? 
ATOM   419  O  OD1 . ASP A 1 58 ? 8.797   2.316   4.679   1.000 21.017 0 58  ASP A OD1 1 ? 
ATOM   420  O  OD2 . ASP A 1 58 ? 10.675  1.302   5.402   1.000 22.594 0 58  ASP A OD2 1 ? 
ATOM   421  N  N   . TYR A 1 59 ? 9.521   1.666   9.431   1.000 14.243 0 59  TYR A N   1 ? 
ATOM   422  C  CA  . TYR A 1 59 ? 9.483   0.395   10.155  1.000 16.229 0 59  TYR A CA  1 ? 
ATOM   423  C  C   . TYR A 1 59 ? 8.071   -0.206  10.250  1.000 15.126 0 59  TYR A C   1 ? 
ATOM   424  O  O   . TYR A 1 59 ? 7.892   -1.453  10.238  1.000 18.715 0 59  TYR A O   1 ? 
ATOM   425  C  CB  . TYR A 1 59 ? 10.060  0.556   11.561  1.000 15.987 0 59  TYR A CB  1 ? 
ATOM   426  C  CG  . TYR A 1 59 ? 10.226  -0.753  12.274  1.000 20.464 0 59  TYR A CG  1 ? 
ATOM   427  C  CD1 . TYR A 1 59 ? 11.220  -1.642  11.901  1.000 20.998 0 59  TYR A CD1 1 ? 
ATOM   428  C  CD2 . TYR A 1 59 ? 9.356   -1.101  13.275  1.000 21.453 0 59  TYR A CD2 1 ? 
ATOM   429  C  CE1 . TYR A 1 59 ? 11.347  -2.874  12.524  1.000 24.238 0 59  TYR A CE1 1 ? 
ATOM   430  C  CE2 . TYR A 1 59 ? 9.464   -2.335  13.905  1.000 22.703 0 59  TYR A CE2 1 ? 
ATOM   431  C  CZ  . TYR A 1 59 ? 10.475  -3.198  13.548  1.000 25.141 0 59  TYR A CZ  1 ? 
ATOM   432  O  OH  . TYR A 1 59 ? 10.588  -4.393  14.260  1.000 31.360 0 59  TYR A OH  1 ? 
ATOM   433  N  N   . TYR A 1 60 ? 7.041   0.653   10.346  1.000 16.272 0 60  TYR A N   1 ? 
ATOM   434  C  CA  . TYR A 1 60 ? 5.682   0.252   10.656  1.000 17.004 0 60  TYR A CA  1 ? 
ATOM   435  C  C   . TYR A 1 60 ? 4.798   0.211   9.421   1.000 16.544 0 60  TYR A C   1 ? 
ATOM   436  O  O   . TYR A 1 60 ? 3.602   0.048   9.563   1.000 17.263 0 60  TYR A O   1 ? 
ATOM   437  C  CB  . TYR A 1 60 ? 5.101   1.292   11.610  1.000 19.980 0 60  TYR A CB  1 ? 
ATOM   438  C  CG  . TYR A 1 60 ? 5.753   1.336   12.960  1.000 24.407 0 60  TYR A CG  1 ? 
ATOM   439  C  CD1 . TYR A 1 60 ? 5.760   0.217   13.777  1.000 30.859 0 60  TYR A CD1 1 ? 
ATOM   440  C  CD2 . TYR A 1 60 ? 6.379   2.488   13.387  1.000 30.702 0 60  TYR A CD2 1 ? 
ATOM   441  C  CE1 . TYR A 1 60 ? 6.372   0.258   15.022  1.000 35.763 0 60  TYR A CE1 1 ? 
ATOM   442  C  CE2 . TYR A 1 60 ? 7.008   2.540   14.617  1.000 36.333 0 60  TYR A CE2 1 ? 
ATOM   443  C  CZ  . TYR A 1 60 ? 7.009   1.421   15.427  1.000 35.660 0 60  TYR A CZ  1 ? 
ATOM   444  O  OH  . TYR A 1 60 ? 7.620   1.547   16.658  1.000 46.048 0 60  TYR A OH  1 ? 
ATOM   445  N  N   . ILE A 1 61 ? 5.402   0.314   8.236   1.000 15.525 0 61  ILE A N   1 ? 
ATOM   446  C  CA  . ILE A 1 61 ? 4.655   0.185   7.003   1.000 16.263 0 61  ILE A CA  1 ? 
ATOM   447  C  C   . ILE A 1 61 ? 5.191   -0.954  6.142   1.000 16.956 0 61  ILE A C   1 ? 
ATOM   448  O  O   . ILE A 1 61 ? 6.397   -1.055  6.007   1.000 17.486 0 61  ILE A O   1 ? 
ATOM   449  C  CB  . ILE A 1 61 ? 4.683   1.519   6.241   1.000 16.639 0 61  ILE A CB  1 ? 
ATOM   450  C  CG1 . ILE A 1 61 ? 4.141   2.658   7.111   1.000 20.517 0 61  ILE A CG1 1 ? 
ATOM   451  C  CG2 . ILE A 1 61 ? 3.915   1.419   4.932   1.000 16.487 0 61  ILE A CG2 1 ? 
ATOM   452  C  CD1 . ILE A 1 61 ? 3.893   3.945   6.388   1.000 24.190 0 61  ILE A CD1 1 ? 
ATOM   453  N  N   . LYS A 1 62 ? 4.266   -1.772  5.620   1.000 17.461 0 62  LYS A N   1 ? 
ATOM   454  C  CA  . LYS A 1 62 ? 4.650   -2.983  4.903   1.000 16.619 0 62  LYS A CA  1 ? 
ATOM   455  C  C   . LYS A 1 62 ? 4.959   -2.628  3.463   1.000 16.388 0 62  LYS A C   1 ? 
ATOM   456  O  O   . LYS A 1 62 ? 4.070   -2.660  2.625   1.000 17.009 0 62  LYS A O   1 ? 
ATOM   457  C  CB  . LYS A 1 62 ? 3.505   -3.986  5.023   1.000 18.464 0 62  LYS A CB  1 ? 
ATOM   458  C  CG  . LYS A 1 62 ? 3.791   -5.457  4.690   1.000 25.578 0 62  LYS A CG  1 ? 
ATOM   459  C  CD  . LYS A 1 62 ? 2.504   -6.325  4.822   1.000 24.120 0 62  LYS A CD  1 ? 
ATOM   460  N  N   . THR A 1 63 ? 6.221   -2.282  3.167   1.000 16.538 0 63  THR A N   1 ? 
ATOM   461  C  CA  . THR A 1 63 ? 6.618   -1.938  1.798   1.000 15.862 0 63  THR A CA  1 ? 
ATOM   462  C  C   . THR A 1 63 ? 7.474   -3.013  1.118   1.000 19.714 0 63  THR A C   1 ? 
ATOM   463  O  O   . THR A 1 63 ? 7.731   -2.935  -0.089  1.000 21.614 0 63  THR A O   1 ? 
ATOM   464  C  CB  . THR A 1 63 ? 7.454   -0.655  1.783   1.000 17.858 0 63  THR A CB  1 ? 
ATOM   465  O  OG1 . THR A 1 63 ? 8.664   -0.954  2.466   1.000 20.029 0 63  THR A OG1 1 ? 
ATOM   466  C  CG2 . THR A 1 63 ? 6.731   0.524   2.369   1.000 16.029 0 63  THR A CG2 1 ? 
ATOM   467  N  N   . GLY A 1 64 ? 7.881   -3.986  1.895   1.000 20.356 0 64  GLY A N   1 ? 
ATOM   468  C  CA  . GLY A 1 64 ? 8.751   -5.042  1.404   1.000 25.127 0 64  GLY A CA  1 ? 
ATOM   469  C  C   . GLY A 1 64 ? 10.195  -4.585  1.238   1.000 26.790 0 64  GLY A C   1 ? 
ATOM   470  O  O   . GLY A 1 64 ? 10.982  -5.298  0.616   1.000 28.542 0 64  GLY A O   1 ? 
ATOM   471  N  N   . SER A 1 65 ? 10.537  -3.443  1.859   1.000 23.569 0 65  SER A N   1 ? 
ATOM   472  C  CA  . SER A 1 65 ? 11.898  -2.899  1.871   1.000 21.937 0 65  SER A CA  1 ? 
ATOM   473  C  C   . SER A 1 65 ? 12.181  -2.068  3.127   1.000 20.003 0 65  SER A C   1 ? 
ATOM   474  O  O   . SER A 1 65 ? 11.261  -1.470  3.696   1.000 21.021 0 65  SER A O   1 ? 
ATOM   475  C  CB  . SER A 1 65 ? 12.116  -2.063  0.668   1.000 23.685 0 65  SER A CB  1 ? 
ATOM   476  O  OG  . SER A 1 65 ? 13.446  -1.573  0.662   1.000 23.960 0 65  SER A OG  1 ? 
ATOM   477  N  N   . SER A 1 66 ? 13.451  -2.065  3.609   1.000 18.296 0 66  SER A N   1 ? 
ATOM   478  C  CA  . SER A 1 66 ? 13.911  -1.141  4.614   1.000 18.402 0 66  SER A CA  1 ? 
ATOM   479  C  C   . SER A 1 66 ? 14.718  -0.005  3.997   1.000 18.892 0 66  SER A C   1 ? 
ATOM   480  O  O   . SER A 1 66 ? 15.357  0.737   4.709   1.000 20.652 0 66  SER A O   1 ? 
ATOM   481  C  CB  . SER A 1 66 ? 14.686  -1.836  5.731   1.000 24.007 0 66  SER A CB  1 ? 
ATOM   482  O  OG  . SER A 1 66 ? 15.849  -2.419  5.217   1.000 24.835 0 66  SER A OG  1 ? 
ATOM   483  N  N   . SER A 1 67 ? 14.601  0.154   2.678   1.000 16.201 0 67  SER A N   1 ? 
ATOM   484  C  CA  . SER A 1 67 ? 15.110  1.327   1.998   1.000 15.991 0 67  SER A CA  1 ? 
ATOM   485  C  C   . SER A 1 67 ? 13.955  1.956   1.203   1.000 18.909 0 67  SER A C   1 ? 
ATOM   486  O  O   . SER A 1 67 ? 12.790  1.720   1.496   1.000 22.447 0 67  SER A O   1 ? 
ATOM   487  C  CB  . SER A 1 67 ? 16.308  0.955   1.178   1.000 14.018 0 67  SER A CB  1 ? 
ATOM   488  O  OG  . SER A 1 67 ? 16.884  2.113   0.581   1.000 15.190 0 67  SER A OG  1 ? 
ATOM   489  N  N   . TYR A 1 68 ? 14.251  2.750   0.183   1.000 14.787 0 68  TYR A N   1 ? 
ATOM   490  C  CA  . TYR A 1 68 ? 13.253  3.552   -0.504  1.000 15.110 0 68  TYR A CA  1 ? 
ATOM   491  C  C   . TYR A 1 68 ? 12.429  2.727   -1.484  1.000 15.370 0 68  TYR A C   1 ? 
ATOM   492  O  O   . TYR A 1 68 ? 12.957  1.865   -2.202  1.000 16.057 0 68  TYR A O   1 ? 
ATOM   493  C  CB  . TYR A 1 68 ? 13.975  4.610   -1.345  1.000 13.564 0 68  TYR A CB  1 ? 
ATOM   494  C  CG  . TYR A 1 68 ? 14.541  5.686   -0.470  1.000 12.717 0 68  TYR A CG  1 ? 
ATOM   495  C  CD1 . TYR A 1 68 ? 15.782  5.557   0.164   1.000 13.947 0 68  TYR A CD1 1 ? 
ATOM   496  C  CD2 . TYR A 1 68 ? 13.900  6.897   -0.340  1.000 12.557 0 68  TYR A CD2 1 ? 
ATOM   497  C  CE1 . TYR A 1 68 ? 16.263  6.577   0.976   1.000 14.631 0 68  TYR A CE1 1 ? 
ATOM   498  C  CE2 . TYR A 1 68 ? 14.326  7.896   0.509   1.000 13.407 0 68  TYR A CE2 1 ? 
ATOM   499  C  CZ  . TYR A 1 68 ? 15.570  7.767   1.135   1.000 14.649 0 68  TYR A CZ  1 ? 
ATOM   500  O  OH  . TYR A 1 68 ? 16.133  8.726   1.946   1.000 14.224 0 68  TYR A OH  1 ? 
ATOM   501  N  N   . VAL A 1 69 ? 11.102  3.030   -1.525  1.000 14.781 0 69  VAL A N   1 ? 
ATOM   502  C  CA  . VAL A 1 69 ? 10.167  2.519   -2.518  1.000 15.432 0 69  VAL A CA  1 ? 
ATOM   503  C  C   . VAL A 1 69 ? 9.504   3.644   -3.312  1.000 14.927 0 69  VAL A C   1 ? 
ATOM   504  O  O   . VAL A 1 69 ? 8.743   3.351   -4.264  1.000 16.703 0 69  VAL A O   1 ? 
ATOM   505  C  CB  . VAL A 1 69 ? 9.136   1.556   -1.901  1.000 16.851 0 69  VAL A CB  1 ? 
ATOM   506  C  CG1 . VAL A 1 69 ? 9.850   0.346   -1.332  1.000 16.773 0 69  VAL A CG1 1 ? 
ATOM   507  C  CG2 . VAL A 1 69 ? 8.290   2.261   -0.877  1.000 16.264 0 69  VAL A CG2 1 ? 
ATOM   508  N  N   A THR A 1 70 ? 9.819   4.896   -2.948  0.700 14.490 0 70  THR A N   1 ? 
ATOM   509  N  N   B THR A 1 70 ? 9.856   4.887   -3.002  0.300 14.042 0 70  THR A N   1 ? 
ATOM   510  C  CA  A THR A 1 70 ? 9.296   6.104   -3.589  0.700 16.532 0 70  THR A CA  1 ? 
ATOM   511  C  CA  B THR A 1 70 ? 9.377   6.001   -3.800  0.300 13.861 0 70  THR A CA  1 ? 
ATOM   512  C  C   A THR A 1 70 ? 10.453  7.081   -3.742  0.700 17.372 0 70  THR A C   1 ? 
ATOM   513  C  C   B THR A 1 70 ? 10.443  7.084   -3.722  0.300 15.563 0 70  THR A C   1 ? 
ATOM   514  O  O   A THR A 1 70 ? 11.577  6.824   -3.254  0.700 15.497 0 70  THR A O   1 ? 
ATOM   515  O  O   B THR A 1 70 ? 11.523  6.850   -3.165  0.300 15.527 0 70  THR A O   1 ? 
ATOM   516  C  CB  A THR A 1 70 ? 8.226   6.861   -2.764  0.700 17.779 0 70  THR A CB  1 ? 
ATOM   517  C  CB  B THR A 1 70 ? 7.938   6.367   -3.398  0.300 12.872 0 70  THR A CB  1 ? 
ATOM   518  O  OG1 A THR A 1 70 ? 8.656   7.287   -1.461  0.700 17.617 0 70  THR A OG1 1 ? 
ATOM   519  O  OG1 B THR A 1 70 ? 7.491   7.298   -4.383  0.300 11.119 0 70  THR A OG1 1 ? 
ATOM   520  C  CG2 A THR A 1 70 ? 6.963   6.068   -2.547  0.700 16.916 0 70  THR A CG2 1 ? 
ATOM   521  C  CG2 B THR A 1 70 ? 7.746   7.021   -2.042  0.300 12.858 0 70  THR A CG2 1 ? 
ATOM   522  N  N   . ALA A 1 71 ? 10.166  8.229   -4.332  1.000 16.387 0 71  ALA A N   1 ? 
ATOM   523  C  CA  . ALA A 1 71 ? 11.106  9.315   -4.387  1.000 16.278 0 71  ALA A CA  1 ? 
ATOM   524  C  C   . ALA A 1 71 ? 11.438  9.827   -2.990  1.000 16.494 0 71  ALA A C   1 ? 
ATOM   525  O  O   . ALA A 1 71 ? 10.557  9.851   -2.102  1.000 15.572 0 71  ALA A O   1 ? 
ATOM   526  C  CB  . ALA A 1 71 ? 10.535  10.436  -5.223  1.000 18.349 0 71  ALA A CB  1 ? 
ATOM   527  N  N   . LYS A 1 72 ? 12.705  10.234  -2.848  1.000 15.208 0 72  LYS A N   1 ? 
ATOM   528  C  CA  . LYS A 1 72 ? 13.159  10.945  -1.673  1.000 15.753 0 72  LYS A CA  1 ? 
ATOM   529  C  C   . LYS A 1 72 ? 12.528  12.328  -1.634  1.000 16.626 0 72  LYS A C   1 ? 
ATOM   530  O  O   . LYS A 1 72 ? 12.537  13.007  -2.654  1.000 16.154 0 72  LYS A O   1 ? 
ATOM   531  C  CB  . LYS A 1 72 ? 14.703  11.002  -1.617  1.000 17.407 0 72  LYS A CB  1 ? 
ATOM   532  C  CG  . LYS A 1 72 ? 15.313  11.716  -0.432  1.000 16.709 0 72  LYS A CG  1 ? 
ATOM   533  C  CD  . LYS A 1 72 ? 16.845  11.504  -0.351  1.000 17.198 0 72  LYS A CD  1 ? 
ATOM   534  C  CE  . LYS A 1 72 ? 17.468  11.969  0.940   1.000 19.666 0 72  LYS A CE  1 ? 
ATOM   535  N  NZ  . LYS A 1 72 ? 17.292  13.426  1.092   1.000 21.493 0 72  LYS A NZ  1 ? 
ATOM   536  N  N   . CYS A 1 73 ? 11.924  12.699  -0.498  1.000 17.417 0 73  CYS A N   1 ? 
ATOM   537  C  CA  . CYS A 1 73 ? 11.366  14.025  -0.317  1.000 18.508 0 73  CYS A CA  1 ? 
ATOM   538  C  C   . CYS A 1 73 ? 12.398  15.097  -0.665  1.000 19.934 0 73  CYS A C   1 ? 
ATOM   539  O  O   . CYS A 1 73 ? 13.539  15.061  -0.175  1.000 19.577 0 73  CYS A O   1 ? 
ATOM   540  C  CB  . CYS A 1 73 ? 10.876  14.264  1.111   1.000 17.585 0 73  CYS A CB  1 ? 
ATOM   541  S  SG  . CYS A 1 73 ? 9.647   13.056  1.707   1.000 20.501 0 73  CYS A SG  1 ? 
ATOM   542  N  N   . ASP A 1 74 ? 11.950  16.086  -1.457  1.000 25.011 0 74  ASP A N   1 ? 
ATOM   543  C  CA  . ASP A 1 74 ? 12.741  17.255  -1.797  1.000 33.203 0 74  ASP A CA  1 ? 
ATOM   544  C  C   . ASP A 1 74 ? 12.235  18.408  -0.921  1.000 40.673 0 74  ASP A C   1 ? 
ATOM   545  O  O   . ASP A 1 74 ? 11.230  19.033  -1.337  1.000 45.385 0 74  ASP A O   1 ? 
ATOM   546  C  CB  . ASP A 1 74 ? 12.626  17.502  -3.303  1.000 41.836 0 74  ASP A CB  1 ? 
ATOM   547  C  CG  . ASP A 1 74 ? 13.454  18.660  -3.832  1.000 49.594 0 74  ASP A CG  1 ? 
ATOM   548  O  OD1 . ASP A 1 74 ? 13.964  19.443  -2.994  1.000 50.408 0 74  ASP A OD1 1 ? 
ATOM   549  O  OD2 . ASP A 1 74 ? 13.576  18.766  -5.076  1.000 52.302 0 74  ASP A OD2 1 ? 
ATOM   550  O  OXT . ASP A 1 74 ? 12.809  18.579  0.180   1.000 39.141 0 74  ASP A OXT 1 ? 
ATOM   551  N  N   . TYR B 1 1  ? -1.546  -0.405  -0.915  1.000 14.815 0 1   TYR B N   1 ? 
ATOM   552  C  CA  . TYR B 1 1  ? -0.438  -0.628  -1.866  1.000 14.239 0 1   TYR B CA  1 ? 
ATOM   553  C  C   . TYR B 1 1  ? -0.667  0.128   -3.155  1.000 12.928 0 1   TYR B C   1 ? 
ATOM   554  O  O   . TYR B 1 1  ? -1.799  0.414   -3.506  1.000 14.906 0 1   TYR B O   1 ? 
ATOM   555  C  CB  . TYR B 1 1  ? -0.394  -2.111  -2.286  1.000 13.394 0 1   TYR B CB  1 ? 
ATOM   556  C  CG  . TYR B 1 1  ? -0.045  -3.049  -1.155  1.000 14.498 0 1   TYR B CG  1 ? 
ATOM   557  C  CD1 . TYR B 1 1  ? 1.275   -3.281  -0.761  1.000 15.379 0 1   TYR B CD1 1 ? 
ATOM   558  C  CD2 . TYR B 1 1  ? -1.047  -3.742  -0.482  1.000 14.471 0 1   TYR B CD2 1 ? 
ATOM   559  C  CE1 . TYR B 1 1  ? 1.569   -4.159  0.265   1.000 14.892 0 1   TYR B CE1 1 ? 
ATOM   560  C  CE2 . TYR B 1 1  ? -0.756  -4.648  0.530   1.000 14.145 0 1   TYR B CE2 1 ? 
ATOM   561  C  CZ  . TYR B 1 1  ? 0.568   -4.887  0.896   1.000 13.437 0 1   TYR B CZ  1 ? 
ATOM   562  O  OH  . TYR B 1 1  ? 0.866   -5.769  1.949   1.000 16.521 0 1   TYR B OH  1 ? 
ATOM   563  N  N   . PRO B 1 2  ? 0.401   0.580   -3.810  1.000 14.383 0 2   PRO B N   1 ? 
ATOM   564  C  CA  . PRO B 1 2  ? 0.276   1.362   -5.042  1.000 14.556 0 2   PRO B CA  1 ? 
ATOM   565  C  C   . PRO B 1 2  ? -0.009  0.550   -6.288  1.000 16.553 0 2   PRO B C   1 ? 
ATOM   566  O  O   . PRO B 1 2  ? 0.463   -0.587  -6.433  1.000 17.088 0 2   PRO B O   1 ? 
ATOM   567  C  CB  . PRO B 1 2  ? 1.590   2.103   -5.188  1.000 18.445 0 2   PRO B CB  1 ? 
ATOM   568  C  CG  . PRO B 1 2  ? 2.576   1.391   -4.273  1.000 18.492 0 2   PRO B CG  1 ? 
ATOM   569  C  CD  . PRO B 1 2  ? 1.809   0.402   -3.425  1.000 17.989 0 2   PRO B CD  1 ? 
ATOM   570  N  N   . ILE B 1 3  ? -0.822  1.164   -7.165  1.000 15.520 0 3   ILE B N   1 ? 
ATOM   571  C  CA  . ILE B 1 3  ? -1.157  0.634   -8.479  1.000 15.838 0 3   ILE B CA  1 ? 
ATOM   572  C  C   . ILE B 1 3  ? 0.026   0.928   -9.374  1.000 14.324 0 3   ILE B C   1 ? 
ATOM   573  O  O   . ILE B 1 3  ? 0.582   2.037   -9.330  1.000 17.366 0 3   ILE B O   1 ? 
ATOM   574  C  CB  . ILE B 1 3  ? -2.451  1.296   -8.992  1.000 17.724 0 3   ILE B CB  1 ? 
ATOM   575  C  CG1 . ILE B 1 3  ? -3.681  0.864   -8.185  1.000 20.461 0 3   ILE B CG1 1 ? 
ATOM   576  C  CG2 . ILE B 1 3  ? -2.653  1.160   -10.505 1.000 22.317 0 3   ILE B CG2 1 ? 
ATOM   577  C  CD1 . ILE B 1 3  ? -4.198  -0.528  -8.440  1.000 24.600 0 3   ILE B CD1 1 ? 
ATOM   578  N  N   . THR B 1 4  ? 0.372   -0.016  -10.246 1.000 15.749 0 4   THR B N   1 ? 
ATOM   579  C  CA  . THR B 1 4  ? 1.325   0.259   -11.315 1.000 20.211 0 4   THR B CA  1 ? 
ATOM   580  C  C   . THR B 1 4  ? 0.564   0.517   -12.623 1.000 21.628 0 4   THR B C   1 ? 
ATOM   581  O  O   . THR B 1 4  ? -0.334  -0.212  -13.005 1.000 25.269 0 4   THR B O   1 ? 
ATOM   582  C  CB  . THR B 1 4  ? 2.342   -0.884  -11.358 1.000 23.918 0 4   THR B CB  1 ? 
ATOM   583  O  OG1 . THR B 1 4  ? 1.591   -1.963  -11.883 1.000 25.829 0 4   THR B OG1 1 ? 
ATOM   584  C  CG2 . THR B 1 4  ? 2.894   -1.228  -10.001 1.000 24.938 0 4   THR B CG2 1 ? 
ATOM   585  N  N   . GLY B 1 5  ? 0.969   1.530   -13.353 1.000 22.683 0 5   GLY B N   1 ? 
ATOM   586  C  CA  . GLY B 1 5  ? 0.329   1.819   -14.629 1.000 22.410 0 5   GLY B CA  1 ? 
ATOM   587  C  C   . GLY B 1 5  ? -0.845  2.778   -14.449 1.000 20.726 0 5   GLY B C   1 ? 
ATOM   588  O  O   . GLY B 1 5  ? -0.865  3.599   -13.496 1.000 20.665 0 5   GLY B O   1 ? 
ATOM   589  N  N   . ASP B 1 6  ? -1.739  2.789   -15.439 1.000 20.818 0 6   ASP B N   1 ? 
ATOM   590  C  CA  . ASP B 1 6  ? -2.707  3.864   -15.588 1.000 17.669 0 6   ASP B CA  1 ? 
ATOM   591  C  C   . ASP B 1 6  ? -3.935  3.243   -16.246 1.000 19.386 0 6   ASP B C   1 ? 
ATOM   592  O  O   . ASP B 1 6  ? -3.815  2.355   -17.114 1.000 23.421 0 6   ASP B O   1 ? 
ATOM   593  C  CB  . ASP B 1 6  ? -2.085  5.053   -16.325 1.000 17.703 0 6   ASP B CB  1 ? 
ATOM   594  C  CG  . ASP B 1 6  ? -2.938  6.300   -16.357 1.000 19.362 0 6   ASP B CG  1 ? 
ATOM   595  O  OD1 . ASP B 1 6  ? -3.797  6.458   -15.444 1.000 17.337 0 6   ASP B OD1 1 ? 
ATOM   596  O  OD2 . ASP B 1 6  ? -2.662  7.151   -17.268 1.000 19.827 0 6   ASP B OD2 1 ? 
ATOM   597  N  N   . GLY B 1 7  ? -5.110  3.523   -15.663 1.000 19.143 0 7   GLY B N   1 ? 
ATOM   598  C  CA  . GLY B 1 7  ? -6.346  2.960   -16.141 1.000 18.588 0 7   GLY B CA  1 ? 
ATOM   599  C  C   . GLY B 1 7  ? -6.461  1.472   -15.827 1.000 20.125 0 7   GLY B C   1 ? 
ATOM   600  O  O   . GLY B 1 7  ? -6.966  0.678   -16.611 1.000 21.249 0 7   GLY B O   1 ? 
ATOM   601  N  N   . VAL B 1 8  ? -6.080  1.103   -14.621 1.000 16.861 0 8   VAL B N   1 ? 
ATOM   602  C  CA  . VAL B 1 8  ? -6.100  -0.297  -14.241 1.000 16.643 0 8   VAL B CA  1 ? 
ATOM   603  C  C   . VAL B 1 8  ? -7.508  -0.647  -13.787 1.000 15.091 0 8   VAL B C   1 ? 
ATOM   604  O  O   . VAL B 1 8  ? -8.059  0.005   -12.904 1.000 16.365 0 8   VAL B O   1 ? 
ATOM   605  C  CB  . VAL B 1 8  ? -5.068  -0.549  -13.123 1.000 16.382 0 8   VAL B CB  1 ? 
ATOM   606  C  CG1 . VAL B 1 8  ? -5.198  -1.912  -12.431 1.000 19.071 0 8   VAL B CG1 1 ? 
ATOM   607  C  CG2 . VAL B 1 8  ? -3.657  -0.296  -13.634 1.000 18.090 0 8   VAL B CG2 1 ? 
ATOM   608  N  N   . ASN B 1 9  ? -8.074  -1.722  -14.349 1.000 13.988 0 9   ASN B N   1 ? 
ATOM   609  C  CA  . ASN B 1 9  ? -9.474  -2.036  -14.160 1.000 15.286 0 9   ASN B CA  1 ? 
ATOM   610  C  C   . ASN B 1 9  ? -9.704  -2.715  -12.809 1.000 12.667 0 9   ASN B C   1 ? 
ATOM   611  O  O   . ASN B 1 9  ? -8.883  -3.488  -12.328 1.000 13.925 0 9   ASN B O   1 ? 
ATOM   612  C  CB  . ASN B 1 9  ? -9.959  -3.013  -15.219 1.000 17.271 0 9   ASN B CB  1 ? 
ATOM   613  C  CG  . ASN B 1 9  ? -9.943  -2.383  -16.588 1.000 20.812 0 9   ASN B CG  1 ? 
ATOM   614  O  OD1 . ASN B 1 9  ? -9.577  -3.014  -17.582 1.000 30.662 0 9   ASN B OD1 1 ? 
ATOM   615  N  ND2 . ASN B 1 9  ? -10.510 -1.214  -16.647 1.000 18.771 0 9   ASN B ND2 1 ? 
ATOM   616  N  N   . CYS B 1 10 ? -10.826 -2.346  -12.191 1.000 13.944 0 10  CYS B N   1 ? 
ATOM   617  C  CA  . CYS B 1 10 ? -11.267 -2.953  -10.948 1.000 14.689 0 10  CYS B CA  1 ? 
ATOM   618  C  C   . CYS B 1 10 ? -12.627 -3.580  -11.285 1.000 14.686 0 10  CYS B C   1 ? 
ATOM   619  O  O   . CYS B 1 10 ? -13.567 -2.887  -11.684 1.000 16.118 0 10  CYS B O   1 ? 
ATOM   620  C  CB  . CYS B 1 10 ? -11.382 -1.895  -9.854  1.000 15.315 0 10  CYS B CB  1 ? 
ATOM   621  S  SG  . CYS B 1 10 ? -11.531 -2.504  -8.143  1.000 17.911 0 10  CYS B SG  1 ? 
ATOM   622  N  N   . ARG B 1 11 ? -12.728 -4.919  -11.160 1.000 13.630 0 11  ARG B N   1 ? 
ATOM   623  C  CA  . ARG B 1 11 ? -13.774 -5.712  -11.769 1.000 14.325 0 11  ARG B CA  1 ? 
ATOM   624  C  C   . ARG B 1 11 ? -14.685 -6.295  -10.697 1.000 13.390 0 11  ARG B C   1 ? 
ATOM   625  O  O   . ARG B 1 11 ? -14.408 -6.250  -9.472  1.000 14.461 0 11  ARG B O   1 ? 
ATOM   626  C  CB  . ARG B 1 11 ? -13.157 -6.827  -12.615 1.000 16.479 0 11  ARG B CB  1 ? 
ATOM   627  C  CG  . ARG B 1 11 ? -12.371 -6.310  -13.812 1.000 15.506 0 11  ARG B CG  1 ? 
ATOM   628  C  CD  . ARG B 1 11 ? -11.862 -7.488  -14.590 1.000 15.515 0 11  ARG B CD  1 ? 
ATOM   629  N  NE  . ARG B 1 11 ? -11.053 -7.066  -15.698 1.000 16.288 0 11  ARG B NE  1 ? 
ATOM   630  C  CZ  . ARG B 1 11 ? -11.520 -6.857  -16.943 1.000 19.422 0 11  ARG B CZ  1 ? 
ATOM   631  N  NH1 . ARG B 1 11 ? -12.793 -7.080  -17.258 1.000 20.640 0 11  ARG B NH1 1 ? 
ATOM   632  N  NH2 . ARG B 1 11 ? -10.650 -6.515  -17.884 1.000 21.980 0 11  ARG B NH2 1 ? 
ATOM   633  N  N   . SER B 1 12 ? -15.865 -6.747  -11.169 1.000 12.854 0 12  SER B N   1 ? 
ATOM   634  C  CA  . SER B 1 12 ? -16.883 -7.282  -10.271 1.000 14.679 0 12  SER B CA  1 ? 
ATOM   635  C  C   . SER B 1 12 ? -16.672 -8.714  -9.802  1.000 14.994 0 12  SER B C   1 ? 
ATOM   636  O  O   . SER B 1 12 ? -17.502 -9.241  -9.070  1.000 16.074 0 12  SER B O   1 ? 
ATOM   637  C  CB  . SER B 1 12 ? -18.197 -7.105  -10.941 1.000 14.418 0 12  SER B CB  1 ? 
ATOM   638  O  OG  . SER B 1 12 ? -18.280 -7.891  -12.096 1.000 15.737 0 12  SER B OG  1 ? 
ATOM   639  N  N   . GLY B 1 13 ? -15.489 -9.263  -10.076 1.000 15.457 0 13  GLY B N   1 ? 
ATOM   640  C  CA  . GLY B 1 13 ? -15.036 -10.557 -9.642  1.000 14.352 0 13  GLY B CA  1 ? 
ATOM   641  C  C   . GLY B 1 13 ? -13.579 -10.745 -10.026 1.000 13.433 0 13  GLY B C   1 ? 
ATOM   642  O  O   . GLY B 1 13 ? -12.980 -9.936  -10.725 1.000 15.312 0 13  GLY B O   1 ? 
ATOM   643  N  N   . PRO B 1 14 ? -12.980 -11.837 -9.511  1.000 15.514 0 14  PRO B N   1 ? 
ATOM   644  C  CA  . PRO B 1 14 ? -11.551 -12.107 -9.664  1.000 14.615 0 14  PRO B CA  1 ? 
ATOM   645  C  C   . PRO B 1 14 ? -11.219 -12.685 -11.034 1.000 16.912 0 14  PRO B C   1 ? 
ATOM   646  O  O   . PRO B 1 14 ? -10.876 -13.862 -11.179 1.000 17.447 0 14  PRO B O   1 ? 
ATOM   647  C  CB  . PRO B 1 14 ? -11.257 -13.047 -8.505  1.000 16.621 0 14  PRO B CB  1 ? 
ATOM   648  C  CG  . PRO B 1 14 ? -12.517 -13.861 -8.456  1.000 17.928 0 14  PRO B CG  1 ? 
ATOM   649  C  CD  . PRO B 1 14 ? -13.635 -12.859 -8.673  1.000 17.442 0 14  PRO B CD  1 ? 
ATOM   650  N  N   . GLY B 1 15 ? -11.331 -11.891 -12.078 1.000 16.056 0 15  GLY B N   1 ? 
ATOM   651  C  CA  . GLY B 1 15 ? -10.964 -12.354 -13.408 1.000 17.603 0 15  GLY B CA  1 ? 
ATOM   652  C  C   . GLY B 1 15 ? -11.378 -11.416 -14.526 1.000 19.605 0 15  GLY B C   1 ? 
ATOM   653  O  O   . GLY B 1 15 ? -12.277 -10.602 -14.357 1.000 20.092 0 15  GLY B O   1 ? 
ATOM   654  N  N   . THR B 1 16 ? -10.818 -11.636 -15.729 1.000 21.138 0 16  THR B N   1 ? 
ATOM   655  C  CA  . THR B 1 16 ? -11.021 -10.690 -16.826 1.000 23.961 0 16  THR B CA  1 ? 
ATOM   656  C  C   . THR B 1 16 ? -12.361 -10.900 -17.531 1.000 26.479 0 16  THR B C   1 ? 
ATOM   657  O  O   . THR B 1 16 ? -12.663 -10.131 -18.433 1.000 31.612 0 16  THR B O   1 ? 
ATOM   658  C  CB  . THR B 1 16 ? -9.849  -10.747 -17.813 1.000 25.742 0 16  THR B CB  1 ? 
ATOM   659  O  OG1 . THR B 1 16 ? -9.734  -12.117 -18.188 1.000 25.957 0 16  THR B OG1 1 ? 
ATOM   660  C  CG2 . THR B 1 16 ? -8.562  -10.203 -17.226 1.000 28.235 0 16  THR B CG2 1 ? 
ATOM   661  N  N   . SER B 1 17 ? -13.136 -11.899 -17.105 1.000 27.267 0 17  SER B N   1 ? 
ATOM   662  C  CA  . SER B 1 17 ? -14.472 -12.166 -17.636 1.000 32.339 0 17  SER B CA  1 ? 
ATOM   663  C  C   . SER B 1 17 ? -15.530 -11.340 -16.899 1.000 32.454 0 17  SER B C   1 ? 
ATOM   664  O  O   . SER B 1 17 ? -16.644 -11.178 -17.389 1.000 36.062 0 17  SER B O   1 ? 
ATOM   665  C  CB  . SER B 1 17 ? -14.810 -13.649 -17.626 1.000 34.527 0 17  SER B CB  1 ? 
ATOM   666  O  OG  . SER B 1 17 ? -15.180 -14.110 -16.325 1.000 39.007 0 17  SER B OG  1 ? 
ATOM   667  N  N   . TYR B 1 18 ? -15.162 -10.771 -15.744 1.000 24.711 0 18  TYR B N   1 ? 
ATOM   668  C  CA  . TYR B 1 18 ? -16.066 -9.959  -14.960 1.000 21.165 0 18  TYR B CA  1 ? 
ATOM   669  C  C   . TYR B 1 18 ? -16.110 -8.513  -15.450 1.000 18.104 0 18  TYR B C   1 ? 
ATOM   670  O  O   . TYR B 1 18 ? -15.136 -7.891  -15.866 1.000 19.341 0 18  TYR B O   1 ? 
ATOM   671  C  CB  . TYR B 1 18 ? -15.665 -9.990  -13.489 1.000 20.564 0 18  TYR B CB  1 ? 
ATOM   672  C  CG  . TYR B 1 18 ? -15.933 -11.299 -12.811 1.000 20.966 0 18  TYR B CG  1 ? 
ATOM   673  C  CD1 . TYR B 1 18 ? -17.169 -11.569 -12.257 1.000 21.011 0 18  TYR B CD1 1 ? 
ATOM   674  C  CD2 . TYR B 1 18 ? -14.924 -12.247 -12.715 1.000 20.573 0 18  TYR B CD2 1 ? 
ATOM   675  C  CE1 . TYR B 1 18 ? -17.404 -12.777 -11.624 1.000 22.027 0 18  TYR B CE1 1 ? 
ATOM   676  C  CE2 . TYR B 1 18 ? -15.137 -13.449 -12.076 1.000 23.766 0 18  TYR B CE2 1 ? 
ATOM   677  C  CZ  . TYR B 1 18 ? -16.383 -13.710 -11.539 1.000 23.637 0 18  TYR B CZ  1 ? 
ATOM   678  O  OH  . TYR B 1 18 ? -16.546 -14.911 -10.891 1.000 28.923 0 18  TYR B OH  1 ? 
ATOM   679  N  N   . SER B 1 19 ? -17.302 -7.937  -15.350 1.000 17.953 0 19  SER B N   1 ? 
ATOM   680  C  CA  . SER B 1 19 ? -17.465 -6.540  -15.712 1.000 18.515 0 19  SER B CA  1 ? 
ATOM   681  C  C   . SER B 1 19 ? -16.550 -5.587  -14.937 1.000 17.633 0 19  SER B C   1 ? 
ATOM   682  O  O   . SER B 1 19 ? -16.159 -5.785  -13.771 1.000 16.739 0 19  SER B O   1 ? 
ATOM   683  C  CB  . SER B 1 19 ? -18.906 -6.099  -15.531 1.000 18.841 0 19  SER B CB  1 ? 
ATOM   684  O  OG  . SER B 1 19 ? -19.269 -6.172  -14.166 1.000 22.837 0 19  SER B OG  1 ? 
ATOM   685  N  N   . VAL B 1 20 ? -16.136 -4.515  -15.627 1.000 16.100 0 20  VAL B N   1 ? 
ATOM   686  C  CA  . VAL B 1 20 ? -15.373 -3.434  -15.014 1.000 16.843 0 20  VAL B CA  1 ? 
ATOM   687  C  C   . VAL B 1 20 ? -16.292 -2.498  -14.238 1.000 18.634 0 20  VAL B C   1 ? 
ATOM   688  O  O   . VAL B 1 20 ? -17.269 -1.941  -14.769 1.000 18.625 0 20  VAL B O   1 ? 
ATOM   689  C  CB  . VAL B 1 20 ? -14.568 -2.643  -16.063 1.000 19.694 0 20  VAL B CB  1 ? 
ATOM   690  C  CG1 . VAL B 1 20 ? -13.800 -1.508  -15.405 1.000 18.721 0 20  VAL B CG1 1 ? 
ATOM   691  C  CG2 . VAL B 1 20 ? -13.651 -3.564  -16.867 1.000 21.218 0 20  VAL B CG2 1 ? 
ATOM   692  N  N   . VAL B 1 21 ? -15.931 -2.261  -12.970 1.000 15.836 0 21  VAL B N   1 ? 
ATOM   693  C  CA  . VAL B 1 21 ? -16.707 -1.417  -12.071 1.000 14.825 0 21  VAL B CA  1 ? 
ATOM   694  C  C   . VAL B 1 21 ? -16.187 0.020   -12.107 1.000 15.031 0 21  VAL B C   1 ? 
ATOM   695  O  O   . VAL B 1 21 ? -16.976 0.939   -12.239 1.000 16.640 0 21  VAL B O   1 ? 
ATOM   696  C  CB  . VAL B 1 21 ? -16.653 -1.996  -10.636 1.000 15.666 0 21  VAL B CB  1 ? 
ATOM   697  C  CG1 . VAL B 1 21 ? -17.316 -1.073  -9.629  1.000 16.039 0 21  VAL B CG1 1 ? 
ATOM   698  C  CG2 . VAL B 1 21 ? -17.260 -3.391  -10.561 1.000 16.078 0 21  VAL B CG2 1 ? 
ATOM   699  N  N   . LYS B 1 22 ? -14.854 0.134   -12.006 1.000 15.543 0 22  LYS B N   1 ? 
ATOM   700  C  CA  . LYS B 1 22 ? -14.168 1.403   -12.078 1.000 13.573 0 22  LYS B CA  1 ? 
ATOM   701  C  C   . LYS B 1 22 ? -12.715 1.126   -12.509 1.000 13.982 0 22  LYS B C   1 ? 
ATOM   702  O  O   . LYS B 1 22 ? -12.321 -0.035  -12.692 1.000 17.084 0 22  LYS B O   1 ? 
ATOM   703  C  CB  . LYS B 1 22 ? -14.189 2.143   -10.743 1.000 13.858 0 22  LYS B CB  1 ? 
ATOM   704  C  CG  . LYS B 1 22 ? -13.532 1.428   -9.560  1.000 16.022 0 22  LYS B CG  1 ? 
ATOM   705  C  CD  . LYS B 1 22 ? -13.385 2.294   -8.357  1.000 20.155 0 22  LYS B CD  1 ? 
ATOM   706  C  CE  . LYS B 1 22 ? -12.325 3.365   -8.467  1.000 22.292 0 22  LYS B CE  1 ? 
ATOM   707  N  NZ  . LYS B 1 22 ? -12.308 4.223   -7.254  1.000 21.918 0 22  LYS B NZ  1 ? 
ATOM   708  N  N   . SER B 1 23 ? -11.980 2.196   -12.778 1.000 14.681 0 23  SER B N   1 ? 
ATOM   709  C  CA  . SER B 1 23 ? -10.561 2.070   -13.065 1.000 13.959 0 23  SER B CA  1 ? 
ATOM   710  C  C   . SER B 1 23 ? -9.773  3.025   -12.183 1.000 15.727 0 23  SER B C   1 ? 
ATOM   711  O  O   . SER B 1 23 ? -10.268 4.072   -11.803 1.000 21.254 0 23  SER B O   1 ? 
ATOM   712  C  CB  . SER B 1 23 ? -10.318 2.401   -14.552 1.000 19.272 0 23  SER B CB  1 ? 
ATOM   713  O  OG  . SER B 1 23 ? -11.069 1.560   -15.427 1.000 24.071 0 23  SER B OG  1 ? 
ATOM   714  N  N   . TYR B 1 24 ? -8.533  2.643   -11.843 1.000 12.095 0 24  TYR B N   1 ? 
ATOM   715  C  CA  . TYR B 1 24 ? -7.632  3.414   -11.035 1.000 14.053 0 24  TYR B CA  1 ? 
ATOM   716  C  C   . TYR B 1 24 ? -6.644  4.148   -11.940 1.000 13.689 0 24  TYR B C   1 ? 
ATOM   717  O  O   . TYR B 1 24 ? -6.094  3.584   -12.901 1.000 17.393 0 24  TYR B O   1 ? 
ATOM   718  C  CB  . TYR B 1 24 ? -6.877  2.500   -10.083 1.000 13.359 0 24  TYR B CB  1 ? 
ATOM   719  C  CG  . TYR B 1 24 ? -7.768  1.967   -8.986  1.000 12.527 0 24  TYR B CG  1 ? 
ATOM   720  C  CD1 . TYR B 1 24 ? -8.264  2.821   -8.018  1.000 12.396 0 24  TYR B CD1 1 ? 
ATOM   721  C  CD2 . TYR B 1 24 ? -8.132  0.623   -8.890  1.000 12.785 0 24  TYR B CD2 1 ? 
ATOM   722  C  CE1 . TYR B 1 24 ? -9.149  2.373   -7.044  1.000 13.233 0 24  TYR B CE1 1 ? 
ATOM   723  C  CE2 . TYR B 1 24 ? -9.020  0.190   -7.906  1.000 15.165 0 24  TYR B CE2 1 ? 
ATOM   724  C  CZ  . TYR B 1 24 ? -9.504  1.058   -6.953  1.000 12.885 0 24  TYR B CZ  1 ? 
ATOM   725  O  OH  . TYR B 1 24 ? -10.351 0.547   -5.987  1.000 15.932 0 24  TYR B OH  1 ? 
ATOM   726  N  N   . GLN B 1 25 ? -6.471  5.416   -11.573 1.000 13.436 0 25  GLN B N   1 ? 
ATOM   727  C  CA  . GLN B 1 25 ? -5.583  6.332   -12.295 1.000 15.189 0 25  GLN B CA  1 ? 
ATOM   728  C  C   . GLN B 1 25 ? -4.158  6.154   -11.786 1.000 17.135 0 25  GLN B C   1 ? 
ATOM   729  O  O   . GLN B 1 25 ? -3.953  5.820   -10.629 1.000 16.820 0 25  GLN B O   1 ? 
ATOM   730  C  CB  . GLN B 1 25 ? -6.037  7.772   -12.141 1.000 17.336 0 25  GLN B CB  1 ? 
ATOM   731  C  CG  . GLN B 1 25 ? -7.430  7.986   -12.690 1.000 18.158 0 25  GLN B CG  1 ? 
ATOM   732  C  CD  . GLN B 1 25 ? -7.926  9.397   -12.554 1.000 21.071 0 25  GLN B CD  1 ? 
ATOM   733  O  OE1 . GLN B 1 25 ? -7.339  10.197  -11.835 1.000 22.988 0 25  GLN B OE1 1 ? 
ATOM   734  N  NE2 . GLN B 1 25 ? -8.971  9.749   -13.290 1.000 20.627 0 25  GLN B NE2 1 ? 
ATOM   735  N  N   . LYS B 1 26 ? -3.151  6.475   -12.615 1.000 15.475 0 26  LYS B N   1 ? 
ATOM   736  C  CA  . LYS B 1 26 ? -1.765  6.437   -12.208 1.000 17.818 0 26  LYS B CA  1 ? 
ATOM   737  C  C   . LYS B 1 26 ? -1.602  7.239   -10.919 1.000 15.841 0 26  LYS B C   1 ? 
ATOM   738  O  O   . LYS B 1 26 ? -2.253  8.266   -10.722 1.000 18.158 0 26  LYS B O   1 ? 
ATOM   739  C  CB  . LYS B 1 26 ? -0.836  6.950   -13.312 1.000 19.921 0 26  LYS B CB  1 ? 
ATOM   740  C  CG  . LYS B 1 26 ? -1.138  8.305   -13.908 1.000 23.309 0 26  LYS B CG  1 ? 
ATOM   741  C  CD  . LYS B 1 26 ? -0.178  8.652   -15.040 1.000 25.823 0 26  LYS B CD  1 ? 
ATOM   742  C  CE  . LYS B 1 26 ? -0.739  9.718   -15.960 1.000 27.492 0 26  LYS B CE  1 ? 
ATOM   743  N  NZ  . LYS B 1 26 ? -1.109  10.915  -15.179 1.000 31.052 0 26  LYS B NZ  1 ? 
ATOM   744  N  N   . GLY B 1 27 ? -0.797  6.669   -10.027 1.000 16.750 0 27  GLY B N   1 ? 
ATOM   745  C  CA  . GLY B 1 27 ? -0.544  7.197   -8.688  1.000 15.673 0 27  GLY B CA  1 ? 
ATOM   746  C  C   . GLY B 1 27 ? -1.479  6.679   -7.598  1.000 17.327 0 27  GLY B C   1 ? 
ATOM   747  O  O   . GLY B 1 27 ? -1.314  7.008   -6.437  1.000 20.367 0 27  GLY B O   1 ? 
ATOM   748  N  N   . ALA B 1 28 ? -2.562  5.983   -7.942  1.000 15.134 0 28  ALA B N   1 ? 
ATOM   749  C  CA  . ALA B 1 28 ? -3.515  5.475   -6.977  1.000 15.435 0 28  ALA B CA  1 ? 
ATOM   750  C  C   . ALA B 1 28 ? -2.784  4.525   -6.014  1.000 14.247 0 28  ALA B C   1 ? 
ATOM   751  O  O   . ALA B 1 28 ? -1.854  3.783   -6.347  1.000 14.994 0 28  ALA B O   1 ? 
ATOM   752  C  CB  . ALA B 1 28 ? -4.684  4.785   -7.658  1.000 15.993 0 28  ALA B CB  1 ? 
ATOM   753  N  N   . ASP B 1 29 ? -3.319  4.492   -4.798  1.000 15.291 0 29  ASP B N   1 ? 
ATOM   754  C  CA  . ASP B 1 29 ? -2.907  3.593   -3.755  1.000 15.057 0 29  ASP B CA  1 ? 
ATOM   755  C  C   . ASP B 1 29 ? -4.211  3.079   -3.154  1.000 14.697 0 29  ASP B C   1 ? 
ATOM   756  O  O   . ASP B 1 29 ? -5.080  3.863   -2.769  1.000 16.282 0 29  ASP B O   1 ? 
ATOM   757  C  CB  . ASP B 1 29 ? -2.004  4.262   -2.742  1.000 15.392 0 29  ASP B CB  1 ? 
ATOM   758  C  CG  . ASP B 1 29 ? -1.416  3.298   -1.771  1.000 14.475 0 29  ASP B CG  1 ? 
ATOM   759  O  OD1 . ASP B 1 29 ? -2.222  2.816   -0.977  1.000 17.382 0 29  ASP B OD1 1 ? 
ATOM   760  O  OD2 . ASP B 1 29 ? -0.175  3.002   -1.849  1.000 14.159 0 29  ASP B OD2 1 ? 
ATOM   761  N  N   . VAL B 1 30 ? -4.341  1.759   -3.055  1.000 15.562 0 30  VAL B N   1 ? 
ATOM   762  C  CA  . VAL B 1 30 ? -5.567  1.050   -2.699  1.000 14.311 0 30  VAL B CA  1 ? 
ATOM   763  C  C   . VAL B 1 30 ? -5.323  0.159   -1.486  1.000 12.827 0 30  VAL B C   1 ? 
ATOM   764  O  O   . VAL B 1 30 ? -4.281  -0.420  -1.382  1.000 14.290 0 30  VAL B O   1 ? 
ATOM   765  C  CB  . VAL B 1 30 ? -6.019  0.227   -3.928  1.000 15.590 0 30  VAL B CB  1 ? 
ATOM   766  C  CG1 . VAL B 1 30 ? -6.349  1.141   -5.085  1.000 17.682 0 30  VAL B CG1 1 ? 
ATOM   767  C  CG2 . VAL B 1 30 ? -5.030  -0.840  -4.408  1.000 17.511 0 30  VAL B CG2 1 ? 
ATOM   768  N  N   . ALA B 1 31 ? -6.314  0.066   -0.609  1.000 13.365 0 31  ALA B N   1 ? 
ATOM   769  C  CA  . ALA B 1 31 ? -6.345  -0.855  0.497   1.000 13.721 0 31  ALA B CA  1 ? 
ATOM   770  C  C   . ALA B 1 31 ? -6.847  -2.197  -0.031  1.000 14.508 0 31  ALA B C   1 ? 
ATOM   771  O  O   . ALA B 1 31 ? -7.879  -2.186  -0.705  1.000 17.569 0 31  ALA B O   1 ? 
ATOM   772  C  CB  . ALA B 1 31 ? -7.212  -0.328  1.600   1.000 13.667 0 31  ALA B CB  1 ? 
ATOM   773  N  N   . ILE B 1 32 ? -6.159  -3.298  0.297   1.000 14.391 0 32  ILE B N   1 ? 
ATOM   774  C  CA  . ILE B 1 32 ? -6.548  -4.631  -0.157  1.000 14.045 0 32  ILE B CA  1 ? 
ATOM   775  C  C   . ILE B 1 32 ? -7.205  -5.313  1.041   1.000 16.750 0 32  ILE B C   1 ? 
ATOM   776  O  O   . ILE B 1 32 ? -6.534  -5.555  2.058   1.000 19.092 0 32  ILE B O   1 ? 
ATOM   777  C  CB  . ILE B 1 32 ? -5.371  -5.483  -0.685  1.000 14.795 0 32  ILE B CB  1 ? 
ATOM   778  C  CG1 . ILE B 1 32 ? -4.630  -4.831  -1.861  1.000 15.568 0 32  ILE B CG1 1 ? 
ATOM   779  C  CG2 . ILE B 1 32 ? -5.865  -6.892  -1.044  1.000 13.233 0 32  ILE B CG2 1 ? 
ATOM   780  C  CD1 . ILE B 1 32 ? -3.335  -5.528  -2.174  1.000 17.567 0 32  ILE B CD1 1 ? 
ATOM   781  N  N   . THR B 1 33 ? -8.488  -5.649  0.931   1.000 14.097 0 33  THR B N   1 ? 
ATOM   782  C  CA  . THR B 1 33 ? -9.178  -6.273  2.057   1.000 16.085 0 33  THR B CA  1 ? 
ATOM   783  C  C   . THR B 1 33 ? -8.991  -7.791  2.093   1.000 17.433 0 33  THR B C   1 ? 
ATOM   784  O  O   . THR B 1 33 ? -9.070  -8.392  3.159   1.000 16.729 0 33  THR B O   1 ? 
ATOM   785  C  CB  . THR B 1 33 ? -10.646 -5.897  2.042   1.000 18.434 0 33  THR B CB  1 ? 
ATOM   786  O  OG1 . THR B 1 33 ? -11.260 -6.445  0.884   1.000 22.484 0 33  THR B OG1 1 ? 
ATOM   787  C  CG2 . THR B 1 33 ? -10.819 -4.398  2.053   1.000 21.540 0 33  THR B CG2 1 ? 
ATOM   788  N  N   . CYS B 1 34 ? -8.874  -8.413  0.915   1.000 16.090 0 34  CYS B N   1 ? 
ATOM   789  C  CA  . CYS B 1 34 ? -8.635  -9.841  0.806   1.000 14.944 0 34  CYS B CA  1 ? 
ATOM   790  C  C   . CYS B 1 34 ? -8.179  -10.128 -0.631  1.000 14.438 0 34  CYS B C   1 ? 
ATOM   791  O  O   . CYS B 1 34 ? -8.355  -9.298  -1.502  1.000 15.148 0 34  CYS B O   1 ? 
ATOM   792  C  CB  . CYS B 1 34 ? -9.848  -10.711 1.147   1.000 16.756 0 34  CYS B CB  1 ? 
ATOM   793  S  SG  . CYS B 1 34 ? -11.338 -10.470 0.149   1.000 20.388 0 34  CYS B SG  1 ? 
ATOM   794  N  N   . GLN B 1 35 ? -7.674  -11.349 -0.845  1.000 13.583 0 35  GLN B N   1 ? 
ATOM   795  C  CA  . GLN B 1 35 ? -7.219  -11.795 -2.160  1.000 12.892 0 35  GLN B CA  1 ? 
ATOM   796  C  C   . GLN B 1 35 ? -7.853  -13.117 -2.571  1.000 13.177 0 35  GLN B C   1 ? 
ATOM   797  O  O   . GLN B 1 35 ? -8.174  -13.968 -1.745  1.000 13.245 0 35  GLN B O   1 ? 
ATOM   798  C  CB  . GLN B 1 35 ? -5.693  -11.921 -2.097  1.000 11.400 0 35  GLN B CB  1 ? 
ATOM   799  C  CG  . GLN B 1 35 ? -5.007  -10.542 -2.051  1.000 12.178 0 35  GLN B CG  1 ? 
ATOM   800  C  CD  . GLN B 1 35 ? -3.527  -10.697 -1.879  1.000 12.438 0 35  GLN B CD  1 ? 
ATOM   801  O  OE1 . GLN B 1 35 ? -3.085  -11.165 -0.851  1.000 13.630 0 35  GLN B OE1 1 ? 
ATOM   802  N  NE2 . GLN B 1 35 ? -2.762  -10.234 -2.864  1.000 14.723 0 35  GLN B NE2 1 ? 
ATOM   803  N  N   . ALA B 1 36 ? -8.102  -13.261 -3.872  1.000 13.076 0 36  ALA B N   1 ? 
ATOM   804  C  CA  . ALA B 1 36 ? -8.787  -14.433 -4.394  1.000 14.264 0 36  ALA B CA  1 ? 
ATOM   805  C  C   . ALA B 1 36 ? -8.093  -14.874 -5.667  1.000 14.922 0 36  ALA B C   1 ? 
ATOM   806  O  O   . ALA B 1 36 ? -7.640  -14.032 -6.443  1.000 15.121 0 36  ALA B O   1 ? 
ATOM   807  C  CB  . ALA B 1 36 ? -10.206 -14.084 -4.686  1.000 14.072 0 36  ALA B CB  1 ? 
ATOM   808  N  N   . PRO B 1 37 ? -8.063  -16.187 -5.952  1.000 14.823 0 37  PRO B N   1 ? 
ATOM   809  C  CA  . PRO B 1 37 ? -7.495  -16.686 -7.190  1.000 15.986 0 37  PRO B CA  1 ? 
ATOM   810  C  C   . PRO B 1 37 ? -8.455  -16.454 -8.340  1.000 14.306 0 37  PRO B C   1 ? 
ATOM   811  O  O   . PRO B 1 37 ? -9.693  -16.472 -8.213  1.000 16.261 0 37  PRO B O   1 ? 
ATOM   812  C  CB  . PRO B 1 37 ? -7.228  -18.151 -6.874  1.000 17.923 0 37  PRO B CB  1 ? 
ATOM   813  C  CG  . PRO B 1 37 ? -8.351  -18.491 -5.931  1.000 17.640 0 37  PRO B CG  1 ? 
ATOM   814  C  CD  . PRO B 1 37 ? -8.537  -17.265 -5.075  1.000 16.314 0 37  PRO B CD  1 ? 
ATOM   815  N  N   . GLY B 1 38 ? -7.844  -16.290 -9.513  1.000 16.728 0 38  GLY B N   1 ? 
ATOM   816  C  CA  . GLY B 1 38 ? -8.638  -16.050 -10.693 1.000 16.382 0 38  GLY B CA  1 ? 
ATOM   817  C  C   . GLY B 1 38 ? -7.797  -16.168 -11.956 1.000 17.338 0 38  GLY B C   1 ? 
ATOM   818  O  O   . GLY B 1 38 ? -6.854  -16.968 -12.007 1.000 17.279 0 38  GLY B O   1 ? 
ATOM   819  N  N   . THR B 1 39 ? -8.172  -15.396 -12.993 1.000 18.257 0 39  THR B N   1 ? 
ATOM   820  C  CA  . THR B 1 39 ? -7.447  -15.379 -14.256 1.000 19.408 0 39  THR B CA  1 ? 
ATOM   821  C  C   . THR B 1 39 ? -5.964  -15.098 -14.051 1.000 21.284 0 39  THR B C   1 ? 
ATOM   822  O  O   . THR B 1 39 ? -5.585  -14.164 -13.356 1.000 16.276 0 39  THR B O   1 ? 
ATOM   823  C  CB  . THR B 1 39 ? -7.946  -14.239 -15.148 1.000 22.490 0 39  THR B CB  1 ? 
ATOM   824  O  OG1 . THR B 1 39 ? -9.362  -14.399 -15.177 1.000 25.075 0 39  THR B OG1 1 ? 
ATOM   825  C  CG2 . THR B 1 39 ? -7.337  -14.290 -16.541 1.000 27.292 0 39  THR B CG2 1 ? 
ATOM   826  N  N   . ASP B 1 40 ? -5.099  -15.843 -14.758 1.000 20.258 0 40  ASP B N   1 ? 
ATOM   827  C  CA  . ASP B 1 40 ? -3.691  -15.536 -14.757 1.000 20.903 0 40  ASP B CA  1 ? 
ATOM   828  C  C   . ASP B 1 40 ? -3.414  -14.258 -15.565 1.000 22.564 0 40  ASP B C   1 ? 
ATOM   829  O  O   . ASP B 1 40 ? -3.941  -14.096 -16.663 1.000 23.036 0 40  ASP B O   1 ? 
ATOM   830  C  CB  . ASP B 1 40 ? -2.867  -16.672 -15.371 1.000 23.357 0 40  ASP B CB  1 ? 
ATOM   831  C  CG  . ASP B 1 40 ? -1.388  -16.379 -15.219 1.000 21.722 0 40  ASP B CG  1 ? 
ATOM   832  O  OD1 . ASP B 1 40 ? -0.919  -16.453 -14.104 1.000 28.344 0 40  ASP B OD1 1 ? 
ATOM   833  O  OD2 . ASP B 1 40 ? -0.749  -16.008 -16.217 1.000 34.425 0 40  ASP B OD2 1 ? 
ATOM   834  N  N   . VAL B 1 41 ? -2.657  -13.335 -14.951 1.000 21.660 0 41  VAL B N   1 ? 
ATOM   835  C  CA  . VAL B 1 41 ? -2.126  -12.139 -15.597 1.000 18.842 0 41  VAL B CA  1 ? 
ATOM   836  C  C   . VAL B 1 41 ? -0.613  -12.177 -15.493 1.000 18.941 0 41  VAL B C   1 ? 
ATOM   837  O  O   . VAL B 1 41 ? -0.017  -11.936 -14.442 1.000 18.605 0 41  VAL B O   1 ? 
ATOM   838  C  CB  . VAL B 1 41 ? -2.721  -10.833 -15.015 1.000 20.788 0 41  VAL B CB  1 ? 
ATOM   839  C  CG1 . VAL B 1 41 ? -2.194  -9.604  -15.751 1.000 23.358 0 41  VAL B CG1 1 ? 
ATOM   840  C  CG2 . VAL B 1 41 ? -4.236  -10.898 -14.993 1.000 20.366 0 41  VAL B CG2 1 ? 
ATOM   841  N  N   . LYS B 1 42 ? 0.027   -12.554 -16.606 1.000 22.926 0 42  LYS B N   1 ? 
ATOM   842  C  CA  . LYS B 1 42 ? 1.471   -12.548 -16.704 1.000 23.115 0 42  LYS B CA  1 ? 
ATOM   843  C  C   . LYS B 1 42 ? 2.131   -13.303 -15.556 1.000 22.739 0 42  LYS B C   1 ? 
ATOM   844  O  O   . LYS B 1 42 ? 3.166   -12.878 -15.038 1.000 27.913 0 42  LYS B O   1 ? 
ATOM   845  C  CB  . LYS B 1 42 ? 1.947   -11.095 -16.808 1.000 26.460 0 42  LYS B CB  1 ? 
ATOM   846  C  CG  . LYS B 1 42 ? 1.546   -10.381 -18.095 1.000 29.411 0 42  LYS B CG  1 ? 
ATOM   847  N  N   . GLY B 1 43 ? 1.560   -14.459 -15.153 1.000 22.795 0 43  GLY B N   1 ? 
ATOM   848  C  CA  . GLY B 1 43 ? 2.175   -15.316 -14.153 1.000 20.188 0 43  GLY B CA  1 ? 
ATOM   849  C  C   . GLY B 1 43 ? 1.636   -15.122 -12.741 1.000 20.769 0 43  GLY B C   1 ? 
ATOM   850  O  O   . GLY B 1 43 ? 1.978   -15.869 -11.832 1.000 24.908 0 43  GLY B O   1 ? 
ATOM   851  N  N   . ASP B 1 44 ? 0.788   -14.109 -12.567 1.000 19.241 0 44  ASP B N   1 ? 
ATOM   852  C  CA  . ASP B 1 44 ? 0.166   -13.846 -11.277 1.000 16.526 0 44  ASP B CA  1 ? 
ATOM   853  C  C   . ASP B 1 44 ? -1.355  -13.992 -11.399 1.000 15.076 0 44  ASP B C   1 ? 
ATOM   854  O  O   . ASP B 1 44 ? -1.988  -13.250 -12.170 1.000 17.542 0 44  ASP B O   1 ? 
ATOM   855  C  CB  . ASP B 1 44 ? 0.566   -12.451 -10.876 1.000 17.104 0 44  ASP B CB  1 ? 
ATOM   856  C  CG  . ASP B 1 44 ? 0.117   -12.044 -9.492  1.000 16.729 0 44  ASP B CG  1 ? 
ATOM   857  O  OD1 . ASP B 1 44 ? -0.808  -12.716 -8.935  1.000 15.834 0 44  ASP B OD1 1 ? 
ATOM   858  O  OD2 . ASP B 1 44 ? 0.680   -11.067 -8.949  1.000 18.135 0 44  ASP B OD2 1 ? 
ATOM   859  N  N   . ASN B 1 45 ? -1.929  -15.058 -10.799 1.000 17.189 0 45  ASN B N   1 ? 
ATOM   860  C  CA  . ASN B 1 45 ? -3.364  -15.277 -10.936 1.000 17.388 0 45  ASN B CA  1 ? 
ATOM   861  C  C   . ASN B 1 45 ? -4.150  -14.859 -9.684  1.000 18.015 0 45  ASN B C   1 ? 
ATOM   862  O  O   . ASN B 1 45 ? -5.314  -15.238 -9.534  1.000 18.244 0 45  ASN B O   1 ? 
ATOM   863  C  CB  . ASN B 1 45 ? -3.690  -16.724 -11.291 1.000 19.894 0 45  ASN B CB  1 ? 
ATOM   864  C  CG  . ASN B 1 45 ? -3.745  -17.653 -10.111 1.000 21.257 0 45  ASN B CG  1 ? 
ATOM   865  O  OD1 . ASN B 1 45 ? -2.824  -17.647 -9.310  1.000 23.589 0 45  ASN B OD1 1 ? 
ATOM   866  N  ND2 . ASN B 1 45 ? -4.817  -18.435 -10.053 1.000 19.735 0 45  ASN B ND2 1 ? 
ATOM   867  N  N   . ILE B 1 46 ? -3.551  -14.020 -8.845  1.000 16.658 0 46  ILE B N   1 ? 
ATOM   868  C  CA  . ILE B 1 46 ? -4.247  -13.457 -7.672  1.000 16.744 0 46  ILE B CA  1 ? 
ATOM   869  C  C   . ILE B 1 46 ? -4.942  -12.145 -8.051  1.000 14.829 0 46  ILE B C   1 ? 
ATOM   870  O  O   . ILE B 1 46 ? -4.389  -11.307 -8.794  1.000 15.249 0 46  ILE B O   1 ? 
ATOM   871  C  CB  . ILE B 1 46 ? -3.276  -13.270 -6.479  1.000 16.204 0 46  ILE B CB  1 ? 
ATOM   872  C  CG1 . ILE B 1 46 ? -2.581  -14.580 -6.102  1.000 20.329 0 46  ILE B CG1 1 ? 
ATOM   873  C  CG2 . ILE B 1 46 ? -3.999  -12.630 -5.279  1.000 17.225 0 46  ILE B CG2 1 ? 
ATOM   874  C  CD1 . ILE B 1 46 ? -3.530  -15.667 -5.901  1.000 23.690 0 46  ILE B CD1 1 ? 
ATOM   875  N  N   . TRP B 1 47 ? -6.150  -11.933 -7.504  1.000 13.645 0 47  TRP B N   1 ? 
ATOM   876  C  CA  . TRP B 1 47 ? -6.967  -10.760 -7.672  1.000 12.293 0 47  TRP B CA  1 ? 
ATOM   877  C  C   . TRP B 1 47 ? -7.177  -10.156 -6.294  1.000 12.443 0 47  TRP B C   1 ? 
ATOM   878  O  O   . TRP B 1 47 ? -7.474  -10.891 -5.385  1.000 14.001 0 47  TRP B O   1 ? 
ATOM   879  C  CB  . TRP B 1 47 ? -8.279  -11.113 -8.394  1.000 14.256 0 47  TRP B CB  1 ? 
ATOM   880  C  CG  . TRP B 1 47 ? -8.010  -11.428 -9.823  1.000 15.041 0 47  TRP B CG  1 ? 
ATOM   881  C  CD1 . TRP B 1 47 ? -7.373  -12.536 -10.334 1.000 15.888 0 47  TRP B CD1 1 ? 
ATOM   882  C  CD2 . TRP B 1 47 ? -8.252  -10.543 -10.912 1.000 13.919 0 47  TRP B CD2 1 ? 
ATOM   883  N  NE1 . TRP B 1 47 ? -7.219  -12.388 -11.691 1.000 17.050 0 47  TRP B NE1 1 ? 
ATOM   884  C  CE2 . TRP B 1 47 ? -7.724  -11.174 -12.075 1.000 14.576 0 47  TRP B CE2 1 ? 
ATOM   885  C  CE3 . TRP B 1 47 ? -8.900  -9.321  -11.053 1.000 12.746 0 47  TRP B CE3 1 ? 
ATOM   886  C  CZ2 . TRP B 1 47 ? -7.830  -10.606 -13.331 1.000 17.193 0 47  TRP B CZ2 1 ? 
ATOM   887  C  CZ3 . TRP B 1 47 ? -8.950  -8.716  -12.296 1.000 16.071 0 47  TRP B CZ3 1 ? 
ATOM   888  C  CH2 . TRP B 1 47 ? -8.420  -9.368  -13.418 1.000 16.024 0 47  TRP B CH2 1 ? 
ATOM   889  N  N   . ASP B 1 48 ? -7.124  -8.823  -6.213  1.000 12.571 0 48  ASP B N   1 ? 
ATOM   890  C  CA  . ASP B 1 48 ? -7.037  -8.101  -4.945  1.000 13.421 0 48  ASP B CA  1 ? 
ATOM   891  C  C   . ASP B 1 48 ? -8.333  -7.335  -4.785  1.000 14.168 0 48  ASP B C   1 ? 
ATOM   892  O  O   . ASP B 1 48 ? -8.628  -6.436  -5.603  1.000 14.489 0 48  ASP B O   1 ? 
ATOM   893  C  CB  . ASP B 1 48 ? -5.821  -7.171  -4.956  1.000 15.423 0 48  ASP B CB  1 ? 
ATOM   894  C  CG  . ASP B 1 48 ? -4.480  -7.883  -5.037  1.000 16.053 0 48  ASP B CG  1 ? 
ATOM   895  O  OD1 . ASP B 1 48 ? -4.443  -9.089  -4.918  1.000 15.913 0 48  ASP B OD1 1 ? 
ATOM   896  O  OD2 . ASP B 1 48 ? -3.463  -7.185  -5.265  1.000 19.335 0 48  ASP B OD2 1 ? 
ATOM   897  N  N   . LYS B 1 49 ? -9.079  -7.664  -3.742  1.000 13.336 0 49  LYS B N   1 ? 
ATOM   898  C  CA  . LYS B 1 49 ? -10.336 -6.978  -3.520  1.000 13.359 0 49  LYS B CA  1 ? 
ATOM   899  C  C   . LYS B 1 49 ? -10.012 -5.713  -2.739  1.000 13.447 0 49  LYS B C   1 ? 
ATOM   900  O  O   . LYS B 1 49 ? -9.336  -5.743  -1.720  1.000 15.799 0 49  LYS B O   1 ? 
ATOM   901  C  CB  . LYS B 1 49 ? -11.318 -7.851  -2.750  1.000 14.049 0 49  LYS B CB  1 ? 
ATOM   902  C  CG  . LYS B 1 49 ? -12.751 -7.360  -2.872  1.000 16.661 0 49  LYS B CG  1 ? 
ATOM   903  C  CD  . LYS B 1 49 ? -13.730 -8.061  -1.960  1.000 19.960 0 49  LYS B CD  1 ? 
ATOM   904  C  CE  . LYS B 1 49 ? -15.144 -7.924  -2.441  1.000 20.005 0 49  LYS B CE  1 ? 
ATOM   905  N  NZ  . LYS B 1 49 ? -16.077 -8.643  -1.539  1.000 22.767 0 49  LYS B NZ  1 ? 
ATOM   906  N  N   . THR B 1 50 ? -10.355 -4.573  -3.332  1.000 11.953 0 50  THR B N   1 ? 
ATOM   907  C  CA  . THR B 1 50 ? -9.944  -3.302  -2.769  1.000 11.766 0 50  THR B CA  1 ? 
ATOM   908  C  C   . THR B 1 50 ? -11.039 -2.870  -1.814  1.000 12.792 0 50  THR B C   1 ? 
ATOM   909  O  O   . THR B 1 50 ? -12.119 -3.438  -1.821  1.000 13.584 0 50  THR B O   1 ? 
ATOM   910  C  CB  . THR B 1 50 ? -9.644  -2.220  -3.815  1.000 13.152 0 50  THR B CB  1 ? 
ATOM   911  O  OG1 . THR B 1 50 ? -10.906 -1.780  -4.331  1.000 14.516 0 50  THR B OG1 1 ? 
ATOM   912  C  CG2 . THR B 1 50 ? -8.741  -2.629  -4.938  1.000 12.962 0 50  THR B CG2 1 ? 
ATOM   913  N  N   . ALA B 1 51 ? -10.802 -1.759  -1.109  1.000 13.814 0 51  ALA B N   1 ? 
ATOM   914  C  CA  . ALA B 1 51 ? -11.841 -1.234  -0.222  1.000 13.925 0 51  ALA B CA  1 ? 
ATOM   915  C  C   . ALA B 1 51 ? -13.023 -0.645  -0.979  1.000 13.384 0 51  ALA B C   1 ? 
ATOM   916  O  O   . ALA B 1 51 ? -14.037 -0.388  -0.363  1.000 15.131 0 51  ALA B O   1 ? 
ATOM   917  C  CB  . ALA B 1 51 ? -11.250 -0.236  0.710   1.000 15.500 0 51  ALA B CB  1 ? 
ATOM   918  N  N   . ASP B 1 52 ? -12.871 -0.433  -2.305  1.000 12.245 0 52  ASP B N   1 ? 
ATOM   919  C  CA  . ASP B 1 52 ? -14.006 -0.096  -3.153  1.000 13.813 0 52  ASP B CA  1 ? 
ATOM   920  C  C   . ASP B 1 52 ? -14.915 -1.302  -3.421  1.000 13.273 0 52  ASP B C   1 ? 
ATOM   921  O  O   . ASP B 1 52 ? -16.023 -1.150  -3.960  1.000 15.032 0 52  ASP B O   1 ? 
ATOM   922  C  CB  . ASP B 1 52 ? -13.540 0.485   -4.482  1.000 14.818 0 52  ASP B CB  1 ? 
ATOM   923  C  CG  . ASP B 1 52 ? -13.064 1.907   -4.343  1.000 16.103 0 52  ASP B CG  1 ? 
ATOM   924  O  OD1 . ASP B 1 52 ? -13.700 2.645   -3.558  1.000 20.520 0 52  ASP B OD1 1 ? 
ATOM   925  O  OD2 . ASP B 1 52 ? -12.071 2.269   -5.011  1.000 17.661 0 52  ASP B OD2 1 ? 
ATOM   926  N  N   . GLY B 1 53 ? -14.474 -2.532  -3.099  1.000 12.286 0 53  GLY B N   1 ? 
ATOM   927  C  CA  . GLY B 1 53 ? -15.299 -3.732  -3.165  1.000 13.195 0 53  GLY B CA  1 ? 
ATOM   928  C  C   . GLY B 1 53 ? -15.256 -4.423  -4.523  1.000 14.853 0 53  GLY B C   1 ? 
ATOM   929  O  O   . GLY B 1 53 ? -15.916 -5.456  -4.703  1.000 16.334 0 53  GLY B O   1 ? 
ATOM   930  N  N   . CYS B 1 54 ? -14.317 -4.014  -5.377  1.000 14.378 0 54  CYS B N   1 ? 
ATOM   931  C  CA  . CYS B 1 54 ? -14.064 -4.631  -6.661  1.000 14.794 0 54  CYS B CA  1 ? 
ATOM   932  C  C   . CYS B 1 54 ? -12.634 -5.208  -6.658  1.000 13.422 0 54  CYS B C   1 ? 
ATOM   933  O  O   . CYS B 1 54 ? -11.912 -4.999  -5.678  1.000 12.604 0 54  CYS B O   1 ? 
ATOM   934  C  CB  . CYS B 1 54 ? -14.289 -3.620  -7.772  1.000 14.127 0 54  CYS B CB  1 ? 
ATOM   935  S  SG  . CYS B 1 54 ? -13.535 -1.995  -7.532  1.000 20.675 0 54  CYS B SG  1 ? 
ATOM   936  N  N   . TYR B 1 55 ? -12.302 -6.001  -7.682  1.000 12.926 0 55  TYR B N   1 ? 
ATOM   937  C  CA  . TYR B 1 55 ? -11.044 -6.739  -7.742  1.000 12.579 0 55  TYR B CA  1 ? 
ATOM   938  C  C   . TYR B 1 55 ? -10.118 -6.199  -8.800  1.000 13.215 0 55  TYR B C   1 ? 
ATOM   939  O  O   . TYR B 1 55 ? -10.541 -6.036  -9.950  1.000 12.234 0 55  TYR B O   1 ? 
ATOM   940  C  CB  . TYR B 1 55 ? -11.273 -8.205  -8.086  1.000 12.438 0 55  TYR B CB  1 ? 
ATOM   941  C  CG  . TYR B 1 55 ? -12.072 -8.961  -7.068  1.000 12.687 0 55  TYR B CG  1 ? 
ATOM   942  C  CD1 . TYR B 1 55 ? -13.442 -8.886  -7.054  1.000 13.593 0 55  TYR B CD1 1 ? 
ATOM   943  C  CD2 . TYR B 1 55 ? -11.427 -9.697  -6.092  1.000 13.191 0 55  TYR B CD2 1 ? 
ATOM   944  C  CE1 . TYR B 1 55 ? -14.178 -9.584  -6.106  1.000 12.612 0 55  TYR B CE1 1 ? 
ATOM   945  C  CE2 . TYR B 1 55 ? -12.132 -10.455 -5.165  1.000 14.913 0 55  TYR B CE2 1 ? 
ATOM   946  C  CZ  . TYR B 1 55 ? -13.513 -10.361 -5.160  1.000 14.193 0 55  TYR B CZ  1 ? 
ATOM   947  O  OH  . TYR B 1 55 ? -14.273 -11.056 -4.205  1.000 20.630 0 55  TYR B OH  1 ? 
ATOM   948  N  N   . VAL B 1 56 ? -8.854  -5.982  -8.379  1.000 13.255 0 56  VAL B N   1 ? 
ATOM   949  C  CA  . VAL B 1 56 ? -7.798  -5.593  -9.314  1.000 13.472 0 56  VAL B CA  1 ? 
ATOM   950  C  C   . VAL B 1 56 ? -6.798  -6.739  -9.440  1.000 13.469 0 56  VAL B C   1 ? 
ATOM   951  O  O   . VAL B 1 56 ? -6.391  -7.317  -8.447  1.000 11.641 0 56  VAL B O   1 ? 
ATOM   952  C  CB  . VAL B 1 56 ? -7.061  -4.323  -8.869  1.000 14.109 0 56  VAL B CB  1 ? 
ATOM   953  C  CG1 . VAL B 1 56 ? -5.854  -4.003  -9.752  1.000 16.096 0 56  VAL B CG1 1 ? 
ATOM   954  C  CG2 . VAL B 1 56 ? -8.017  -3.173  -8.824  1.000 15.264 0 56  VAL B CG2 1 ? 
ATOM   955  N  N   . ALA B 1 57 ? -6.305  -6.972  -10.655 1.000 14.166 0 57  ALA B N   1 ? 
ATOM   956  C  CA  . ALA B 1 57 ? -5.320  -8.032  -10.833 1.000 14.272 0 57  ALA B CA  1 ? 
ATOM   957  C  C   . ALA B 1 57 ? -4.045  -7.690  -10.049 1.000 14.651 0 57  ALA B C   1 ? 
ATOM   958  O  O   . ALA B 1 57 ? -3.513  -6.585  -10.132 1.000 13.141 0 57  ALA B O   1 ? 
ATOM   959  C  CB  . ALA B 1 57 ? -4.996  -8.263  -12.305 1.000 15.154 0 57  ALA B CB  1 ? 
ATOM   960  N  N   . ASP B 1 58 ? -3.593  -8.640  -9.223  1.000 15.614 0 58  ASP B N   1 ? 
ATOM   961  C  CA  . ASP B 1 58 ? -2.469  -8.398  -8.355  1.000 15.800 0 58  ASP B CA  1 ? 
ATOM   962  C  C   . ASP B 1 58 ? -1.198  -8.053  -9.145  1.000 15.950 0 58  ASP B C   1 ? 
ATOM   963  O  O   . ASP B 1 58 ? -0.325  -7.381  -8.626  1.000 16.066 0 58  ASP B O   1 ? 
ATOM   964  C  CB  . ASP B 1 58 ? -2.214  -9.599  -7.462  1.000 16.430 0 58  ASP B CB  1 ? 
ATOM   965  C  CG  . ASP B 1 58 ? -1.088  -9.386  -6.479  1.000 19.867 0 58  ASP B CG  1 ? 
ATOM   966  O  OD1 . ASP B 1 58 ? -1.238  -8.508  -5.593  1.000 22.036 0 58  ASP B OD1 1 ? 
ATOM   967  O  OD2 . ASP B 1 58 ? -0.018  -10.122 -6.653  1.000 23.998 0 58  ASP B OD2 1 ? 
ATOM   968  N  N   . TYR B 1 59 ? -1.107  -8.505  -10.393 1.000 13.811 0 59  TYR B N   1 ? 
ATOM   969  C  CA  . TYR B 1 59 ? 0.019   -8.102  -11.245 1.000 15.384 0 59  TYR B CA  1 ? 
ATOM   970  C  C   . TYR B 1 59 ? 0.261   -6.592  -11.207 1.000 15.401 0 59  TYR B C   1 ? 
ATOM   971  O  O   . TYR B 1 59 ? 1.425   -6.152  -11.351 1.000 19.277 0 59  TYR B O   1 ? 
ATOM   972  C  CB  . TYR B 1 59 ? -0.212  -8.532  -12.684 1.000 15.245 0 59  TYR B CB  1 ? 
ATOM   973  C  CG  . TYR B 1 59 ? 0.994   -8.383  -13.563 1.000 16.524 0 59  TYR B CG  1 ? 
ATOM   974  C  CD1 . TYR B 1 59 ? 2.080   -9.233  -13.411 1.000 21.444 0 59  TYR B CD1 1 ? 
ATOM   975  C  CD2 . TYR B 1 59 ? 1.044   -7.386  -14.509 1.000 22.776 0 59  TYR B CD2 1 ? 
ATOM   976  C  CE1 . TYR B 1 59 ? 3.201   -9.115  -14.220 1.000 24.991 0 59  TYR B CE1 1 ? 
ATOM   977  C  CE2 . TYR B 1 59 ? 2.148   -7.281  -15.349 1.000 23.958 0 59  TYR B CE2 1 ? 
ATOM   978  C  CZ  . TYR B 1 59 ? 3.238   -8.113  -15.169 1.000 28.518 0 59  TYR B CZ  1 ? 
ATOM   979  O  OH  . TYR B 1 59 ? 4.364   -8.015  -15.993 1.000 32.924 0 59  TYR B OH  1 ? 
ATOM   980  N  N   . TYR B 1 60 ? -0.812  -5.788  -11.108 1.000 15.675 0 60  TYR B N   1 ? 
ATOM   981  C  CA  . TYR B 1 60 ? -0.740  -4.348  -11.242 1.000 17.715 0 60  TYR B CA  1 ? 
ATOM   982  C  C   . TYR B 1 60 ? -0.722  -3.640  -9.902  1.000 17.598 0 60  TYR B C   1 ? 
ATOM   983  O  O   . TYR B 1 60 ? -0.888  -2.418  -9.856  1.000 17.748 0 60  TYR B O   1 ? 
ATOM   984  C  CB  . TYR B 1 60 ? -1.961  -3.850  -12.000 1.000 20.843 0 60  TYR B CB  1 ? 
ATOM   985  C  CG  . TYR B 1 60 ? -2.138  -4.403  -13.377 1.000 25.468 0 60  TYR B CG  1 ? 
ATOM   986  C  CD1 . TYR B 1 60 ? -1.202  -4.150  -14.348 1.000 27.507 0 60  TYR B CD1 1 ? 
ATOM   987  C  CD2 . TYR B 1 60 ? -3.280  -5.120  -13.709 1.000 25.527 0 60  TYR B CD2 1 ? 
ATOM   988  C  CE1 . TYR B 1 60 ? -1.369  -4.635  -15.634 1.000 30.334 0 60  TYR B CE1 1 ? 
ATOM   989  C  CE2 . TYR B 1 60 ? -3.444  -5.631  -14.987 1.000 26.087 0 60  TYR B CE2 1 ? 
ATOM   990  C  CZ  . TYR B 1 60 ? -2.481  -5.391  -15.944 1.000 27.581 0 60  TYR B CZ  1 ? 
ATOM   991  O  OH  . TYR B 1 60 ? -2.731  -5.888  -17.206 1.000 35.348 0 60  TYR B OH  1 ? 
ATOM   992  N  N   . ILE B 1 61 ? -0.465  -4.394  -8.827  1.000 15.802 0 61  ILE B N   1 ? 
ATOM   993  C  CA  . ILE B 1 61 ? -0.341  -3.805  -7.502  1.000 14.941 0 61  ILE B CA  1 ? 
ATOM   994  C  C   . ILE B 1 61 ? 1.008   -4.181  -6.880  1.000 16.393 0 61  ILE B C   1 ? 
ATOM   995  O  O   . ILE B 1 61 ? 1.378   -5.328  -6.908  1.000 17.322 0 61  ILE B O   1 ? 
ATOM   996  C  CB  . ILE B 1 61 ? -1.492  -4.234  -6.597  1.000 15.018 0 61  ILE B CB  1 ? 
ATOM   997  C  CG1 . ILE B 1 61 ? -2.845  -3.899  -7.226  1.000 18.162 0 61  ILE B CG1 1 ? 
ATOM   998  C  CG2 . ILE B 1 61 ? -1.342  -3.630  -5.216  1.000 16.121 0 61  ILE B CG2 1 ? 
ATOM   999  C  CD1 . ILE B 1 61 ? -4.027  -3.874  -6.312  1.000 21.451 0 61  ILE B CD1 1 ? 
ATOM   1000 N  N   . LYS B 1 62 ? 1.706   -3.178  -6.349  1.000 15.121 0 62  LYS B N   1 ? 
ATOM   1001 C  CA  . LYS B 1 62 ? 3.078   -3.374  -5.900  1.000 16.628 0 62  LYS B CA  1 ? 
ATOM   1002 C  C   . LYS B 1 62 ? 3.034   -3.889  -4.472  1.000 18.074 0 62  LYS B C   1 ? 
ATOM   1003 O  O   . LYS B 1 62 ? 3.088   -3.112  -3.548  1.000 19.124 0 62  LYS B O   1 ? 
ATOM   1004 C  CB  . LYS B 1 62 ? 3.875   -2.066  -5.982  1.000 18.040 0 62  LYS B CB  1 ? 
ATOM   1005 C  CG  . LYS B 1 62 ? 5.397   -2.231  -6.015  1.000 26.178 0 62  LYS B CG  1 ? 
ATOM   1006 C  CD  . LYS B 1 62 ? 6.200   -0.926  -6.116  1.000 30.166 0 62  LYS B CD  1 ? 
ATOM   1007 C  CE  . LYS B 1 62 ? 5.947   -0.191  -7.415  1.000 35.743 0 62  LYS B CE  1 ? 
ATOM   1008 N  NZ  . LYS B 1 62 ? 7.080   0.687   -7.812  1.000 42.424 0 62  LYS B NZ  1 ? 
ATOM   1009 N  N   . THR B 1 63 ? 2.882   -5.200  -4.269  1.000 16.711 0 63  THR B N   1 ? 
ATOM   1010 C  CA  . THR B 1 63 ? 2.913   -5.801  -2.948  1.000 17.154 0 63  THR B CA  1 ? 
ATOM   1011 C  C   . THR B 1 63 ? 4.247   -6.488  -2.605  1.000 17.819 0 63  THR B C   1 ? 
ATOM   1012 O  O   . THR B 1 63 ? 4.469   -6.867  -1.445  1.000 22.813 0 63  THR B O   1 ? 
ATOM   1013 C  CB  . THR B 1 63 ? 1.839   -6.881  -2.819  1.000 14.445 0 63  THR B CB  1 ? 
ATOM   1014 O  OG1 . THR B 1 63 ? 2.158   -7.929  -3.707  1.000 17.258 0 63  THR B OG1 1 ? 
ATOM   1015 C  CG2 . THR B 1 63 ? 0.443   -6.432  -3.190  1.000 14.143 0 63  THR B CG2 1 ? 
ATOM   1016 N  N   . GLY B 1 64 ? 5.064   -6.701  -3.611  1.000 20.392 0 64  GLY B N   1 ? 
ATOM   1017 C  CA  . GLY B 1 64 ? 6.342   -7.354  -3.371  1.000 22.839 0 64  GLY B CA  1 ? 
ATOM   1018 C  C   . GLY B 1 64 ? 6.191   -8.862  -3.256  1.000 23.559 0 64  GLY B C   1 ? 
ATOM   1019 O  O   . GLY B 1 64 ? 7.136   -9.539  -2.831  1.000 26.337 0 64  GLY B O   1 ? 
ATOM   1020 N  N   . SER B 1 65 ? 5.014   -9.357  -3.681  1.000 18.630 0 65  SER B N   1 ? 
ATOM   1021 C  CA  . SER B 1 65 ? 4.767   -10.794 -3.801  1.000 18.688 0 65  SER B CA  1 ? 
ATOM   1022 C  C   . SER B 1 65 ? 3.873   -11.136 -4.986  1.000 17.532 0 65  SER B C   1 ? 
ATOM   1023 O  O   . SER B 1 65 ? 3.036   -10.320 -5.404  1.000 19.974 0 65  SER B O   1 ? 
ATOM   1024 C  CB  . SER B 1 65 ? 4.180   -11.283 -2.540  1.000 20.086 0 65  SER B CB  1 ? 
ATOM   1025 O  OG  . SER B 1 65 ? 3.892   -12.674 -2.623  1.000 22.446 0 65  SER B OG  1 ? 
ATOM   1026 N  N   . SER B 1 66 ? 4.052   -12.338 -5.593  1.000 18.103 0 66  SER B N   1 ? 
ATOM   1027 C  CA  . SER B 1 66 ? 3.092   -12.895 -6.547  1.000 19.547 0 66  SER B CA  1 ? 
ATOM   1028 C  C   . SER B 1 66 ? 2.213   -13.983 -5.913  1.000 17.747 0 66  SER B C   1 ? 
ATOM   1029 O  O   . SER B 1 66 ? 1.599   -14.837 -6.577  1.000 21.089 0 66  SER B O   1 ? 
ATOM   1030 C  CB  . SER B 1 66 ? 3.749   -13.395 -7.812  1.000 22.140 0 66  SER B CB  1 ? 
ATOM   1031 O  OG  . SER B 1 66 ? 4.675   -14.432 -7.497  1.000 22.088 0 66  SER B OG  1 ? 
ATOM   1032 N  N   . SER B 1 67 ? 2.174   -13.965 -4.573  1.000 16.112 0 67  SER B N   1 ? 
ATOM   1033 C  CA  . SER B 1 67 ? 1.245   -14.794 -3.839  1.000 16.599 0 67  SER B CA  1 ? 
ATOM   1034 C  C   . SER B 1 67 ? 0.539   -13.872 -2.852  1.000 18.817 0 67  SER B C   1 ? 
ATOM   1035 O  O   . SER B 1 67 ? 0.507   -12.638 -3.012  1.000 21.248 0 67  SER B O   1 ? 
ATOM   1036 C  CB  . SER B 1 67 ? 1.957   -15.962 -3.179  1.000 15.320 0 67  SER B CB  1 ? 
ATOM   1037 O  OG  . SER B 1 67 ? 1.035   -16.843 -2.544  1.000 14.256 0 67  SER B OG  1 ? 
ATOM   1038 N  N   . TYR B 1 68 ? 0.010   -14.440 -1.766  1.000 14.839 0 68  TYR B N   1 ? 
ATOM   1039 C  CA  . TYR B 1 68 ? -0.872  -13.689 -0.898  1.000 14.218 0 68  TYR B CA  1 ? 
ATOM   1040 C  C   . TYR B 1 68 ? -0.111  -12.832 0.096   1.000 13.129 0 68  TYR B C   1 ? 
ATOM   1041 O  O   . TYR B 1 68 ? 0.925   -13.275 0.653   1.000 13.091 0 68  TYR B O   1 ? 
ATOM   1042 C  CB  . TYR B 1 68 ? -1.676  -14.648 -0.032  1.000 13.938 0 68  TYR B CB  1 ? 
ATOM   1043 C  CG  . TYR B 1 68 ? -2.721  -15.371 -0.835  1.000 12.176 0 68  TYR B CG  1 ? 
ATOM   1044 C  CD1 . TYR B 1 68 ? -2.442  -16.449 -1.668  1.000 13.396 0 68  TYR B CD1 1 ? 
ATOM   1045 C  CD2 . TYR B 1 68 ? -4.051  -14.956 -0.789  1.000 11.359 0 68  TYR B CD2 1 ? 
ATOM   1046 C  CE1 . TYR B 1 68 ? -3.425  -17.039 -2.448  1.000 13.861 0 68  TYR B CE1 1 ? 
ATOM   1047 C  CE2 . TYR B 1 68 ? -5.042  -15.550 -1.554  1.000 13.898 0 68  TYR B CE2 1 ? 
ATOM   1048 C  CZ  . TYR B 1 68 ? -4.745  -16.619 -2.386  1.000 13.741 0 68  TYR B CZ  1 ? 
ATOM   1049 O  OH  . TYR B 1 68 ? -5.703  -17.226 -3.117  1.000 14.484 0 68  TYR B OH  1 ? 
ATOM   1050 N  N   . VAL B 1 69 ? -0.646  -11.638 0.332   1.000 14.308 0 69  VAL B N   1 ? 
ATOM   1051 C  CA  . VAL B 1 69 ? -0.155  -10.738 1.370   1.000 13.223 0 69  VAL B CA  1 ? 
ATOM   1052 C  C   . VAL B 1 69 ? -1.262  -10.357 2.379   1.000 15.122 0 69  VAL B C   1 ? 
ATOM   1053 O  O   . VAL B 1 69 ? -0.971  -9.619  3.367   1.000 16.611 0 69  VAL B O   1 ? 
ATOM   1054 C  CB  . VAL B 1 69 ? 0.525   -9.480  0.760   1.000 15.483 0 69  VAL B CB  1 ? 
ATOM   1055 C  CG1 . VAL B 1 69 ? 1.714   -9.910  -0.067  1.000 14.956 0 69  VAL B CG1 1 ? 
ATOM   1056 C  CG2 . VAL B 1 69 ? -0.459  -8.644  -0.012  1.000 15.596 0 69  VAL B CG2 1 ? 
ATOM   1057 N  N   A THR B 1 70 ? -2.488  -10.855 2.135   0.700 15.442 0 70  THR B N   1 ? 
ATOM   1058 N  N   B THR B 1 70 ? -2.482  -10.864 2.181   0.300 14.148 0 70  THR B N   1 ? 
ATOM   1059 C  CA  A THR B 1 70 ? -3.664  -10.694 2.976   0.700 15.930 0 70  THR B CA  1 ? 
ATOM   1060 C  CA  B THR B 1 70 ? -3.528  -10.767 3.183   0.300 13.428 0 70  THR B CA  1 ? 
ATOM   1061 C  C   A THR B 1 70 ? -4.348  -12.050 3.128   0.700 15.647 0 70  THR B C   1 ? 
ATOM   1062 C  C   B THR B 1 70 ? -4.454  -11.970 3.007   0.300 14.508 0 70  THR B C   1 ? 
ATOM   1063 O  O   A THR B 1 70 ? -3.973  -13.049 2.497   0.700 14.761 0 70  THR B O   1 ? 
ATOM   1064 O  O   B THR B 1 70 ? -4.284  -12.808 2.109   0.300 14.422 0 70  THR B O   1 ? 
ATOM   1065 C  CB  A THR B 1 70 ? -4.698  -9.711  2.383   0.700 16.535 0 70  THR B CB  1 ? 
ATOM   1066 C  CB  B THR B 1 70 ? -4.168  -9.370  3.125   0.300 11.994 0 70  THR B CB  1 ? 
ATOM   1067 O  OG1 A THR B 1 70 ? -5.215  -10.136 1.120   0.700 19.994 0 70  THR B OG1 1 ? 
ATOM   1068 O  OG1 B THR B 1 70 ? -5.003  -9.153  4.256   0.300 10.644 0 70  THR B OG1 1 ? 
ATOM   1069 C  CG2 A THR B 1 70 ? -4.161  -8.326  2.138   0.700 16.334 0 70  THR B CG2 1 ? 
ATOM   1070 C  CG2 B THR B 1 70 ? -4.999  -9.133  1.890   0.300 12.235 0 70  THR B CG2 1 ? 
ATOM   1071 N  N   . ALA B 1 71 ? -5.429  -12.059 3.902   1.000 15.245 0 71  ALA B N   1 ? 
ATOM   1072 C  CA  . ALA B 1 71 ? -6.328  -13.187 3.954   1.000 16.104 0 71  ALA B CA  1 ? 
ATOM   1073 C  C   . ALA B 1 71 ? -6.949  -13.464 2.603   1.000 15.523 0 71  ALA B C   1 ? 
ATOM   1074 O  O   . ALA B 1 71 ? -7.246  -12.545 1.812   1.000 16.208 0 71  ALA B O   1 ? 
ATOM   1075 C  CB  . ALA B 1 71 ? -7.409  -12.918 4.973   1.000 18.754 0 71  ALA B CB  1 ? 
ATOM   1076 N  N   . LYS B 1 72 ? -7.154  -14.757 2.355   1.000 15.484 0 72  LYS B N   1 ? 
ATOM   1077 C  CA  . LYS B 1 72 ? -7.889  -15.209 1.194   1.000 15.620 0 72  LYS B CA  1 ? 
ATOM   1078 C  C   . LYS B 1 72 ? -9.361  -14.851 1.392   1.000 16.285 0 72  LYS B C   1 ? 
ATOM   1079 O  O   . LYS B 1 72 ? -9.888  -15.125 2.476   1.000 16.790 0 72  LYS B O   1 ? 
ATOM   1080 C  CB  . LYS B 1 72 ? -7.652  -16.701 0.947   1.000 16.364 0 72  LYS B CB  1 ? 
ATOM   1081 C  CG  . LYS B 1 72 ? -8.410  -17.288 -0.229  1.000 15.604 0 72  LYS B CG  1 ? 
ATOM   1082 C  CD  . LYS B 1 72 ? -7.878  -18.698 -0.557  1.000 16.935 0 72  LYS B CD  1 ? 
ATOM   1083 C  CE  . LYS B 1 72 ? -8.471  -19.310 -1.798  1.000 18.526 0 72  LYS B CE  1 ? 
ATOM   1084 N  NZ  . LYS B 1 72 ? -9.947  -19.430 -1.709  1.000 19.639 0 72  LYS B NZ  1 ? 
ATOM   1085 N  N   . CYS B 1 73 ? -10.014 -14.299 0.370   1.000 14.085 0 73  CYS B N   1 ? 
ATOM   1086 C  CA  . CYS B 1 73 ? -11.436 -13.995 0.419   1.000 16.537 0 73  CYS B CA  1 ? 
ATOM   1087 C  C   . CYS B 1 73 ? -12.231 -15.257 0.736   1.000 19.918 0 73  CYS B C   1 ? 
ATOM   1088 O  O   . CYS B 1 73 ? -12.016 -16.324 0.160   1.000 18.935 0 73  CYS B O   1 ? 
ATOM   1089 C  CB  . CYS B 1 73 ? -11.937 -13.437 -0.901  1.000 14.670 0 73  CYS B CB  1 ? 
ATOM   1090 S  SG  . CYS B 1 73 ? -11.104 -11.916 -1.440  1.000 18.259 0 73  CYS B SG  1 ? 
ATOM   1091 N  N   . ASP B 1 74 ? -13.165 -15.128 1.680   1.000 22.670 0 74  ASP B N   1 ? 
ATOM   1092 C  CA  . ASP B 1 74 ? -13.971 -16.269 2.081   1.000 28.881 0 74  ASP B CA  1 ? 
ATOM   1093 C  C   . ASP B 1 74 ? -15.401 -15.910 1.704   1.000 39.614 0 74  ASP B C   1 ? 
ATOM   1094 O  O   . ASP B 1 74 ? -16.053 -15.280 2.557   1.000 39.874 0 74  ASP B O   1 ? 
ATOM   1095 C  CB  . ASP B 1 74 ? -13.738 -16.606 3.561   1.000 35.404 0 74  ASP B CB  1 ? 
ATOM   1096 C  CG  . ASP B 1 74 ? -14.396 -17.913 3.973   1.000 39.886 0 74  ASP B CG  1 ? 
ATOM   1097 O  OD1 . ASP B 1 74 ? -15.378 -18.316 3.280   1.000 37.498 0 74  ASP B OD1 1 ? 
ATOM   1098 O  OD2 . ASP B 1 74 ? -13.878 -18.566 4.935   1.000 43.954 0 74  ASP B OD2 1 ? 
ATOM   1099 O  OXT . ASP B 1 74 ? -15.760 -16.197 0.538   1.000 40.996 0 74  ASP B OXT 1 ? 
HETATM 1100 C  C1  . EDO C 2 .  ? 8.866   -3.295  5.947   1.000 25.179 0 101 EDO A C1  1 ? 
HETATM 1101 O  O1  . EDO C 2 .  ? 8.442   -3.417  4.638   1.000 23.086 0 101 EDO A O1  1 ? 
HETATM 1102 C  C2  . EDO C 2 .  ? 9.457   -1.929  6.224   1.000 22.718 0 101 EDO A C2  1 ? 
HETATM 1103 O  O2  . EDO C 2 .  ? 9.004   -0.891  5.339   1.000 22.419 0 101 EDO A O2  1 ? 
HETATM 1104 C  C1  . EDO D 2 .  ? -4.542  7.796   4.421   1.000 25.222 0 102 EDO A C1  1 ? 
HETATM 1105 O  O1  . EDO D 2 .  ? -5.707  8.178   3.677   1.000 29.218 0 102 EDO A O1  1 ? 
HETATM 1106 C  C2  . EDO D 2 .  ? -3.339  8.547   3.964   1.000 23.999 0 102 EDO A C2  1 ? 
HETATM 1107 O  O2  . EDO D 2 .  ? -2.911  8.094   2.685   1.000 23.751 0 102 EDO A O2  1 ? 
HETATM 1108 ZN ZN  . ZN  E 3 .  ? -1.590  1.352   0.101   1.000 14.215 0 103 ZN  A ZN  1 ? 
HETATM 1109 C  C1  . EDO F 2 .  ? -9.592  1.874   -2.269  1.000 27.505 0 101 EDO B C1  1 ? 
HETATM 1110 O  O1  . EDO F 2 .  ? -8.750  1.391   -1.223  1.000 21.342 0 101 EDO B O1  1 ? 
HETATM 1111 C  C2  . EDO F 2 .  ? -9.234  3.212   -2.835  1.000 26.081 0 101 EDO B C2  1 ? 
HETATM 1112 O  O2  . EDO F 2 .  ? -9.474  4.281   -1.942  1.000 28.423 0 101 EDO B O2  1 ? 
HETATM 1113 C  C1  . EDO G 2 .  ? 2.731   -8.062  -7.722  1.000 29.118 0 102 EDO B C1  1 ? 
HETATM 1114 O  O1  . EDO G 2 .  ? 1.765   -7.993  -6.638  1.000 23.384 0 102 EDO B O1  1 ? 
HETATM 1115 C  C2  . EDO G 2 .  ? 4.011   -7.297  -7.527  1.000 30.557 0 102 EDO B C2  1 ? 
HETATM 1116 O  O2  . EDO G 2 .  ? 4.302   -6.968  -6.186  1.000 28.369 0 102 EDO B O2  1 ? 
HETATM 1117 O  O   . HOH H 4 .  ? 7.987   18.026  5.522   1.000 24.733 0 201 HOH A O   1 ? 
HETATM 1118 O  O   . HOH H 4 .  ? 13.936  -0.496  -1.830  1.000 21.221 0 202 HOH A O   1 ? 
HETATM 1119 O  O   . HOH H 4 .  ? 4.913   7.554   -4.188  1.000 30.294 0 203 HOH A O   1 ? 
HETATM 1120 O  O   . HOH H 4 .  ? 6.052   -3.121  8.732   1.000 28.759 0 204 HOH A O   1 ? 
HETATM 1121 O  O   . HOH H 4 .  ? 13.876  6.835   -4.530  1.000 25.509 0 205 HOH A O   1 ? 
HETATM 1122 O  O   . HOH H 4 .  ? 6.073   2.859   -3.943  1.000 19.110 0 206 HOH A O   1 ? 
HETATM 1123 O  O   . HOH H 4 .  ? 0.821   15.875  19.238  1.000 42.299 0 207 HOH A O   1 ? 
HETATM 1124 O  O   . HOH H 4 .  ? 19.680  2.843   10.493  1.000 36.773 0 208 HOH A O   1 ? 
HETATM 1125 O  O   . HOH H 4 .  ? -7.167  12.264  10.259  1.000 29.541 0 209 HOH A O   1 ? 
HETATM 1126 O  O   . HOH H 4 .  ? 14.641  16.329  10.108  1.000 39.576 0 210 HOH A O   1 ? 
HETATM 1127 O  O   . HOH H 4 .  ? -3.915  -2.981  2.153   1.000 20.290 0 211 HOH A O   1 ? 
HETATM 1128 O  O   . HOH H 4 .  ? 13.909  13.544  15.270  1.000 29.027 0 212 HOH A O   1 ? 
HETATM 1129 O  O   . HOH H 4 .  ? 11.563  3.671   10.189  1.000 15.389 0 213 HOH A O   1 ? 
HETATM 1130 O  O   . HOH H 4 .  ? 5.736   6.712   13.138  1.000 17.249 0 214 HOH A O   1 ? 
HETATM 1131 O  O   . HOH H 4 .  ? 14.555  13.830  2.076   1.000 21.709 0 215 HOH A O   1 ? 
HETATM 1132 O  O   . HOH H 4 .  ? 15.307  14.183  6.234   1.000 24.693 0 216 HOH A O   1 ? 
HETATM 1133 O  O   . HOH H 4 .  ? 10.151  1.409   2.255   1.000 16.083 0 217 HOH A O   1 ? 
HETATM 1134 O  O   . HOH H 4 .  ? 11.251  15.982  4.165   1.000 32.769 0 218 HOH A O   1 ? 
HETATM 1135 O  O   . HOH H 4 .  ? -2.796  17.560  14.996  1.000 20.246 0 219 HOH A O   1 ? 
HETATM 1136 O  O   . HOH H 4 .  ? 8.261   16.945  1.847   1.000 27.535 0 220 HOH A O   1 ? 
HETATM 1137 O  O   . HOH H 4 .  ? 19.333  14.497  -0.528  1.000 35.027 0 221 HOH A O   1 ? 
HETATM 1138 O  O   . HOH H 4 .  ? 2.114   14.245  1.201   1.000 26.823 0 222 HOH A O   1 ? 
HETATM 1139 O  O   . HOH H 4 .  ? -4.215  -0.326  16.127  1.000 30.960 0 223 HOH A O   1 ? 
HETATM 1140 O  O   . HOH H 4 .  ? -5.428  14.851  14.415  1.000 29.432 0 224 HOH A O   1 ? 
HETATM 1141 O  O   . HOH H 4 .  ? 4.301   5.310   16.445  1.000 26.023 0 225 HOH A O   1 ? 
HETATM 1142 O  O   . HOH H 4 .  ? 7.245   -1.791  -2.671  1.000 29.002 0 226 HOH A O   1 ? 
HETATM 1143 O  O   . HOH H 4 .  ? -5.578  -3.064  4.780   1.000 39.340 0 227 HOH A O   1 ? 
HETATM 1144 O  O   . HOH H 4 .  ? 9.741   -3.399  9.230   1.000 25.874 0 228 HOH A O   1 ? 
HETATM 1145 O  O   . HOH H 4 .  ? 14.516  11.807  18.417  1.000 42.945 0 229 HOH A O   1 ? 
HETATM 1146 O  O   . HOH H 4 .  ? 18.729  7.616   14.890  1.000 28.510 0 230 HOH A O   1 ? 
HETATM 1147 O  O   . HOH H 4 .  ? 14.915  13.610  12.334  1.000 39.367 0 231 HOH A O   1 ? 
HETATM 1148 O  O   . HOH H 4 .  ? -4.702  8.245   0.443   1.000 34.195 0 232 HOH A O   1 ? 
HETATM 1149 O  O   . HOH H 4 .  ? 1.821   19.802  14.958  1.000 38.574 0 233 HOH A O   1 ? 
HETATM 1150 O  O   . HOH H 4 .  ? -0.476  10.011  19.624  1.000 33.694 0 234 HOH A O   1 ? 
HETATM 1151 O  O   . HOH H 4 .  ? -7.329  2.321   5.438   1.000 33.766 0 235 HOH A O   1 ? 
HETATM 1152 O  O   . HOH H 4 .  ? 7.758   19.496  16.103  1.000 32.073 0 236 HOH A O   1 ? 
HETATM 1153 O  O   . HOH H 4 .  ? 6.748   7.531   16.026  1.000 17.591 0 237 HOH A O   1 ? 
HETATM 1154 O  O   . HOH H 4 .  ? 15.199  -3.956  2.007   1.000 31.934 0 238 HOH A O   1 ? 
HETATM 1155 O  O   . HOH H 4 .  ? -5.194  3.516   0.498   1.000 30.490 0 239 HOH A O   1 ? 
HETATM 1156 O  O   . HOH H 4 .  ? -6.682  4.882   11.075  1.000 20.917 0 240 HOH A O   1 ? 
HETATM 1157 O  O   . HOH H 4 .  ? 4.032   4.809   -2.976  1.000 22.327 0 241 HOH A O   1 ? 
HETATM 1158 O  O   . HOH H 4 .  ? 9.405   15.111  -3.201  1.000 33.568 0 242 HOH A O   1 ? 
HETATM 1159 O  O   . HOH H 4 .  ? 9.246   18.537  8.055   1.000 33.832 0 243 HOH A O   1 ? 
HETATM 1160 O  O   . HOH H 4 .  ? 17.371  12.246  12.389  1.000 34.449 0 244 HOH A O   1 ? 
HETATM 1161 O  O   . HOH I 4 .  ? -0.924  -6.781  3.419   1.000 19.450 0 201 HOH B O   1 ? 
HETATM 1162 O  O   . HOH I 4 .  ? -12.867 -14.382 -15.256 1.000 27.190 0 202 HOH B O   1 ? 
HETATM 1163 O  O   . HOH I 4 .  ? 1.803   4.643   -1.816  1.000 23.259 0 203 HOH B O   1 ? 
HETATM 1164 O  O   . HOH I 4 .  ? -16.856 -10.894 -4.227  1.000 22.881 0 204 HOH B O   1 ? 
HETATM 1165 O  O   . HOH I 4 .  ? -14.626 -16.531 -10.266 1.000 42.938 0 205 HOH B O   1 ? 
HETATM 1166 O  O   . HOH I 4 .  ? -3.423  10.891  -13.994 1.000 28.874 0 206 HOH B O   1 ? 
HETATM 1167 O  O   . HOH I 4 .  ? -14.889 4.908   -4.063  1.000 31.593 0 207 HOH B O   1 ? 
HETATM 1168 O  O   . HOH I 4 .  ? -3.616  -15.573 3.120   1.000 22.709 0 208 HOH B O   1 ? 
HETATM 1169 O  O   . HOH I 4 .  ? 3.474   -13.688 -0.199  1.000 21.238 0 209 HOH B O   1 ? 
HETATM 1170 O  O   . HOH I 4 .  ? -0.689  6.844   -19.042 1.000 29.475 0 210 HOH B O   1 ? 
HETATM 1171 O  O   . HOH I 4 .  ? -0.986  -12.694 -19.076 1.000 38.743 0 211 HOH B O   1 ? 
HETATM 1172 O  O   . HOH I 4 .  ? -11.730 -17.002 -6.527  1.000 23.154 0 212 HOH B O   1 ? 
HETATM 1173 O  O   . HOH I 4 .  ? -7.079  -5.394  -12.952 1.000 17.486 0 213 HOH B O   1 ? 
HETATM 1174 O  O   . HOH I 4 .  ? -2.783  -10.865 -11.170 1.000 16.294 0 214 HOH B O   1 ? 
HETATM 1175 O  O   . HOH I 4 .  ? 0.455   4.275   -7.797  1.000 18.634 0 215 HOH B O   1 ? 
HETATM 1176 O  O   . HOH I 4 .  ? 0.207   -9.962  -3.405  1.000 16.833 0 216 HOH B O   1 ? 
HETATM 1177 O  O   . HOH I 4 .  ? -11.730 -19.014 0.466   1.000 26.548 0 217 HOH B O   1 ? 
HETATM 1178 O  O   . HOH I 4 .  ? -8.669  2.756   1.145   1.000 37.888 0 218 HOH B O   1 ? 
HETATM 1179 O  O   . HOH I 4 .  ? -12.250 -16.086 -11.998 1.000 32.945 0 219 HOH B O   1 ? 
HETATM 1180 O  O   . HOH I 4 .  ? -19.715 0.846   -12.267 1.000 20.383 0 220 HOH B O   1 ? 
HETATM 1181 O  O   . HOH I 4 .  ? -11.267 -14.394 -18.379 1.000 30.917 0 221 HOH B O   1 ? 
HETATM 1182 O  O   . HOH I 4 .  ? -13.547 -4.923  0.028   1.000 31.486 0 222 HOH B O   1 ? 
HETATM 1183 O  O   . HOH I 4 .  ? 2.813   -4.366  -9.739  1.000 31.317 0 223 HOH B O   1 ? 
HETATM 1184 O  O   . HOH I 4 .  ? 3.344   -6.850  1.213   1.000 24.187 0 224 HOH B O   1 ? 
HETATM 1185 O  O   . HOH I 4 .  ? 0.623   4.215   -11.110 1.000 21.722 0 225 HOH B O   1 ? 
HETATM 1186 O  O   . HOH I 4 .  ? -20.561 -4.130  -12.724 1.000 37.693 0 226 HOH B O   1 ? 
HETATM 1187 O  O   . HOH I 4 .  ? -11.031 -16.854 -2.438  1.000 19.104 0 227 HOH B O   1 ? 
HETATM 1188 O  O   . HOH I 4 .  ? -17.375 3.719   -11.894 1.000 38.259 0 228 HOH B O   1 ? 
HETATM 1189 O  O   . HOH I 4 .  ? -3.973  9.165   -8.658  1.000 41.007 0 229 HOH B O   1 ? 
HETATM 1190 O  O   . HOH I 4 .  ? -10.271 -21.388 -3.760  1.000 27.598 0 230 HOH B O   1 ? 
HETATM 1191 O  O   . HOH I 4 .  ? -0.170  -16.110 -8.445  1.000 28.119 0 231 HOH B O   1 ? 
HETATM 1192 O  O   . HOH I 4 .  ? -12.202 0.919   -17.987 1.000 26.751 0 232 HOH B O   1 ? 
HETATM 1193 O  O   . HOH I 4 .  ? -17.545 -6.360  -0.576  1.000 31.830 0 233 HOH B O   1 ? 
HETATM 1194 O  O   . HOH I 4 .  ? -7.297  -12.651 -19.640 1.000 30.368 0 234 HOH B O   1 ? 
HETATM 1195 O  O   . HOH I 4 .  ? -13.988 -13.918 -3.897  1.000 35.057 0 235 HOH B O   1 ? 
HETATM 1196 O  O   . HOH I 4 .  ? -11.245 6.773   -12.210 1.000 33.957 0 236 HOH B O   1 ? 
HETATM 1197 O  O   . HOH I 4 .  ? -6.145  -17.949 -16.473 1.000 28.590 0 237 HOH B O   1 ? 
HETATM 1198 O  O   . HOH I 4 .  ? -19.589 -9.620  -14.693 1.000 27.867 0 238 HOH B O   1 ? 
HETATM 1199 O  O   . HOH I 4 .  ? -12.947 -12.861 3.514   1.000 33.406 0 239 HOH B O   1 ? 
HETATM 1200 O  O   . HOH I 4 .  ? 6.339   -13.777 -4.452  1.000 26.095 0 240 HOH B O   1 ? 
HETATM 1201 O  O   . HOH I 4 .  ? -5.550  6.418   -4.467  1.000 26.986 0 241 HOH B O   1 ? 
HETATM 1202 O  O   . HOH I 4 .  ? -14.574 -6.678  -19.638 1.000 40.321 0 242 HOH B O   1 ? 
HETATM 1203 O  O   . HOH I 4 .  ? -7.881  6.601   -9.185  1.000 20.744 0 243 HOH B O   1 ? 
HETATM 1204 O  O   . HOH I 4 .  ? -5.197  5.713   -0.387  1.000 42.047 0 244 HOH B O   1 ? 
HETATM 1205 O  O   . HOH I 4 .  ? -16.955 -4.151  -18.516 1.000 28.700 0 245 HOH B O   1 ? 
HETATM 1206 O  O   . HOH I 4 .  ? -15.241 -11.515 -1.035  1.000 36.022 0 246 HOH B O   1 ? 
HETATM 1207 O  O   . HOH I 4 .  ? -13.458 4.858   -13.022 1.000 27.067 0 247 HOH B O   1 ? 
HETATM 1208 O  O   . HOH I 4 .  ? -6.355  -3.284  -16.356 1.000 27.472 0 248 HOH B O   1 ? 
HETATM 1209 O  O   . HOH I 4 .  ? -5.252  -7.671  -17.541 1.000 35.222 0 249 HOH B O   1 ? 
HETATM 1210 O  O   . HOH I 4 .  ? -7.877  -6.348  -15.911 1.000 14.557 0 250 HOH B O   1 ? 
HETATM 1211 O  O   . HOH I 4 .  ? -2.493  -4.174  -20.013 1.000 38.616 0 251 HOH B O   1 ? 
HETATM 1212 O  O   . HOH I 4 .  ? -10.819 -12.908 4.887   1.000 37.005 0 252 HOH B O   1 ? 
HETATM 1213 O  O   . HOH I 4 .  ? -4.529  -20.384 -13.255 1.000 51.272 0 253 HOH B O   1 ? 
HETATM 1214 O  O   . HOH I 4 .  ? -6.300  8.147   -7.991  1.000 32.775 0 254 HOH B O   1 ? 
# 
